data_1Y8Q
#
_entry.id   1Y8Q
#
_cell.length_a   101.245
_cell.length_b   116.667
_cell.length_c   106.078
_cell.angle_alpha   90.00
_cell.angle_beta   112.67
_cell.angle_gamma   90.00
#
_symmetry.space_group_name_H-M   'P 1 21 1'
#
loop_
_entity.id
_entity.type
_entity.pdbx_description
1 polymer 'Ubiquitin-like 1 activating enzyme E1A'
2 polymer 'Ubiquitin-like 2 activating enzyme E1B'
3 non-polymer 'MAGNESIUM ION'
4 non-polymer 'ZINC ION'
5 non-polymer "ADENOSINE-5'-TRIPHOSPHATE"
6 water water
#
loop_
_entity_poly.entity_id
_entity_poly.type
_entity_poly.pdbx_seq_one_letter_code
_entity_poly.pdbx_strand_id
1 'polypeptide(L)'
;MVEKEEAGGGISEEEAAQYDRQIRLWGLEAQKRLRASRVLLVGLKGLGAEIAKNLILAGVKGLTMLDHEQVTPEDPGAQF
LIRTGSVGRNRAEASLERAQNLNPMVDVKVDTEDIEKKPESFFTQFDAVCLTCCSRDVIVKVDQICHKNSIKFFTGDVFG
YHGYTFANLGEHEFVEEKTKVAKVSQGVEDGPDTKRAKLDSSETTMVKKKVVFCPVKEALEVDWSSEKAKAALKRTTSDY
FLLQVLLKFRTDKGRDPSSDTYEEDSELLLQIRNDVLDSLGISPDLLPEDFVRYCFSEMAPVCAVVGGILAQEIVKALSQ
RDPPHNNFFFFDGMKGNGIVECLGPK
;
A,C
2 'polypeptide(L)'
;MALSRGLPRELAEAVAGGRVLVVGAGGIGCELLKNLVLTGFSHIDLIDLDTIDVSNLNRQFLFQKKHVGRSKAQVAKESV
LQFYPKANIVAYHDSIMNPDYNVEFFRQFILVMNALDNRAARNHVNRMCLAADVPLIESGTAGYLGQVTTIKKGVTECYE
CHPKPTQRTFPGATIRNTPSEPIHCIVWAKYLFNQLFGEEDADQEVSPDRADPEAAWEPTEAEARARASNEDGDIKRIST
KEWAKSTGYDPVKLFTKLFKDDIRYLLTMDKLWRKRKPPVPLDWAEVQSQGEETNASDQQNEPQLGLKDQQVLDVKSYAR
LFSKSIETLRVHLAEKGDGAELIWDKDDPSAMDFVTSAANLRMHIFSMNMKSRFDIKSMAGNIIPAIATTNAVIAGLIVL
EGLKILSGKIDQCRTIFLNKQPNPRKKLLVPCALDPPNPNCYVCASKPEVTVRLNVHKVTVLTLQDKIVKEKFAMVAPDV
QIEDGKGTILISSEEGETEANNHKKLSEFGIRNGSRLQADDFLQDYTLLINILHSEDLGKDVEFEVVGDAPEKVGPKQAE
DAAKSITNGSDDGAQPSTSTAQEQDDVLIVDSDEEDSSNNADVSEEERSRKRKLDEKENLSAKRSRIEQKEELDDVIALD
;
B,D
#
# COMPACT_ATOMS: atom_id res chain seq x y z
N GLY A 10 -19.68 -12.39 39.60
CA GLY A 10 -20.70 -11.30 39.63
C GLY A 10 -20.65 -10.45 38.37
N ILE A 11 -21.54 -10.76 37.42
CA ILE A 11 -21.58 -10.02 36.17
C ILE A 11 -22.36 -8.72 36.34
N SER A 12 -21.96 -7.70 35.58
CA SER A 12 -22.59 -6.39 35.65
C SER A 12 -23.99 -6.37 35.03
N GLU A 13 -24.66 -5.23 35.21
CA GLU A 13 -26.00 -5.04 34.68
C GLU A 13 -25.99 -5.08 33.16
N GLU A 14 -24.98 -4.46 32.56
CA GLU A 14 -24.86 -4.42 31.11
C GLU A 14 -24.68 -5.81 30.52
N GLU A 15 -23.91 -6.66 31.22
CA GLU A 15 -23.67 -8.01 30.74
C GLU A 15 -24.93 -8.87 30.87
N ALA A 16 -25.69 -8.66 31.95
CA ALA A 16 -26.92 -9.40 32.17
C ALA A 16 -27.89 -9.08 31.04
N ALA A 17 -27.96 -7.82 30.65
CA ALA A 17 -28.86 -7.41 29.58
C ALA A 17 -28.39 -8.00 28.25
N GLN A 18 -27.08 -7.93 28.03
CA GLN A 18 -26.42 -8.39 26.82
C GLN A 18 -26.46 -9.90 26.58
N TYR A 19 -26.33 -10.70 27.64
CA TYR A 19 -26.33 -12.15 27.50
C TYR A 19 -27.67 -12.81 27.86
N ASP A 20 -28.68 -11.99 28.15
CA ASP A 20 -30.00 -12.50 28.53
C ASP A 20 -30.48 -13.74 27.78
N ARG A 21 -30.49 -13.67 26.46
CA ARG A 21 -30.99 -14.79 25.66
C ARG A 21 -30.15 -16.07 25.71
N GLN A 22 -28.89 -15.99 26.11
CA GLN A 22 -28.10 -17.21 26.20
C GLN A 22 -28.03 -17.69 27.64
N ILE A 23 -28.23 -16.78 28.59
CA ILE A 23 -28.23 -17.17 29.99
C ILE A 23 -29.50 -18.00 30.20
N ARG A 24 -30.54 -17.69 29.44
CA ARG A 24 -31.79 -18.43 29.53
C ARG A 24 -31.57 -19.80 28.92
N LEU A 25 -30.45 -19.98 28.23
CA LEU A 25 -30.14 -21.24 27.59
C LEU A 25 -29.24 -22.16 28.42
N TRP A 26 -28.04 -21.70 28.79
CA TRP A 26 -27.15 -22.55 29.57
C TRP A 26 -26.92 -22.12 31.01
N GLY A 27 -27.65 -21.11 31.46
CA GLY A 27 -27.53 -20.66 32.84
C GLY A 27 -26.41 -19.67 33.12
N LEU A 28 -26.55 -18.95 34.23
CA LEU A 28 -25.60 -17.93 34.68
C LEU A 28 -24.24 -18.49 35.07
N GLU A 29 -24.22 -19.60 35.80
CA GLU A 29 -22.95 -20.20 36.23
C GLU A 29 -22.09 -20.53 35.02
N ALA A 30 -22.70 -21.17 34.03
CA ALA A 30 -21.98 -21.55 32.82
C ALA A 30 -21.43 -20.30 32.14
N GLN A 31 -22.21 -19.21 32.20
CA GLN A 31 -21.80 -17.95 31.59
C GLN A 31 -20.59 -17.40 32.35
N LYS A 32 -20.62 -17.56 33.68
CA LYS A 32 -19.52 -17.07 34.51
C LYS A 32 -18.23 -17.78 34.21
N ARG A 33 -18.29 -19.10 34.01
CA ARG A 33 -17.08 -19.88 33.71
C ARG A 33 -16.52 -19.44 32.37
N LEU A 34 -17.41 -18.93 31.51
CA LEU A 34 -17.03 -18.49 30.19
C LEU A 34 -16.39 -17.10 30.33
N ARG A 35 -16.90 -16.31 31.26
CA ARG A 35 -16.39 -14.97 31.50
C ARG A 35 -15.01 -15.01 32.14
N ALA A 36 -14.58 -16.19 32.58
CA ALA A 36 -13.27 -16.35 33.21
C ALA A 36 -12.31 -17.14 32.32
N SER A 37 -12.75 -17.45 31.10
CA SER A 37 -11.92 -18.22 30.19
C SER A 37 -11.24 -17.40 29.12
N ARG A 38 -9.98 -17.73 28.83
CA ARG A 38 -9.23 -17.03 27.82
C ARG A 38 -8.92 -18.06 26.75
N VAL A 39 -9.19 -17.70 25.50
CA VAL A 39 -8.98 -18.60 24.37
C VAL A 39 -7.92 -18.10 23.41
N LEU A 40 -7.20 -19.03 22.81
CA LEU A 40 -6.17 -18.70 21.83
C LEU A 40 -6.67 -19.28 20.50
N LEU A 41 -6.71 -18.43 19.48
CA LEU A 41 -7.16 -18.86 18.15
C LEU A 41 -6.04 -18.57 17.15
N VAL A 42 -5.63 -19.57 16.38
CA VAL A 42 -4.58 -19.32 15.40
C VAL A 42 -5.14 -19.47 13.99
N GLY A 43 -4.78 -18.51 13.13
CA GLY A 43 -5.27 -18.52 11.76
C GLY A 43 -6.54 -17.70 11.63
N LEU A 44 -6.41 -16.44 11.24
CA LEU A 44 -7.58 -15.59 11.09
C LEU A 44 -8.08 -15.47 9.66
N LYS A 45 -8.25 -16.61 9.01
CA LYS A 45 -8.78 -16.64 7.66
C LYS A 45 -10.28 -16.87 7.81
N GLY A 46 -10.93 -17.40 6.77
CA GLY A 46 -12.37 -17.63 6.83
C GLY A 46 -12.93 -18.29 8.08
N LEU A 47 -12.54 -19.55 8.31
CA LEU A 47 -13.01 -20.29 9.48
C LEU A 47 -12.65 -19.56 10.77
N GLY A 48 -11.39 -19.14 10.88
CA GLY A 48 -10.93 -18.45 12.07
C GLY A 48 -11.75 -17.21 12.39
N ALA A 49 -12.15 -16.48 11.33
CA ALA A 49 -12.93 -15.27 11.51
C ALA A 49 -14.29 -15.57 12.15
N GLU A 50 -14.95 -16.64 11.72
CA GLU A 50 -16.25 -17.01 12.27
C GLU A 50 -16.12 -17.38 13.75
N ILE A 51 -15.18 -18.27 14.05
CA ILE A 51 -14.96 -18.71 15.43
C ILE A 51 -14.67 -17.51 16.33
N ALA A 52 -13.86 -16.59 15.82
CA ALA A 52 -13.52 -15.40 16.59
C ALA A 52 -14.79 -14.64 16.93
N LYS A 53 -15.65 -14.44 15.93
CA LYS A 53 -16.88 -13.71 16.13
C LYS A 53 -17.80 -14.43 17.12
N ASN A 54 -17.93 -15.74 16.96
CA ASN A 54 -18.79 -16.50 17.85
C ASN A 54 -18.33 -16.46 19.31
N LEU A 55 -17.04 -16.67 19.54
CA LEU A 55 -16.53 -16.65 20.91
C LEU A 55 -16.60 -15.26 21.54
N ILE A 56 -16.27 -14.22 20.75
CA ILE A 56 -16.31 -12.85 21.26
C ILE A 56 -17.75 -12.46 21.59
N LEU A 57 -18.69 -12.85 20.74
CA LEU A 57 -20.10 -12.56 21.00
C LEU A 57 -20.52 -13.36 22.24
N ALA A 58 -20.02 -14.59 22.34
CA ALA A 58 -20.34 -15.46 23.47
C ALA A 58 -19.95 -14.83 24.80
N GLY A 59 -18.90 -14.00 24.78
CA GLY A 59 -18.47 -13.34 25.99
C GLY A 59 -17.37 -14.03 26.79
N VAL A 60 -16.35 -14.54 26.11
CA VAL A 60 -15.25 -15.20 26.80
C VAL A 60 -14.48 -14.09 27.51
N LYS A 61 -13.58 -14.47 28.42
CA LYS A 61 -12.80 -13.48 29.16
C LYS A 61 -12.01 -12.65 28.17
N GLY A 62 -11.22 -13.35 27.35
CA GLY A 62 -10.42 -12.68 26.35
C GLY A 62 -10.11 -13.68 25.26
N LEU A 63 -9.73 -13.17 24.09
CA LEU A 63 -9.41 -14.01 22.96
C LEU A 63 -8.16 -13.47 22.28
N THR A 64 -7.19 -14.34 22.03
CA THR A 64 -5.99 -13.88 21.37
C THR A 64 -5.93 -14.43 19.98
N MET A 65 -5.97 -13.52 19.01
CA MET A 65 -5.94 -13.90 17.61
C MET A 65 -4.50 -13.94 17.13
N LEU A 66 -4.04 -15.15 16.78
CA LEU A 66 -2.68 -15.33 16.33
C LEU A 66 -2.57 -15.76 14.88
N ASP A 67 -1.83 -14.98 14.11
CA ASP A 67 -1.59 -15.25 12.69
C ASP A 67 -0.36 -14.44 12.27
N HIS A 68 0.61 -15.10 11.65
CA HIS A 68 1.83 -14.43 11.23
C HIS A 68 1.79 -14.15 9.73
N GLU A 69 0.73 -14.58 9.07
CA GLU A 69 0.59 -14.35 7.64
C GLU A 69 0.01 -12.96 7.40
N GLN A 70 0.32 -12.39 6.24
CA GLN A 70 -0.16 -11.06 5.88
C GLN A 70 -1.30 -11.18 4.89
N VAL A 71 -2.17 -10.17 4.89
CA VAL A 71 -3.30 -10.15 3.99
C VAL A 71 -2.83 -10.05 2.54
N THR A 72 -3.01 -11.14 1.79
CA THR A 72 -2.58 -11.18 0.39
C THR A 72 -3.67 -10.64 -0.54
N PRO A 73 -3.32 -10.31 -1.78
CA PRO A 73 -4.29 -9.80 -2.75
C PRO A 73 -5.49 -10.74 -2.88
N GLU A 74 -6.69 -10.16 -2.98
CA GLU A 74 -7.92 -10.93 -3.07
C GLU A 74 -8.09 -11.66 -1.75
N ASP A 75 -8.43 -10.89 -0.71
CA ASP A 75 -8.60 -11.45 0.63
C ASP A 75 -9.46 -10.54 1.53
N PRO A 76 -9.27 -9.22 1.45
CA PRO A 76 -10.04 -8.29 2.27
C PRO A 76 -11.56 -8.40 2.10
N GLY A 77 -12.01 -8.33 0.85
CA GLY A 77 -13.44 -8.42 0.57
C GLY A 77 -14.05 -9.79 0.79
N ALA A 78 -13.24 -10.70 1.34
CA ALA A 78 -13.70 -12.06 1.61
C ALA A 78 -13.64 -12.35 3.11
N GLN A 79 -13.12 -11.41 3.87
CA GLN A 79 -12.99 -11.55 5.32
C GLN A 79 -13.68 -10.35 5.96
N PHE A 80 -14.85 -10.57 6.55
CA PHE A 80 -15.64 -9.51 7.16
C PHE A 80 -15.00 -8.80 8.36
N LEU A 81 -13.89 -9.34 8.86
CA LEU A 81 -13.22 -8.68 9.98
C LEU A 81 -12.12 -7.76 9.47
N ILE A 82 -11.69 -7.99 8.24
CA ILE A 82 -10.64 -7.21 7.59
C ILE A 82 -11.22 -6.25 6.55
N ARG A 83 -10.93 -4.95 6.68
CA ARG A 83 -11.41 -3.93 5.72
C ARG A 83 -10.73 -4.06 4.36
N THR A 84 -11.44 -3.71 3.29
CA THR A 84 -10.91 -3.79 1.93
C THR A 84 -9.55 -3.13 1.75
N GLY A 85 -9.22 -2.17 2.61
CA GLY A 85 -7.95 -1.48 2.51
C GLY A 85 -6.91 -2.03 3.50
N SER A 86 -6.52 -3.28 3.31
CA SER A 86 -5.54 -3.91 4.20
C SER A 86 -4.60 -4.88 3.48
N VAL A 87 -4.66 -4.91 2.16
CA VAL A 87 -3.80 -5.78 1.38
C VAL A 87 -2.32 -5.55 1.72
N GLY A 88 -1.77 -6.40 2.58
CA GLY A 88 -0.38 -6.25 2.96
C GLY A 88 -0.15 -6.22 4.46
N ARG A 89 -1.19 -5.91 5.22
CA ARG A 89 -1.05 -5.88 6.67
C ARG A 89 -1.12 -7.29 7.24
N ASN A 90 -0.88 -7.43 8.54
CA ASN A 90 -0.94 -8.72 9.20
C ASN A 90 -2.41 -9.07 9.46
N ARG A 91 -2.82 -10.25 9.04
CA ARG A 91 -4.20 -10.71 9.22
C ARG A 91 -4.78 -10.42 10.60
N ALA A 92 -4.12 -10.92 11.64
CA ALA A 92 -4.60 -10.72 13.00
C ALA A 92 -4.81 -9.25 13.33
N GLU A 93 -3.82 -8.41 13.05
CA GLU A 93 -3.94 -6.99 13.32
C GLU A 93 -5.01 -6.34 12.46
N ALA A 94 -5.17 -6.82 11.23
CA ALA A 94 -6.18 -6.27 10.34
C ALA A 94 -7.59 -6.64 10.80
N SER A 95 -7.68 -7.58 11.73
CA SER A 95 -8.98 -8.05 12.24
C SER A 95 -9.32 -7.49 13.61
N LEU A 96 -8.32 -7.08 14.36
CA LEU A 96 -8.50 -6.58 15.71
C LEU A 96 -9.64 -5.60 15.95
N GLU A 97 -9.66 -4.51 15.19
CA GLU A 97 -10.69 -3.50 15.37
C GLU A 97 -12.11 -4.03 15.25
N ARG A 98 -12.46 -4.60 14.11
CA ARG A 98 -13.82 -5.12 13.93
C ARG A 98 -14.14 -6.24 14.92
N ALA A 99 -13.14 -7.07 15.23
CA ALA A 99 -13.33 -8.16 16.18
C ALA A 99 -13.63 -7.64 17.57
N GLN A 100 -12.88 -6.63 18.01
CA GLN A 100 -13.08 -6.04 19.34
C GLN A 100 -14.42 -5.32 19.48
N ASN A 101 -14.90 -4.72 18.40
CA ASN A 101 -16.18 -4.01 18.48
C ASN A 101 -17.39 -4.91 18.64
N LEU A 102 -17.23 -6.19 18.34
CA LEU A 102 -18.31 -7.16 18.46
C LEU A 102 -18.75 -7.29 19.91
N ASN A 103 -17.85 -6.96 20.83
CA ASN A 103 -18.16 -7.06 22.25
C ASN A 103 -17.09 -6.36 23.09
N PRO A 104 -17.39 -5.16 23.61
CA PRO A 104 -16.41 -4.43 24.41
C PRO A 104 -16.04 -5.10 25.73
N MET A 105 -16.87 -6.04 26.18
CA MET A 105 -16.63 -6.76 27.42
C MET A 105 -15.48 -7.77 27.30
N VAL A 106 -15.06 -8.04 26.07
CA VAL A 106 -14.00 -9.01 25.82
C VAL A 106 -12.63 -8.41 25.55
N ASP A 107 -11.61 -9.05 26.11
CA ASP A 107 -10.24 -8.60 25.95
C ASP A 107 -9.62 -9.30 24.74
N VAL A 108 -9.82 -8.70 23.57
CA VAL A 108 -9.30 -9.26 22.33
C VAL A 108 -7.86 -8.80 22.10
N LYS A 109 -6.93 -9.74 22.06
CA LYS A 109 -5.52 -9.41 21.84
C LYS A 109 -5.06 -9.96 20.50
N VAL A 110 -3.89 -9.53 20.06
CA VAL A 110 -3.35 -9.98 18.79
C VAL A 110 -1.89 -10.43 18.96
N ASP A 111 -1.49 -11.42 18.17
CA ASP A 111 -0.14 -11.93 18.19
C ASP A 111 0.28 -12.26 16.77
N THR A 112 1.43 -11.73 16.37
CA THR A 112 1.92 -11.91 15.01
C THR A 112 3.04 -12.92 14.80
N GLU A 113 3.41 -13.65 15.85
CA GLU A 113 4.49 -14.63 15.73
C GLU A 113 4.02 -16.01 15.24
N ASP A 114 4.90 -16.71 14.53
CA ASP A 114 4.61 -18.05 14.02
C ASP A 114 4.27 -18.96 15.20
N ILE A 115 3.16 -19.69 15.09
CA ILE A 115 2.74 -20.59 16.16
C ILE A 115 3.80 -21.66 16.48
N GLU A 116 4.51 -22.10 15.44
CA GLU A 116 5.54 -23.13 15.58
C GLU A 116 6.81 -22.68 16.33
N LYS A 117 6.84 -21.45 16.81
CA LYS A 117 7.99 -20.93 17.54
C LYS A 117 7.60 -20.52 18.95
N LYS A 118 6.37 -20.77 19.35
CA LYS A 118 5.93 -20.41 20.68
C LYS A 118 6.32 -21.45 21.73
N PRO A 119 6.83 -20.99 22.89
CA PRO A 119 7.23 -21.89 23.97
C PRO A 119 6.00 -22.34 24.75
N GLU A 120 6.10 -23.47 25.44
CA GLU A 120 4.98 -23.98 26.21
C GLU A 120 4.41 -22.95 27.17
N SER A 121 5.23 -22.03 27.65
CA SER A 121 4.73 -21.01 28.58
C SER A 121 3.70 -20.10 27.92
N PHE A 122 3.81 -19.99 26.60
CA PHE A 122 2.89 -19.14 25.85
C PHE A 122 1.46 -19.70 25.93
N PHE A 123 1.35 -21.03 25.86
CA PHE A 123 0.04 -21.67 25.89
C PHE A 123 -0.59 -21.76 27.27
N THR A 124 0.22 -21.68 28.31
CA THR A 124 -0.31 -21.80 29.67
C THR A 124 -1.14 -20.63 30.16
N GLN A 125 -1.31 -19.61 29.33
CA GLN A 125 -2.14 -18.46 29.73
C GLN A 125 -3.58 -18.67 29.20
N PHE A 126 -3.76 -19.69 28.37
CA PHE A 126 -5.08 -19.98 27.79
C PHE A 126 -5.75 -21.21 28.38
N ASP A 127 -7.08 -21.18 28.45
CA ASP A 127 -7.86 -22.30 28.95
C ASP A 127 -8.17 -23.24 27.79
N ALA A 128 -8.24 -22.68 26.58
CA ALA A 128 -8.53 -23.47 25.39
C ALA A 128 -7.72 -22.93 24.24
N VAL A 129 -7.37 -23.82 23.32
CA VAL A 129 -6.60 -23.44 22.13
C VAL A 129 -7.23 -24.01 20.88
N CYS A 130 -7.56 -23.14 19.92
CA CYS A 130 -8.18 -23.58 18.69
C CYS A 130 -7.30 -23.26 17.50
N LEU A 131 -6.86 -24.31 16.83
CA LEU A 131 -5.98 -24.19 15.67
C LEU A 131 -6.72 -24.25 14.33
N THR A 132 -6.30 -23.39 13.41
CA THR A 132 -6.87 -23.35 12.08
C THR A 132 -5.71 -23.23 11.10
N CYS A 133 -5.88 -23.73 9.89
CA CYS A 133 -4.85 -23.63 8.86
C CYS A 133 -3.45 -24.12 9.23
N CYS A 134 -3.35 -25.04 10.20
CA CYS A 134 -2.04 -25.53 10.60
C CYS A 134 -1.74 -26.91 10.00
N SER A 135 -0.45 -27.22 9.87
CA SER A 135 -0.01 -28.50 9.32
C SER A 135 -0.22 -29.60 10.35
N ARG A 136 -0.13 -30.87 9.91
CA ARG A 136 -0.32 -32.00 10.82
C ARG A 136 0.67 -31.94 11.98
N ASP A 137 1.94 -31.65 11.68
CA ASP A 137 2.96 -31.59 12.73
C ASP A 137 2.65 -30.55 13.78
N VAL A 138 2.14 -29.40 13.36
CA VAL A 138 1.80 -28.35 14.31
C VAL A 138 0.58 -28.75 15.13
N ILE A 139 -0.39 -29.38 14.49
CA ILE A 139 -1.58 -29.82 15.19
C ILE A 139 -1.20 -30.81 16.30
N VAL A 140 -0.43 -31.83 15.94
CA VAL A 140 0.00 -32.81 16.91
C VAL A 140 0.80 -32.14 18.02
N LYS A 141 1.74 -31.26 17.63
CA LYS A 141 2.57 -30.57 18.60
C LYS A 141 1.77 -29.77 19.61
N VAL A 142 0.89 -28.91 19.14
CA VAL A 142 0.08 -28.08 20.03
C VAL A 142 -0.85 -28.94 20.89
N ASP A 143 -1.31 -30.06 20.34
CA ASP A 143 -2.20 -30.95 21.11
C ASP A 143 -1.40 -31.54 22.27
N GLN A 144 -0.22 -32.09 21.98
CA GLN A 144 0.63 -32.67 23.02
C GLN A 144 0.94 -31.64 24.11
N ILE A 145 1.34 -30.44 23.69
CA ILE A 145 1.64 -29.38 24.64
C ILE A 145 0.42 -29.09 25.53
N CYS A 146 -0.76 -28.96 24.93
CA CYS A 146 -1.98 -28.67 25.69
C CYS A 146 -2.35 -29.77 26.68
N HIS A 147 -2.11 -31.01 26.28
CA HIS A 147 -2.44 -32.14 27.13
C HIS A 147 -1.64 -32.10 28.44
N LYS A 148 -0.33 -31.84 28.32
CA LYS A 148 0.55 -31.79 29.49
C LYS A 148 0.17 -30.70 30.47
N ASN A 149 -0.46 -29.64 29.95
CA ASN A 149 -0.84 -28.50 30.76
C ASN A 149 -2.31 -28.39 31.11
N SER A 150 -3.07 -29.43 30.78
CA SER A 150 -4.50 -29.44 31.06
C SER A 150 -5.21 -28.32 30.33
N ILE A 151 -4.87 -28.15 29.06
CA ILE A 151 -5.47 -27.12 28.21
C ILE A 151 -6.38 -27.80 27.18
N LYS A 152 -7.63 -27.35 27.07
CA LYS A 152 -8.56 -27.93 26.10
C LYS A 152 -8.02 -27.64 24.71
N PHE A 153 -7.99 -28.65 23.84
CA PHE A 153 -7.48 -28.48 22.49
C PHE A 153 -8.49 -28.74 21.38
N PHE A 154 -8.54 -27.82 20.41
CA PHE A 154 -9.43 -27.93 19.26
C PHE A 154 -8.71 -27.58 17.98
N THR A 155 -9.14 -28.19 16.89
CA THR A 155 -8.58 -27.88 15.59
C THR A 155 -9.70 -28.04 14.56
N GLY A 156 -9.61 -27.27 13.48
CA GLY A 156 -10.63 -27.36 12.44
C GLY A 156 -10.20 -26.68 11.16
N ASP A 157 -10.79 -27.09 10.06
CA ASP A 157 -10.49 -26.50 8.78
C ASP A 157 -11.63 -26.72 7.82
N VAL A 158 -11.63 -25.94 6.75
CA VAL A 158 -12.63 -26.02 5.71
C VAL A 158 -11.91 -26.23 4.39
N PHE A 159 -12.43 -27.14 3.58
CA PHE A 159 -11.86 -27.46 2.27
C PHE A 159 -13.02 -27.59 1.28
N GLY A 160 -13.27 -26.55 0.49
CA GLY A 160 -14.36 -26.60 -0.47
C GLY A 160 -15.70 -26.73 0.24
N TYR A 161 -16.47 -27.75 -0.12
CA TYR A 161 -17.78 -27.96 0.50
C TYR A 161 -17.67 -28.79 1.77
N HIS A 162 -16.45 -29.22 2.11
CA HIS A 162 -16.26 -30.00 3.31
C HIS A 162 -15.62 -29.20 4.44
N GLY A 163 -15.69 -29.77 5.63
CA GLY A 163 -15.13 -29.15 6.80
C GLY A 163 -15.04 -30.18 7.90
N TYR A 164 -14.27 -29.87 8.95
CA TYR A 164 -14.12 -30.80 10.05
C TYR A 164 -13.65 -30.08 11.32
N THR A 165 -13.97 -30.67 12.47
CA THR A 165 -13.51 -30.13 13.74
C THR A 165 -13.01 -31.33 14.53
N PHE A 166 -12.14 -31.06 15.48
CA PHE A 166 -11.60 -32.12 16.33
C PHE A 166 -11.40 -31.54 17.71
N ALA A 167 -11.60 -32.37 18.72
CA ALA A 167 -11.40 -31.90 20.08
C ALA A 167 -10.67 -32.97 20.90
N ASN A 168 -9.92 -32.49 21.89
CA ASN A 168 -9.18 -33.33 22.82
C ASN A 168 -9.31 -32.61 24.14
N LEU A 169 -10.34 -32.95 24.90
CA LEU A 169 -10.57 -32.29 26.18
C LEU A 169 -9.96 -33.05 27.36
N GLY A 170 -9.19 -34.09 27.04
CA GLY A 170 -8.57 -34.88 28.09
C GLY A 170 -9.63 -35.60 28.91
N GLU A 171 -9.52 -35.50 30.23
CA GLU A 171 -10.49 -36.11 31.15
C GLU A 171 -11.46 -34.96 31.40
N HIS A 172 -12.53 -34.92 30.62
CA HIS A 172 -13.49 -33.84 30.73
C HIS A 172 -14.76 -34.19 31.50
N GLU A 173 -15.01 -33.45 32.56
CA GLU A 173 -16.22 -33.64 33.36
C GLU A 173 -17.12 -32.44 33.13
N PHE A 174 -18.42 -32.69 33.05
CA PHE A 174 -19.38 -31.63 32.81
C PHE A 174 -20.69 -31.94 33.50
N VAL A 175 -21.60 -30.96 33.49
CA VAL A 175 -22.90 -31.11 34.11
C VAL A 175 -23.97 -31.14 33.01
N GLU A 176 -24.80 -32.18 33.01
CA GLU A 176 -25.86 -32.34 32.02
C GLU A 176 -27.23 -32.42 32.70
N GLU A 177 -28.13 -31.51 32.34
CA GLU A 177 -29.46 -31.48 32.94
C GLU A 177 -30.50 -32.30 32.19
N LYS A 178 -30.71 -33.53 32.62
CA LYS A 178 -31.70 -34.39 32.01
C LYS A 178 -32.61 -34.99 33.06
N THR A 179 -33.85 -34.51 33.10
CA THR A 179 -34.84 -34.99 34.06
C THR A 179 -35.68 -36.11 33.46
N GLU A 203 -38.81 -28.46 37.90
CA GLU A 203 -37.60 -29.01 38.51
C GLU A 203 -36.78 -29.76 37.47
N THR A 204 -35.46 -29.63 37.56
CA THR A 204 -34.55 -30.30 36.63
C THR A 204 -33.25 -30.67 37.33
N THR A 205 -32.96 -31.96 37.38
CA THR A 205 -31.76 -32.47 38.03
C THR A 205 -30.52 -32.34 37.14
N MET A 206 -29.47 -31.75 37.69
CA MET A 206 -28.22 -31.57 36.96
C MET A 206 -27.26 -32.70 37.32
N VAL A 207 -27.10 -33.64 36.39
CA VAL A 207 -26.22 -34.79 36.59
C VAL A 207 -24.79 -34.50 36.13
N LYS A 208 -23.82 -34.92 36.93
CA LYS A 208 -22.42 -34.73 36.59
C LYS A 208 -21.94 -35.94 35.80
N LYS A 209 -21.24 -35.70 34.70
CA LYS A 209 -20.73 -36.78 33.86
C LYS A 209 -19.26 -36.60 33.52
N LYS A 210 -18.66 -37.63 32.94
CA LYS A 210 -17.26 -37.59 32.59
C LYS A 210 -16.95 -38.32 31.29
N VAL A 211 -16.34 -37.63 30.35
CA VAL A 211 -15.98 -38.23 29.06
C VAL A 211 -14.46 -38.14 28.89
N VAL A 212 -13.88 -39.13 28.25
CA VAL A 212 -12.44 -39.14 28.05
C VAL A 212 -12.08 -39.10 26.57
N PHE A 213 -11.27 -38.11 26.20
CA PHE A 213 -10.82 -37.95 24.82
C PHE A 213 -9.42 -38.54 24.68
N CYS A 214 -9.00 -38.77 23.43
CA CYS A 214 -7.67 -39.31 23.20
C CYS A 214 -6.81 -38.28 22.43
N PRO A 215 -5.49 -38.48 22.37
CA PRO A 215 -4.61 -37.56 21.66
C PRO A 215 -4.86 -37.50 20.16
N VAL A 216 -4.72 -36.30 19.58
CA VAL A 216 -4.94 -36.15 18.16
C VAL A 216 -4.00 -37.07 17.37
N LYS A 217 -2.83 -37.34 17.93
CA LYS A 217 -1.86 -38.21 17.26
C LYS A 217 -2.43 -39.62 17.07
N GLU A 218 -3.19 -40.08 18.05
CA GLU A 218 -3.79 -41.39 17.98
C GLU A 218 -5.03 -41.33 17.07
N ALA A 219 -5.72 -40.20 17.09
CA ALA A 219 -6.90 -40.03 16.25
C ALA A 219 -6.51 -39.98 14.79
N LEU A 220 -5.32 -39.47 14.49
CA LEU A 220 -4.88 -39.39 13.10
C LEU A 220 -4.13 -40.61 12.62
N GLU A 221 -3.83 -41.53 13.53
CA GLU A 221 -3.10 -42.76 13.18
C GLU A 221 -3.81 -44.00 13.73
N VAL A 222 -4.96 -44.32 13.15
CA VAL A 222 -5.75 -45.48 13.55
C VAL A 222 -5.37 -46.71 12.73
N ASP A 223 -5.21 -47.84 13.39
CA ASP A 223 -4.86 -49.09 12.71
C ASP A 223 -6.13 -49.81 12.29
N TRP A 224 -6.30 -49.99 10.99
CA TRP A 224 -7.48 -50.65 10.46
C TRP A 224 -7.28 -52.15 10.22
N SER A 225 -6.22 -52.70 10.79
CA SER A 225 -5.90 -54.12 10.65
C SER A 225 -6.69 -54.91 11.68
N SER A 226 -6.90 -54.29 12.85
CA SER A 226 -7.64 -54.92 13.94
C SER A 226 -9.03 -55.33 13.50
N GLU A 227 -9.53 -56.42 14.08
CA GLU A 227 -10.85 -56.91 13.74
C GLU A 227 -11.91 -55.88 14.12
N LYS A 228 -11.77 -55.31 15.32
CA LYS A 228 -12.72 -54.31 15.79
C LYS A 228 -12.72 -53.09 14.87
N ALA A 229 -11.57 -52.77 14.30
CA ALA A 229 -11.45 -51.64 13.40
C ALA A 229 -12.05 -51.94 12.03
N LYS A 230 -11.93 -53.19 11.59
CA LYS A 230 -12.47 -53.59 10.30
C LYS A 230 -13.99 -53.45 10.28
N ALA A 231 -14.59 -53.63 11.45
CA ALA A 231 -16.04 -53.54 11.60
C ALA A 231 -16.50 -52.08 11.67
N ALA A 232 -15.67 -51.25 12.29
CA ALA A 232 -15.97 -49.84 12.43
C ALA A 232 -15.75 -49.09 11.12
N LEU A 233 -14.76 -49.55 10.36
CA LEU A 233 -14.43 -48.92 9.09
C LEU A 233 -15.63 -48.76 8.15
N LYS A 234 -16.47 -49.78 8.08
CA LYS A 234 -17.63 -49.70 7.20
C LYS A 234 -18.73 -48.76 7.68
N ARG A 235 -18.56 -48.19 8.87
CA ARG A 235 -19.54 -47.25 9.42
C ARG A 235 -18.92 -45.86 9.55
N THR A 236 -17.65 -45.74 9.16
CA THR A 236 -16.92 -44.49 9.23
C THR A 236 -17.10 -43.68 7.95
N THR A 237 -17.37 -42.39 8.09
CA THR A 237 -17.52 -41.53 6.91
C THR A 237 -16.19 -41.41 6.16
N SER A 238 -16.25 -41.42 4.84
CA SER A 238 -15.04 -41.32 4.04
C SER A 238 -14.36 -39.97 4.23
N ASP A 239 -15.06 -39.05 4.89
CA ASP A 239 -14.50 -37.72 5.13
C ASP A 239 -13.24 -37.80 5.98
N TYR A 240 -13.13 -38.85 6.80
CA TYR A 240 -11.96 -39.02 7.64
C TYR A 240 -10.73 -39.20 6.76
N PHE A 241 -10.89 -40.01 5.71
CA PHE A 241 -9.79 -40.25 4.79
C PHE A 241 -9.56 -39.08 3.84
N LEU A 242 -10.59 -38.27 3.63
CA LEU A 242 -10.45 -37.11 2.78
C LEU A 242 -9.58 -36.14 3.58
N LEU A 243 -9.74 -36.18 4.91
CA LEU A 243 -8.97 -35.32 5.79
C LEU A 243 -7.50 -35.73 5.75
N GLN A 244 -7.25 -37.03 5.75
CA GLN A 244 -5.88 -37.55 5.69
C GLN A 244 -5.19 -37.08 4.42
N VAL A 245 -5.90 -37.16 3.30
CA VAL A 245 -5.37 -36.74 2.02
C VAL A 245 -5.04 -35.25 2.00
N LEU A 246 -5.96 -34.43 2.48
CA LEU A 246 -5.73 -32.99 2.50
C LEU A 246 -4.63 -32.60 3.48
N LEU A 247 -4.55 -33.29 4.61
CA LEU A 247 -3.50 -32.98 5.58
C LEU A 247 -2.14 -33.26 4.95
N LYS A 248 -2.06 -34.39 4.26
CA LYS A 248 -0.83 -34.80 3.60
C LYS A 248 -0.46 -33.85 2.47
N PHE A 249 -1.48 -33.27 1.81
CA PHE A 249 -1.23 -32.33 0.72
C PHE A 249 -0.66 -31.07 1.34
N ARG A 250 -1.16 -30.72 2.51
CA ARG A 250 -0.74 -29.52 3.21
C ARG A 250 0.68 -29.66 3.75
N THR A 251 1.18 -30.89 3.81
CA THR A 251 2.51 -31.16 4.30
C THR A 251 3.54 -31.19 3.17
N ASP A 252 3.20 -31.86 2.08
CA ASP A 252 4.08 -31.94 0.91
C ASP A 252 4.21 -30.56 0.27
N LYS A 253 3.15 -29.76 0.44
CA LYS A 253 3.08 -28.39 -0.08
C LYS A 253 2.69 -27.52 1.12
N GLY A 254 3.39 -26.42 1.32
CA GLY A 254 3.05 -25.57 2.45
C GLY A 254 1.73 -24.85 2.25
N ARG A 255 0.97 -25.32 1.28
CA ARG A 255 -0.32 -24.71 0.96
C ARG A 255 -1.42 -25.74 0.74
N ASP A 256 -2.66 -25.27 0.72
CA ASP A 256 -3.78 -26.16 0.47
C ASP A 256 -4.11 -26.03 -1.01
N PRO A 257 -4.90 -26.96 -1.56
CA PRO A 257 -5.25 -26.91 -2.97
C PRO A 257 -5.85 -25.54 -3.34
N SER A 258 -5.42 -25.00 -4.48
CA SER A 258 -5.90 -23.70 -4.94
C SER A 258 -6.62 -23.79 -6.28
N SER A 259 -7.60 -22.92 -6.47
CA SER A 259 -8.38 -22.92 -7.71
C SER A 259 -7.50 -22.50 -8.89
N ASP A 260 -6.45 -21.73 -8.62
CA ASP A 260 -5.54 -21.27 -9.67
C ASP A 260 -4.74 -22.43 -10.25
N THR A 261 -4.41 -23.39 -9.40
CA THR A 261 -3.64 -24.55 -9.82
C THR A 261 -4.50 -25.82 -9.74
N TYR A 262 -5.79 -25.66 -9.99
CA TYR A 262 -6.76 -26.76 -9.94
C TYR A 262 -6.33 -28.02 -10.68
N GLU A 263 -6.14 -27.91 -11.99
CA GLU A 263 -5.74 -29.04 -12.82
C GLU A 263 -4.53 -29.75 -12.21
N GLU A 264 -3.57 -28.96 -11.76
CA GLU A 264 -2.35 -29.47 -11.16
C GLU A 264 -2.57 -30.09 -9.78
N ASP A 265 -3.29 -29.36 -8.93
CA ASP A 265 -3.57 -29.85 -7.57
C ASP A 265 -4.44 -31.11 -7.59
N SER A 266 -5.41 -31.17 -8.50
CA SER A 266 -6.28 -32.34 -8.60
C SER A 266 -5.45 -33.56 -8.89
N GLU A 267 -4.48 -33.39 -9.80
CA GLU A 267 -3.58 -34.47 -10.19
C GLU A 267 -2.87 -35.02 -8.96
N LEU A 268 -2.28 -34.13 -8.17
CA LEU A 268 -1.56 -34.53 -6.96
C LEU A 268 -2.49 -35.15 -5.93
N LEU A 269 -3.64 -34.51 -5.69
CA LEU A 269 -4.60 -35.02 -4.73
C LEU A 269 -4.95 -36.48 -5.00
N LEU A 270 -5.16 -36.81 -6.27
CA LEU A 270 -5.49 -38.18 -6.64
C LEU A 270 -4.35 -39.12 -6.33
N GLN A 271 -3.12 -38.65 -6.56
CA GLN A 271 -1.93 -39.45 -6.29
C GLN A 271 -1.76 -39.65 -4.79
N ILE A 272 -1.99 -38.58 -4.02
CA ILE A 272 -1.89 -38.66 -2.58
C ILE A 272 -2.95 -39.59 -2.00
N ARG A 273 -4.12 -39.60 -2.63
CA ARG A 273 -5.22 -40.46 -2.18
C ARG A 273 -4.79 -41.92 -2.26
N ASN A 274 -4.19 -42.28 -3.38
CA ASN A 274 -3.73 -43.64 -3.58
C ASN A 274 -2.64 -44.03 -2.59
N ASP A 275 -1.72 -43.12 -2.31
CA ASP A 275 -0.65 -43.42 -1.37
C ASP A 275 -1.17 -43.59 0.05
N VAL A 276 -1.93 -42.61 0.53
CA VAL A 276 -2.46 -42.66 1.88
C VAL A 276 -3.37 -43.87 2.14
N LEU A 277 -4.40 -44.02 1.32
CA LEU A 277 -5.32 -45.13 1.52
C LEU A 277 -4.61 -46.47 1.38
N ASP A 278 -3.65 -46.54 0.45
CA ASP A 278 -2.91 -47.77 0.24
C ASP A 278 -2.04 -48.09 1.45
N SER A 279 -1.40 -47.07 2.01
CA SER A 279 -0.54 -47.29 3.16
C SER A 279 -1.34 -47.65 4.42
N LEU A 280 -2.67 -47.69 4.29
CA LEU A 280 -3.53 -48.04 5.43
C LEU A 280 -4.22 -49.39 5.17
N GLY A 281 -3.99 -49.95 3.98
CA GLY A 281 -4.60 -51.23 3.65
C GLY A 281 -6.04 -51.10 3.20
N ILE A 282 -6.44 -49.88 2.85
CA ILE A 282 -7.80 -49.63 2.41
C ILE A 282 -7.79 -49.30 0.92
N SER A 283 -8.79 -49.80 0.20
CA SER A 283 -8.86 -49.55 -1.24
C SER A 283 -8.94 -48.06 -1.55
N PRO A 284 -8.13 -47.61 -2.51
CA PRO A 284 -8.12 -46.19 -2.90
C PRO A 284 -9.46 -45.77 -3.47
N ASP A 285 -10.23 -46.75 -3.94
CA ASP A 285 -11.55 -46.47 -4.52
C ASP A 285 -12.53 -45.92 -3.49
N LEU A 286 -12.28 -46.19 -2.22
CA LEU A 286 -13.13 -45.74 -1.12
C LEU A 286 -13.43 -44.25 -1.24
N LEU A 287 -12.58 -43.55 -1.98
CA LEU A 287 -12.74 -42.12 -2.17
C LEU A 287 -12.81 -41.89 -3.67
N PRO A 288 -14.01 -41.61 -4.20
CA PRO A 288 -14.17 -41.38 -5.64
C PRO A 288 -13.25 -40.30 -6.21
N GLU A 289 -12.67 -40.58 -7.37
CA GLU A 289 -11.75 -39.64 -8.01
C GLU A 289 -12.41 -38.27 -8.15
N ASP A 290 -13.73 -38.26 -8.07
CA ASP A 290 -14.53 -37.06 -8.19
C ASP A 290 -14.39 -36.11 -6.99
N PHE A 291 -13.85 -36.61 -5.89
CA PHE A 291 -13.71 -35.79 -4.68
C PHE A 291 -12.93 -34.50 -4.87
N VAL A 292 -12.01 -34.48 -5.83
CA VAL A 292 -11.18 -33.30 -6.08
C VAL A 292 -11.97 -32.06 -6.48
N ARG A 293 -13.17 -32.26 -7.02
CA ARG A 293 -14.01 -31.15 -7.44
C ARG A 293 -14.71 -30.42 -6.29
N TYR A 294 -14.82 -31.07 -5.14
CA TYR A 294 -15.52 -30.47 -4.02
C TYR A 294 -14.73 -30.07 -2.78
N CYS A 295 -13.40 -30.15 -2.86
CA CYS A 295 -12.58 -29.79 -1.70
C CYS A 295 -11.58 -28.68 -2.00
N PHE A 296 -12.04 -27.65 -2.71
CA PHE A 296 -11.20 -26.53 -3.08
C PHE A 296 -11.66 -25.19 -2.55
N SER A 297 -10.72 -24.42 -2.03
CA SER A 297 -10.99 -23.08 -1.52
C SER A 297 -11.76 -23.06 -0.22
N GLU A 298 -12.13 -21.85 0.19
CA GLU A 298 -12.89 -21.67 1.42
C GLU A 298 -14.20 -21.00 1.05
N MET A 299 -15.30 -21.71 1.26
CA MET A 299 -16.61 -21.17 0.95
C MET A 299 -17.19 -20.56 2.22
N ALA A 300 -17.67 -19.34 2.09
CA ALA A 300 -18.25 -18.64 3.23
C ALA A 300 -19.32 -19.43 4.00
N PRO A 301 -20.25 -20.08 3.28
CA PRO A 301 -21.30 -20.84 3.98
C PRO A 301 -20.72 -21.99 4.81
N VAL A 302 -19.69 -22.64 4.28
CA VAL A 302 -19.08 -23.73 4.99
C VAL A 302 -18.30 -23.25 6.21
N CYS A 303 -17.66 -22.08 6.11
CA CYS A 303 -16.92 -21.53 7.24
C CYS A 303 -17.91 -21.24 8.35
N ALA A 304 -19.10 -20.78 7.97
CA ALA A 304 -20.15 -20.45 8.93
C ALA A 304 -20.64 -21.68 9.70
N VAL A 305 -20.80 -22.79 8.97
CA VAL A 305 -21.26 -24.04 9.59
C VAL A 305 -20.19 -24.59 10.53
N VAL A 306 -19.04 -24.95 9.98
CA VAL A 306 -17.97 -25.50 10.77
C VAL A 306 -17.53 -24.54 11.88
N GLY A 307 -17.60 -23.24 11.61
CA GLY A 307 -17.21 -22.28 12.63
C GLY A 307 -18.23 -22.21 13.75
N GLY A 308 -19.48 -22.50 13.41
CA GLY A 308 -20.52 -22.48 14.42
C GLY A 308 -20.44 -23.72 15.30
N ILE A 309 -20.17 -24.86 14.69
CA ILE A 309 -20.08 -26.08 15.47
C ILE A 309 -18.82 -26.04 16.34
N LEU A 310 -17.69 -25.66 15.76
CA LEU A 310 -16.45 -25.61 16.51
C LEU A 310 -16.53 -24.64 17.69
N ALA A 311 -17.06 -23.45 17.45
CA ALA A 311 -17.17 -22.49 18.53
C ALA A 311 -18.13 -22.99 19.61
N GLN A 312 -19.16 -23.71 19.17
CA GLN A 312 -20.17 -24.23 20.09
C GLN A 312 -19.51 -25.24 21.04
N GLU A 313 -18.64 -26.08 20.50
CA GLU A 313 -17.95 -27.08 21.29
C GLU A 313 -16.96 -26.42 22.26
N ILE A 314 -16.36 -25.31 21.82
CA ILE A 314 -15.42 -24.62 22.68
C ILE A 314 -16.16 -24.02 23.87
N VAL A 315 -17.32 -23.42 23.61
CA VAL A 315 -18.11 -22.83 24.68
C VAL A 315 -18.59 -23.91 25.64
N LYS A 316 -19.01 -25.05 25.10
CA LYS A 316 -19.47 -26.15 25.94
C LYS A 316 -18.35 -26.59 26.88
N ALA A 317 -17.21 -26.92 26.30
CA ALA A 317 -16.04 -27.36 27.06
C ALA A 317 -15.66 -26.37 28.15
N LEU A 318 -15.61 -25.09 27.81
CA LEU A 318 -15.23 -24.07 28.77
C LEU A 318 -16.25 -23.92 29.89
N SER A 319 -17.53 -23.96 29.54
CA SER A 319 -18.59 -23.81 30.52
C SER A 319 -18.83 -25.10 31.30
N GLN A 320 -18.22 -26.19 30.84
CA GLN A 320 -18.39 -27.48 31.49
C GLN A 320 -19.85 -27.86 31.63
N ARG A 321 -20.62 -27.64 30.57
CA ARG A 321 -22.04 -27.94 30.53
C ARG A 321 -22.41 -28.64 29.22
N ASP A 322 -23.17 -29.73 29.32
CA ASP A 322 -23.61 -30.51 28.16
C ASP A 322 -22.46 -31.37 27.62
N PRO A 323 -22.79 -32.56 27.08
CA PRO A 323 -21.80 -33.50 26.54
C PRO A 323 -21.12 -33.02 25.25
N PRO A 324 -19.79 -32.94 25.26
CA PRO A 324 -19.05 -32.50 24.06
C PRO A 324 -18.96 -33.62 23.02
N HIS A 325 -18.90 -33.27 21.75
CA HIS A 325 -18.80 -34.27 20.71
C HIS A 325 -17.44 -34.94 20.85
N ASN A 326 -17.42 -36.26 20.76
CA ASN A 326 -16.18 -37.03 20.92
C ASN A 326 -15.94 -37.89 19.70
N ASN A 327 -14.95 -37.56 18.87
CA ASN A 327 -14.06 -36.41 19.06
C ASN A 327 -13.91 -35.61 17.74
N PHE A 328 -14.40 -36.18 16.65
CA PHE A 328 -14.36 -35.57 15.32
C PHE A 328 -15.74 -35.15 14.80
N PHE A 329 -15.79 -34.03 14.09
CA PHE A 329 -17.03 -33.58 13.46
C PHE A 329 -16.73 -33.38 11.97
N PHE A 330 -17.44 -34.11 11.11
CA PHE A 330 -17.24 -34.00 9.66
C PHE A 330 -18.48 -33.45 8.97
N PHE A 331 -18.27 -32.41 8.17
CA PHE A 331 -19.36 -31.79 7.46
C PHE A 331 -19.21 -31.89 5.96
N ASP A 332 -20.28 -32.30 5.28
CA ASP A 332 -20.27 -32.39 3.82
C ASP A 332 -21.39 -31.47 3.34
N GLY A 333 -21.02 -30.31 2.82
CA GLY A 333 -22.00 -29.34 2.34
C GLY A 333 -22.78 -29.72 1.10
N MET A 334 -22.31 -30.71 0.36
CA MET A 334 -22.99 -31.16 -0.84
C MET A 334 -24.18 -32.04 -0.46
N LYS A 335 -24.02 -32.84 0.59
CA LYS A 335 -25.07 -33.76 1.02
C LYS A 335 -25.86 -33.29 2.25
N GLY A 336 -25.35 -32.27 2.92
CA GLY A 336 -26.03 -31.79 4.12
C GLY A 336 -25.77 -32.66 5.34
N ASN A 337 -24.74 -33.50 5.29
CA ASN A 337 -24.40 -34.39 6.39
C ASN A 337 -23.43 -33.78 7.42
N GLY A 338 -23.78 -33.94 8.69
CA GLY A 338 -22.96 -33.49 9.78
C GLY A 338 -22.80 -34.71 10.67
N ILE A 339 -21.65 -35.36 10.58
CA ILE A 339 -21.36 -36.60 11.30
C ILE A 339 -20.32 -36.51 12.44
N VAL A 340 -20.63 -37.17 13.56
CA VAL A 340 -19.72 -37.22 14.71
C VAL A 340 -19.10 -38.60 14.79
N GLU A 341 -17.77 -38.66 14.72
CA GLU A 341 -17.03 -39.92 14.77
C GLU A 341 -16.08 -39.95 15.97
N CYS A 342 -15.91 -41.13 16.55
CA CYS A 342 -15.00 -41.28 17.67
C CYS A 342 -13.87 -42.11 17.12
N LEU A 343 -12.72 -41.48 16.92
CA LEU A 343 -11.59 -42.19 16.35
C LEU A 343 -10.33 -41.98 17.19
N GLY A 344 -9.55 -43.04 17.32
CA GLY A 344 -8.33 -42.99 18.11
C GLY A 344 -8.26 -44.09 19.16
N PRO A 345 -9.25 -44.19 20.06
CA PRO A 345 -9.25 -45.23 21.10
C PRO A 345 -9.12 -46.64 20.54
N GLY B 6 -14.44 -18.89 -7.95
CA GLY B 6 -15.35 -19.66 -8.84
C GLY B 6 -16.63 -20.06 -8.12
N LEU B 7 -17.52 -20.74 -8.84
CA LEU B 7 -18.78 -21.19 -8.27
C LEU B 7 -19.51 -22.32 -9.02
N PRO B 8 -19.26 -22.51 -10.33
CA PRO B 8 -18.39 -21.77 -11.26
C PRO B 8 -19.07 -20.59 -11.94
N ARG B 9 -18.94 -20.52 -13.26
CA ARG B 9 -19.52 -19.44 -14.06
C ARG B 9 -21.03 -19.30 -14.03
N GLU B 10 -21.73 -20.21 -14.71
CA GLU B 10 -23.19 -20.19 -14.78
C GLU B 10 -23.85 -19.91 -13.43
N LEU B 11 -23.18 -20.28 -12.35
CA LEU B 11 -23.72 -20.09 -11.01
C LEU B 11 -23.39 -18.68 -10.49
N ALA B 12 -22.12 -18.30 -10.57
CA ALA B 12 -21.69 -16.99 -10.11
C ALA B 12 -22.42 -15.87 -10.87
N GLU B 13 -22.93 -16.21 -12.05
CA GLU B 13 -23.66 -15.25 -12.87
C GLU B 13 -25.00 -14.89 -12.23
N ALA B 14 -25.85 -15.90 -12.03
CA ALA B 14 -27.15 -15.69 -11.42
C ALA B 14 -26.97 -14.98 -10.08
N VAL B 15 -26.01 -15.46 -9.30
CA VAL B 15 -25.73 -14.87 -7.98
C VAL B 15 -25.40 -13.38 -8.09
N ALA B 16 -24.65 -13.02 -9.13
CA ALA B 16 -24.24 -11.65 -9.35
C ALA B 16 -25.35 -10.72 -9.86
N GLY B 17 -26.26 -11.22 -10.68
CA GLY B 17 -27.32 -10.38 -11.19
C GLY B 17 -28.68 -10.55 -10.55
N GLY B 18 -28.93 -11.77 -10.05
CA GLY B 18 -30.21 -12.06 -9.42
C GLY B 18 -30.52 -11.25 -8.18
N ARG B 19 -31.72 -10.71 -8.11
CA ARG B 19 -32.14 -9.94 -6.95
C ARG B 19 -32.73 -10.95 -5.94
N VAL B 20 -32.26 -10.87 -4.70
CA VAL B 20 -32.66 -11.80 -3.64
C VAL B 20 -33.24 -11.08 -2.42
N LEU B 21 -34.27 -11.65 -1.81
CA LEU B 21 -34.91 -11.02 -0.64
C LEU B 21 -34.73 -11.77 0.69
N VAL B 22 -34.48 -10.99 1.74
CA VAL B 22 -34.30 -11.55 3.07
C VAL B 22 -35.29 -10.88 4.02
N VAL B 23 -36.17 -11.67 4.61
CA VAL B 23 -37.18 -11.15 5.53
C VAL B 23 -36.74 -11.43 6.96
N GLY B 24 -36.45 -10.35 7.69
CA GLY B 24 -35.99 -10.46 9.06
C GLY B 24 -34.48 -10.21 9.17
N ALA B 25 -34.06 -9.36 10.09
CA ALA B 25 -32.63 -9.07 10.28
C ALA B 25 -32.18 -9.38 11.71
N GLY B 26 -32.55 -10.56 12.22
CA GLY B 26 -32.18 -10.92 13.59
C GLY B 26 -31.02 -11.90 13.60
N GLY B 27 -31.09 -12.90 14.48
CA GLY B 27 -30.04 -13.89 14.54
C GLY B 27 -29.64 -14.42 13.18
N ILE B 28 -30.58 -15.08 12.52
CA ILE B 28 -30.34 -15.63 11.20
C ILE B 28 -30.09 -14.55 10.14
N GLY B 29 -30.94 -13.53 10.13
CA GLY B 29 -30.82 -12.46 9.15
C GLY B 29 -29.41 -11.91 9.03
N CYS B 30 -28.84 -11.44 10.14
CA CYS B 30 -27.50 -10.89 10.14
C CYS B 30 -26.46 -11.83 9.55
N GLU B 31 -26.44 -13.06 10.03
CA GLU B 31 -25.49 -14.04 9.53
C GLU B 31 -25.74 -14.30 8.05
N LEU B 32 -27.02 -14.26 7.66
CA LEU B 32 -27.40 -14.50 6.27
C LEU B 32 -26.84 -13.42 5.33
N LEU B 33 -27.08 -12.16 5.67
CA LEU B 33 -26.58 -11.06 4.87
C LEU B 33 -25.10 -11.25 4.63
N LYS B 34 -24.37 -11.46 5.73
CA LYS B 34 -22.94 -11.67 5.67
C LYS B 34 -22.55 -12.83 4.76
N ASN B 35 -23.24 -13.97 4.88
CA ASN B 35 -22.90 -15.11 4.03
C ASN B 35 -23.31 -14.89 2.58
N LEU B 36 -24.42 -14.20 2.37
CA LEU B 36 -24.90 -13.89 1.02
C LEU B 36 -23.85 -13.04 0.32
N VAL B 37 -23.51 -11.92 0.94
CA VAL B 37 -22.51 -11.00 0.41
C VAL B 37 -21.14 -11.67 0.14
N LEU B 38 -20.63 -12.43 1.10
CA LEU B 38 -19.35 -13.11 0.93
C LEU B 38 -19.35 -14.24 -0.10
N THR B 39 -20.52 -14.73 -0.45
CA THR B 39 -20.61 -15.81 -1.42
C THR B 39 -20.69 -15.24 -2.83
N GLY B 40 -21.08 -13.96 -2.94
CA GLY B 40 -21.17 -13.34 -4.25
C GLY B 40 -22.44 -12.59 -4.59
N PHE B 41 -23.48 -12.69 -3.75
CA PHE B 41 -24.72 -11.99 -4.00
C PHE B 41 -24.52 -10.48 -3.89
N SER B 42 -24.98 -9.74 -4.90
CA SER B 42 -24.80 -8.29 -4.90
C SER B 42 -26.09 -7.50 -4.73
N HIS B 43 -27.20 -8.09 -5.17
CA HIS B 43 -28.49 -7.42 -5.08
C HIS B 43 -29.33 -8.08 -4.00
N ILE B 44 -29.42 -7.42 -2.86
CA ILE B 44 -30.16 -7.93 -1.72
C ILE B 44 -31.12 -6.93 -1.12
N ASP B 45 -32.36 -7.37 -0.90
CA ASP B 45 -33.36 -6.54 -0.24
C ASP B 45 -33.50 -7.16 1.15
N LEU B 46 -33.62 -6.30 2.16
CA LEU B 46 -33.69 -6.72 3.55
C LEU B 46 -34.83 -5.94 4.19
N ILE B 47 -35.71 -6.65 4.87
CA ILE B 47 -36.83 -6.00 5.52
C ILE B 47 -36.96 -6.47 6.97
N ASP B 48 -37.26 -5.54 7.86
CA ASP B 48 -37.43 -5.83 9.29
C ASP B 48 -38.25 -4.69 9.86
N LEU B 49 -39.11 -4.98 10.82
CA LEU B 49 -39.95 -3.94 11.39
C LEU B 49 -39.52 -3.46 12.74
N ASP B 50 -38.41 -3.99 13.25
CA ASP B 50 -37.99 -3.60 14.59
C ASP B 50 -36.74 -2.75 14.68
N THR B 51 -36.50 -2.23 15.88
CA THR B 51 -35.31 -1.42 16.16
C THR B 51 -34.40 -2.30 17.00
N ILE B 52 -33.12 -1.97 17.02
CA ILE B 52 -32.13 -2.73 17.76
C ILE B 52 -32.29 -2.59 19.27
N ASP B 53 -32.07 -3.70 19.98
CA ASP B 53 -32.22 -3.76 21.43
C ASP B 53 -30.96 -4.38 22.03
N VAL B 54 -30.63 -4.01 23.26
CA VAL B 54 -29.43 -4.54 23.88
C VAL B 54 -29.34 -6.08 23.92
N SER B 55 -30.49 -6.76 24.07
CA SER B 55 -30.48 -8.22 24.11
C SER B 55 -30.17 -8.83 22.75
N ASN B 56 -30.22 -8.02 21.70
CA ASN B 56 -29.92 -8.51 20.34
C ASN B 56 -28.42 -8.73 20.18
N LEU B 57 -27.64 -8.02 20.99
CA LEU B 57 -26.17 -8.01 20.90
C LEU B 57 -25.33 -9.27 21.09
N ASN B 58 -25.91 -10.34 21.59
CA ASN B 58 -25.12 -11.56 21.77
C ASN B 58 -25.15 -12.45 20.53
N ARG B 59 -25.91 -12.08 19.50
CA ARG B 59 -26.00 -12.91 18.30
C ARG B 59 -26.32 -12.21 16.98
N GLN B 60 -26.52 -10.90 17.01
CA GLN B 60 -26.82 -10.14 15.79
C GLN B 60 -25.62 -9.20 15.59
N PHE B 61 -24.52 -9.81 15.17
CA PHE B 61 -23.23 -9.16 15.00
C PHE B 61 -23.10 -7.91 14.12
N LEU B 62 -24.14 -7.55 13.38
CA LEU B 62 -24.08 -6.36 12.55
C LEU B 62 -24.53 -5.16 13.38
N PHE B 63 -24.92 -5.44 14.62
CA PHE B 63 -25.41 -4.40 15.51
C PHE B 63 -24.49 -4.25 16.73
N GLN B 64 -24.25 -3.02 17.14
CA GLN B 64 -23.41 -2.74 18.31
C GLN B 64 -24.19 -1.89 19.29
N LYS B 65 -23.67 -1.75 20.50
CA LYS B 65 -24.30 -0.94 21.55
C LYS B 65 -24.73 0.46 21.12
N LYS B 66 -23.92 1.10 20.28
CA LYS B 66 -24.24 2.46 19.83
C LYS B 66 -25.41 2.52 18.86
N HIS B 67 -25.79 1.35 18.32
CA HIS B 67 -26.89 1.27 17.36
C HIS B 67 -28.26 1.10 18.03
N VAL B 68 -28.25 0.82 19.33
CA VAL B 68 -29.48 0.63 20.08
C VAL B 68 -30.53 1.72 19.80
N GLY B 69 -31.75 1.29 19.50
CA GLY B 69 -32.83 2.22 19.21
C GLY B 69 -33.00 2.48 17.74
N ARG B 70 -31.99 2.15 16.94
CA ARG B 70 -32.06 2.37 15.49
C ARG B 70 -32.67 1.17 14.74
N SER B 71 -32.96 1.38 13.47
CA SER B 71 -33.55 0.34 12.61
C SER B 71 -32.61 -0.82 12.31
N LYS B 72 -33.07 -2.03 12.59
CA LYS B 72 -32.27 -3.22 12.32
C LYS B 72 -31.91 -3.31 10.86
N ALA B 73 -32.90 -3.10 9.99
CA ALA B 73 -32.66 -3.17 8.56
C ALA B 73 -31.65 -2.13 8.12
N GLN B 74 -31.78 -0.92 8.63
CA GLN B 74 -30.89 0.16 8.27
C GLN B 74 -29.46 -0.11 8.68
N VAL B 75 -29.24 -0.30 9.98
CA VAL B 75 -27.90 -0.56 10.50
C VAL B 75 -27.26 -1.80 9.87
N ALA B 76 -28.09 -2.79 9.57
CA ALA B 76 -27.60 -4.01 8.97
C ALA B 76 -26.99 -3.70 7.60
N LYS B 77 -27.70 -2.89 6.83
CA LYS B 77 -27.22 -2.51 5.50
C LYS B 77 -25.90 -1.74 5.63
N GLU B 78 -25.86 -0.80 6.57
CA GLU B 78 -24.68 0.01 6.83
C GLU B 78 -23.47 -0.81 7.24
N SER B 79 -23.66 -1.74 8.17
CA SER B 79 -22.55 -2.56 8.64
C SER B 79 -21.97 -3.43 7.54
N VAL B 80 -22.85 -4.02 6.73
CA VAL B 80 -22.40 -4.88 5.63
C VAL B 80 -21.55 -4.09 4.64
N LEU B 81 -21.99 -2.88 4.31
CA LEU B 81 -21.25 -2.05 3.37
C LEU B 81 -19.84 -1.75 3.86
N GLN B 82 -19.58 -1.91 5.16
CA GLN B 82 -18.25 -1.64 5.70
C GLN B 82 -17.18 -2.64 5.29
N PHE B 83 -17.56 -3.88 4.98
CA PHE B 83 -16.58 -4.86 4.56
C PHE B 83 -16.87 -5.33 3.13
N TYR B 84 -17.77 -4.61 2.47
CA TYR B 84 -18.15 -4.92 1.09
C TYR B 84 -18.92 -3.71 0.55
N PRO B 85 -18.24 -2.55 0.44
CA PRO B 85 -18.80 -1.28 -0.04
C PRO B 85 -19.55 -1.38 -1.38
N LYS B 86 -19.26 -2.42 -2.14
CA LYS B 86 -19.90 -2.61 -3.43
C LYS B 86 -21.36 -3.01 -3.33
N ALA B 87 -21.68 -3.85 -2.37
CA ALA B 87 -23.05 -4.35 -2.15
C ALA B 87 -24.18 -3.40 -2.54
N ASN B 88 -25.16 -3.94 -3.26
CA ASN B 88 -26.33 -3.19 -3.68
C ASN B 88 -27.51 -3.59 -2.78
N ILE B 89 -27.50 -3.11 -1.54
CA ILE B 89 -28.53 -3.45 -0.57
C ILE B 89 -29.61 -2.38 -0.40
N VAL B 90 -30.86 -2.83 -0.37
CA VAL B 90 -32.02 -1.95 -0.18
C VAL B 90 -32.68 -2.37 1.14
N ALA B 91 -32.68 -1.48 2.13
CA ALA B 91 -33.27 -1.80 3.42
C ALA B 91 -34.64 -1.19 3.62
N TYR B 92 -35.52 -1.94 4.30
CA TYR B 92 -36.88 -1.47 4.58
C TYR B 92 -37.16 -1.64 6.05
N HIS B 93 -37.48 -0.54 6.71
CA HIS B 93 -37.82 -0.59 8.12
C HIS B 93 -39.32 -0.66 8.07
N ASP B 94 -39.85 -1.88 7.97
CA ASP B 94 -41.29 -2.04 7.82
C ASP B 94 -41.69 -3.52 8.04
N SER B 95 -42.99 -3.77 8.11
CA SER B 95 -43.50 -5.12 8.28
C SER B 95 -43.71 -5.72 6.89
N ILE B 96 -43.34 -6.97 6.72
CA ILE B 96 -43.51 -7.64 5.44
C ILE B 96 -45.01 -7.82 5.13
N MET B 97 -45.85 -7.64 6.14
CA MET B 97 -47.29 -7.78 5.99
C MET B 97 -47.91 -6.55 5.34
N ASN B 98 -47.13 -5.47 5.28
CA ASN B 98 -47.59 -4.22 4.67
C ASN B 98 -48.05 -4.47 3.23
N PRO B 99 -49.25 -4.01 2.87
CA PRO B 99 -49.80 -4.20 1.52
C PRO B 99 -48.90 -3.69 0.38
N ASP B 100 -47.91 -2.87 0.70
CA ASP B 100 -47.01 -2.39 -0.34
C ASP B 100 -46.20 -3.52 -0.94
N TYR B 101 -45.96 -4.58 -0.17
CA TYR B 101 -45.18 -5.70 -0.69
C TYR B 101 -46.13 -6.76 -1.22
N ASN B 102 -46.68 -6.47 -2.41
CA ASN B 102 -47.63 -7.33 -3.08
C ASN B 102 -46.93 -8.39 -3.93
N VAL B 103 -47.72 -9.18 -4.65
CA VAL B 103 -47.18 -10.26 -5.47
C VAL B 103 -46.17 -9.74 -6.49
N GLU B 104 -46.44 -8.55 -7.03
CA GLU B 104 -45.53 -7.98 -8.02
C GLU B 104 -44.18 -7.72 -7.35
N PHE B 105 -44.21 -7.24 -6.11
CA PHE B 105 -43.00 -6.97 -5.34
C PHE B 105 -42.20 -8.27 -5.19
N PHE B 106 -42.86 -9.31 -4.68
CA PHE B 106 -42.21 -10.59 -4.49
C PHE B 106 -41.72 -11.19 -5.78
N ARG B 107 -42.51 -11.08 -6.84
CA ARG B 107 -42.11 -11.67 -8.12
C ARG B 107 -40.81 -11.09 -8.68
N GLN B 108 -40.32 -10.01 -8.09
CA GLN B 108 -39.06 -9.39 -8.52
C GLN B 108 -37.84 -10.23 -8.15
N PHE B 109 -38.00 -11.14 -7.21
CA PHE B 109 -36.86 -11.93 -6.74
C PHE B 109 -36.72 -13.34 -7.29
N ILE B 110 -35.49 -13.85 -7.31
CA ILE B 110 -35.25 -15.20 -7.77
C ILE B 110 -35.18 -16.14 -6.58
N LEU B 111 -35.09 -15.56 -5.39
CA LEU B 111 -35.00 -16.33 -4.16
C LEU B 111 -35.42 -15.50 -2.97
N VAL B 112 -36.26 -16.06 -2.12
CA VAL B 112 -36.69 -15.36 -0.91
C VAL B 112 -36.20 -16.25 0.25
N MET B 113 -35.76 -15.64 1.33
CA MET B 113 -35.27 -16.40 2.48
C MET B 113 -35.88 -15.82 3.73
N ASN B 114 -36.62 -16.66 4.46
CA ASN B 114 -37.25 -16.23 5.70
C ASN B 114 -36.34 -16.37 6.90
N ALA B 115 -36.41 -15.40 7.80
CA ALA B 115 -35.62 -15.40 9.01
C ALA B 115 -36.50 -14.70 10.03
N LEU B 116 -37.73 -15.19 10.18
CA LEU B 116 -38.70 -14.61 11.08
C LEU B 116 -38.85 -15.38 12.39
N ASP B 117 -39.67 -14.84 13.28
CA ASP B 117 -39.90 -15.45 14.58
C ASP B 117 -41.39 -15.65 14.92
N ASN B 118 -42.26 -15.61 13.93
CA ASN B 118 -43.69 -15.78 14.21
C ASN B 118 -44.51 -16.34 13.05
N ARG B 119 -45.42 -17.24 13.40
CA ARG B 119 -46.31 -17.91 12.47
C ARG B 119 -47.03 -17.00 11.47
N ALA B 120 -47.69 -15.96 11.97
CA ALA B 120 -48.44 -15.05 11.10
C ALA B 120 -47.67 -14.53 9.89
N ALA B 121 -46.47 -14.01 10.13
CA ALA B 121 -45.66 -13.46 9.05
C ALA B 121 -45.13 -14.56 8.15
N ARG B 122 -44.79 -15.70 8.73
CA ARG B 122 -44.27 -16.80 7.93
C ARG B 122 -45.33 -17.38 7.02
N ASN B 123 -46.57 -17.46 7.49
CA ASN B 123 -47.66 -17.98 6.66
C ASN B 123 -47.87 -16.98 5.52
N HIS B 124 -47.90 -15.69 5.85
CA HIS B 124 -48.09 -14.66 4.85
C HIS B 124 -47.01 -14.78 3.79
N VAL B 125 -45.75 -14.79 4.21
CA VAL B 125 -44.66 -14.91 3.25
C VAL B 125 -44.82 -16.16 2.43
N ASN B 126 -45.18 -17.26 3.08
CA ASN B 126 -45.36 -18.51 2.35
C ASN B 126 -46.35 -18.33 1.18
N ARG B 127 -47.46 -17.65 1.44
CA ARG B 127 -48.46 -17.41 0.41
C ARG B 127 -48.01 -16.43 -0.68
N MET B 128 -47.30 -15.37 -0.29
CA MET B 128 -46.82 -14.42 -1.26
C MET B 128 -45.89 -15.13 -2.22
N CYS B 129 -45.02 -16.00 -1.70
CA CYS B 129 -44.07 -16.69 -2.56
C CYS B 129 -44.73 -17.73 -3.44
N LEU B 130 -45.79 -18.35 -2.94
CA LEU B 130 -46.52 -19.33 -3.73
C LEU B 130 -47.14 -18.54 -4.89
N ALA B 131 -47.73 -17.39 -4.57
CA ALA B 131 -48.39 -16.56 -5.58
C ALA B 131 -47.42 -16.02 -6.64
N ALA B 132 -46.24 -15.54 -6.23
CA ALA B 132 -45.27 -15.02 -7.18
C ALA B 132 -44.48 -16.17 -7.81
N ASP B 133 -44.68 -17.35 -7.26
CA ASP B 133 -43.99 -18.53 -7.72
C ASP B 133 -42.47 -18.37 -7.63
N VAL B 134 -42.00 -17.94 -6.46
CA VAL B 134 -40.57 -17.76 -6.23
C VAL B 134 -40.10 -18.74 -5.14
N PRO B 135 -38.94 -19.39 -5.32
CA PRO B 135 -38.42 -20.33 -4.33
C PRO B 135 -38.30 -19.66 -2.95
N LEU B 136 -38.70 -20.36 -1.90
CA LEU B 136 -38.63 -19.83 -0.56
C LEU B 136 -37.91 -20.79 0.37
N ILE B 137 -36.88 -20.30 1.06
CA ILE B 137 -36.13 -21.11 2.01
C ILE B 137 -36.62 -20.67 3.39
N GLU B 138 -37.24 -21.60 4.12
CA GLU B 138 -37.78 -21.37 5.46
C GLU B 138 -36.82 -21.91 6.51
N SER B 139 -36.58 -21.13 7.54
CA SER B 139 -35.62 -21.54 8.55
C SER B 139 -36.02 -21.08 9.92
N GLY B 140 -35.52 -21.79 10.93
CA GLY B 140 -35.82 -21.40 12.29
C GLY B 140 -34.76 -21.94 13.23
N THR B 141 -34.60 -21.31 14.39
CA THR B 141 -33.65 -21.79 15.39
C THR B 141 -34.31 -21.59 16.74
N ALA B 142 -33.89 -22.40 17.70
CA ALA B 142 -34.39 -22.32 19.08
C ALA B 142 -33.32 -22.98 19.94
N GLY B 143 -32.62 -22.17 20.74
CA GLY B 143 -31.57 -22.73 21.57
C GLY B 143 -30.50 -23.38 20.70
N TYR B 144 -30.33 -24.70 20.84
CA TYR B 144 -29.33 -25.41 20.04
C TYR B 144 -29.92 -26.08 18.80
N LEU B 145 -31.23 -25.97 18.61
CA LEU B 145 -31.84 -26.60 17.46
C LEU B 145 -32.11 -25.64 16.32
N GLY B 146 -32.18 -26.19 15.12
CA GLY B 146 -32.47 -25.39 13.94
C GLY B 146 -32.89 -26.27 12.77
N GLN B 147 -33.51 -25.67 11.77
CA GLN B 147 -33.89 -26.44 10.60
C GLN B 147 -33.97 -25.54 9.38
N VAL B 148 -33.78 -26.13 8.22
CA VAL B 148 -33.83 -25.39 6.99
C VAL B 148 -34.56 -26.23 5.98
N THR B 149 -35.42 -25.60 5.20
CA THR B 149 -36.12 -26.33 4.16
C THR B 149 -36.46 -25.40 3.00
N THR B 150 -36.65 -26.00 1.83
CA THR B 150 -36.97 -25.24 0.62
C THR B 150 -38.44 -25.42 0.26
N ILE B 151 -39.08 -24.34 -0.17
CA ILE B 151 -40.47 -24.37 -0.58
C ILE B 151 -40.62 -23.84 -2.01
N LYS B 152 -41.04 -24.71 -2.92
CA LYS B 152 -41.24 -24.33 -4.31
C LYS B 152 -42.61 -24.77 -4.83
N LYS B 153 -43.41 -23.81 -5.26
CA LYS B 153 -44.75 -24.07 -5.78
C LYS B 153 -44.79 -25.17 -6.82
N GLY B 154 -45.75 -26.08 -6.67
CA GLY B 154 -45.90 -27.16 -7.63
C GLY B 154 -44.83 -28.24 -7.55
N VAL B 155 -43.88 -28.09 -6.63
CA VAL B 155 -42.81 -29.06 -6.50
C VAL B 155 -42.64 -29.65 -5.10
N THR B 156 -42.78 -28.82 -4.07
CA THR B 156 -42.60 -29.31 -2.71
C THR B 156 -43.80 -28.93 -1.85
N GLU B 157 -43.80 -29.36 -0.60
CA GLU B 157 -44.85 -28.98 0.31
C GLU B 157 -44.62 -27.50 0.58
N CYS B 158 -45.63 -26.81 1.09
CA CYS B 158 -45.50 -25.40 1.38
C CYS B 158 -45.36 -25.30 2.90
N TYR B 159 -45.20 -24.10 3.43
CA TYR B 159 -45.03 -23.96 4.87
C TYR B 159 -46.23 -24.45 5.65
N GLU B 160 -47.39 -24.39 5.01
CA GLU B 160 -48.64 -24.77 5.67
C GLU B 160 -49.20 -26.16 5.32
N CYS B 161 -48.46 -26.93 4.52
CA CYS B 161 -48.92 -28.25 4.14
C CYS B 161 -49.03 -29.16 5.37
N HIS B 162 -48.28 -28.80 6.41
CA HIS B 162 -48.30 -29.51 7.68
C HIS B 162 -48.10 -28.49 8.79
N PRO B 163 -49.19 -27.80 9.17
CA PRO B 163 -49.16 -26.79 10.23
C PRO B 163 -48.59 -27.33 11.54
N LYS B 164 -48.07 -26.43 12.37
CA LYS B 164 -47.49 -26.81 13.65
C LYS B 164 -48.53 -26.62 14.75
N PRO B 165 -48.39 -27.36 15.87
CA PRO B 165 -49.31 -27.28 17.02
C PRO B 165 -49.39 -25.88 17.62
N THR B 166 -50.61 -25.36 17.73
CA THR B 166 -50.84 -24.03 18.29
C THR B 166 -50.44 -23.98 19.78
N GLN B 167 -50.22 -22.78 20.29
CA GLN B 167 -49.84 -22.61 21.69
C GLN B 167 -51.04 -22.71 22.64
N ARG B 168 -50.82 -23.29 23.81
CA ARG B 168 -51.85 -23.48 24.82
C ARG B 168 -52.65 -22.19 25.07
N THR B 169 -53.94 -22.21 24.74
CA THR B 169 -54.82 -21.06 24.93
C THR B 169 -55.65 -21.28 26.19
N PHE B 170 -56.21 -20.21 26.75
CA PHE B 170 -57.01 -20.33 27.97
C PHE B 170 -58.38 -19.68 27.86
N PRO B 171 -59.37 -20.21 28.59
CA PRO B 171 -60.75 -19.72 28.62
C PRO B 171 -60.90 -18.46 29.48
N GLY B 172 -61.41 -17.39 28.87
CA GLY B 172 -61.60 -16.14 29.58
C GLY B 172 -62.39 -16.27 30.87
N ALA B 173 -62.80 -17.49 31.20
CA ALA B 173 -63.55 -17.74 32.41
C ALA B 173 -62.63 -17.90 33.62
N THR B 174 -61.74 -18.89 33.58
CA THR B 174 -60.82 -19.12 34.69
C THR B 174 -59.76 -18.03 34.84
N ILE B 175 -59.40 -17.39 33.73
CA ILE B 175 -58.42 -16.31 33.79
C ILE B 175 -59.01 -15.16 34.59
N ARG B 176 -60.34 -15.05 34.57
CA ARG B 176 -61.05 -13.99 35.27
C ARG B 176 -61.67 -14.40 36.60
N ASN B 177 -62.00 -15.68 36.76
CA ASN B 177 -62.64 -16.14 37.99
C ASN B 177 -61.95 -17.30 38.74
N THR B 178 -61.29 -18.20 38.02
CA THR B 178 -60.65 -19.32 38.70
C THR B 178 -59.28 -19.73 38.17
N PRO B 179 -58.25 -18.92 38.44
CA PRO B 179 -56.89 -19.24 37.99
C PRO B 179 -56.32 -20.37 38.83
N SER B 180 -55.54 -21.25 38.20
CA SER B 180 -54.98 -22.38 38.91
C SER B 180 -53.47 -22.48 38.75
N GLU B 181 -52.97 -21.97 37.63
CA GLU B 181 -51.55 -22.02 37.33
C GLU B 181 -50.94 -20.62 37.26
N PRO B 182 -49.61 -20.52 37.41
CA PRO B 182 -48.93 -19.22 37.35
C PRO B 182 -49.18 -18.56 36.01
N ILE B 183 -49.09 -19.34 34.93
CA ILE B 183 -49.29 -18.82 33.59
C ILE B 183 -50.64 -18.12 33.47
N HIS B 184 -51.61 -18.55 34.28
CA HIS B 184 -52.94 -17.95 34.26
C HIS B 184 -52.90 -16.51 34.77
N CYS B 185 -52.12 -16.30 35.84
CA CYS B 185 -51.97 -14.98 36.44
C CYS B 185 -51.23 -14.07 35.48
N ILE B 186 -50.21 -14.62 34.83
CA ILE B 186 -49.41 -13.87 33.87
C ILE B 186 -50.30 -13.42 32.72
N VAL B 187 -51.15 -14.31 32.23
CA VAL B 187 -52.06 -13.97 31.13
C VAL B 187 -52.97 -12.85 31.61
N TRP B 188 -53.44 -12.98 32.84
CA TRP B 188 -54.30 -12.00 33.47
C TRP B 188 -53.62 -10.64 33.51
N ALA B 189 -52.34 -10.64 33.92
CA ALA B 189 -51.56 -9.40 34.00
C ALA B 189 -51.39 -8.74 32.64
N LYS B 190 -51.14 -9.55 31.60
CA LYS B 190 -50.98 -8.99 30.25
C LYS B 190 -52.30 -8.45 29.73
N TYR B 191 -53.41 -9.08 30.10
CA TYR B 191 -54.72 -8.58 29.68
C TYR B 191 -54.89 -7.24 30.36
N LEU B 192 -54.65 -7.23 31.68
CA LEU B 192 -54.77 -6.02 32.48
C LEU B 192 -54.00 -4.85 31.86
N PHE B 193 -52.81 -5.14 31.34
CA PHE B 193 -52.00 -4.09 30.73
C PHE B 193 -52.74 -3.44 29.57
N ASN B 194 -53.24 -4.25 28.64
CA ASN B 194 -53.96 -3.73 27.49
C ASN B 194 -55.18 -2.92 27.91
N GLN B 195 -56.02 -3.53 28.75
CA GLN B 195 -57.21 -2.88 29.25
C GLN B 195 -56.90 -1.49 29.80
N LEU B 196 -55.77 -1.36 30.48
CA LEU B 196 -55.38 -0.08 31.08
C LEU B 196 -54.66 0.90 30.16
N PHE B 197 -53.57 0.46 29.52
CA PHE B 197 -52.79 1.35 28.67
C PHE B 197 -52.82 1.12 27.18
N GLY B 198 -53.31 -0.04 26.75
CA GLY B 198 -53.34 -0.32 25.33
C GLY B 198 -54.69 -0.53 24.68
N GLU B 199 -54.74 -1.48 23.74
CA GLU B 199 -55.96 -1.80 23.01
C GLU B 199 -56.89 -2.63 23.88
N GLU B 200 -58.18 -2.31 23.80
CA GLU B 200 -59.19 -3.01 24.58
C GLU B 200 -59.80 -4.15 23.78
N ASP B 201 -60.03 -5.28 24.45
CA ASP B 201 -60.61 -6.44 23.79
C ASP B 201 -61.54 -7.16 24.75
N ALA B 202 -62.76 -7.40 24.31
CA ALA B 202 -63.77 -8.08 25.12
C ALA B 202 -63.28 -9.40 25.71
N ASP B 203 -62.41 -10.09 24.98
CA ASP B 203 -61.88 -11.37 25.44
C ASP B 203 -60.74 -11.23 26.45
N GLN B 204 -60.32 -10.00 26.70
CA GLN B 204 -59.24 -9.75 27.65
C GLN B 204 -59.70 -8.98 28.88
N GLU B 205 -61.00 -9.00 29.16
CA GLU B 205 -61.54 -8.31 30.33
C GLU B 205 -60.81 -8.84 31.56
N VAL B 206 -60.43 -7.93 32.45
CA VAL B 206 -59.71 -8.31 33.66
C VAL B 206 -60.65 -8.57 34.84
N SER B 207 -61.79 -7.89 34.85
CA SER B 207 -62.78 -8.02 35.93
C SER B 207 -63.37 -9.43 35.99
N PRO B 208 -63.88 -9.84 37.17
CA PRO B 208 -64.46 -11.18 37.32
C PRO B 208 -65.72 -11.36 36.48
N ASP B 209 -65.65 -12.26 35.50
CA ASP B 209 -66.77 -12.53 34.61
C ASP B 209 -67.98 -13.12 35.35
N ARG B 210 -69.05 -12.33 35.44
CA ARG B 210 -70.26 -12.77 36.11
C ARG B 210 -71.15 -13.56 35.15
N ALA B 211 -70.55 -14.13 34.11
CA ALA B 211 -71.28 -14.90 33.12
C ALA B 211 -70.76 -16.34 33.03
N ASP B 212 -69.88 -16.70 33.95
CA ASP B 212 -69.30 -18.04 33.97
C ASP B 212 -70.31 -19.09 34.42
N PRO B 213 -70.62 -20.05 33.53
CA PRO B 213 -71.56 -21.14 33.83
C PRO B 213 -71.06 -22.09 34.92
N GLU B 214 -69.76 -22.06 35.18
CA GLU B 214 -69.15 -22.93 36.19
C GLU B 214 -69.68 -22.64 37.59
N ALA B 215 -70.27 -21.47 37.78
CA ALA B 215 -70.83 -21.08 39.08
C ALA B 215 -72.04 -20.17 38.92
N ALA B 216 -73.19 -20.65 39.41
CA ALA B 216 -74.44 -19.91 39.31
C ALA B 216 -74.27 -18.46 39.74
N TRP B 217 -75.13 -17.59 39.21
CA TRP B 217 -75.09 -16.17 39.54
C TRP B 217 -76.31 -15.80 40.37
N GLU B 218 -77.23 -15.05 39.77
CA GLU B 218 -78.45 -14.61 40.43
C GLU B 218 -79.65 -15.36 39.87
N THR B 240 -63.38 -0.50 32.89
CA THR B 240 -62.07 -0.58 33.53
C THR B 240 -61.14 0.52 33.05
N LYS B 241 -60.98 0.61 31.73
CA LYS B 241 -60.12 1.63 31.14
C LYS B 241 -60.63 3.00 31.58
N GLU B 242 -61.96 3.15 31.56
CA GLU B 242 -62.62 4.40 31.94
C GLU B 242 -62.15 4.84 33.32
N TRP B 243 -62.59 4.08 34.32
CA TRP B 243 -62.27 4.35 35.72
C TRP B 243 -60.79 4.64 35.93
N ALA B 244 -59.94 3.71 35.48
CA ALA B 244 -58.50 3.89 35.63
C ALA B 244 -58.04 5.27 35.19
N LYS B 245 -58.43 5.67 33.99
CA LYS B 245 -58.02 6.98 33.47
C LYS B 245 -58.59 8.16 34.26
N SER B 246 -59.79 8.00 34.79
CA SER B 246 -60.41 9.09 35.55
C SER B 246 -59.65 9.34 36.84
N THR B 247 -59.17 8.27 37.47
CA THR B 247 -58.43 8.36 38.73
C THR B 247 -57.01 8.85 38.49
N GLY B 248 -56.65 9.05 37.24
CA GLY B 248 -55.31 9.50 36.93
C GLY B 248 -54.34 8.36 37.11
N TYR B 249 -54.87 7.14 37.03
CA TYR B 249 -54.06 5.94 37.20
C TYR B 249 -53.41 5.97 38.58
N ASP B 250 -54.25 6.06 39.60
CA ASP B 250 -53.76 6.07 40.97
C ASP B 250 -53.49 4.63 41.37
N PRO B 251 -52.21 4.28 41.55
CA PRO B 251 -51.78 2.94 41.94
C PRO B 251 -52.60 2.36 43.09
N VAL B 252 -52.86 3.17 44.10
CA VAL B 252 -53.61 2.72 45.27
C VAL B 252 -55.05 2.37 44.90
N LYS B 253 -55.70 3.25 44.14
CA LYS B 253 -57.08 3.00 43.72
C LYS B 253 -57.10 1.74 42.87
N LEU B 254 -56.24 1.70 41.85
CA LEU B 254 -56.15 0.54 40.97
C LEU B 254 -55.88 -0.73 41.77
N PHE B 255 -54.96 -0.63 42.72
CA PHE B 255 -54.60 -1.79 43.55
C PHE B 255 -55.81 -2.33 44.28
N THR B 256 -56.41 -1.48 45.11
CA THR B 256 -57.56 -1.86 45.91
C THR B 256 -58.65 -2.56 45.10
N LYS B 257 -58.98 -1.99 43.95
CA LYS B 257 -60.01 -2.56 43.09
C LYS B 257 -59.67 -3.94 42.54
N LEU B 258 -58.43 -4.11 42.09
CA LEU B 258 -57.99 -5.37 41.50
C LEU B 258 -57.56 -6.47 42.45
N PHE B 259 -57.14 -6.11 43.66
CA PHE B 259 -56.68 -7.11 44.61
C PHE B 259 -57.47 -7.19 45.91
N LYS B 260 -58.46 -6.31 46.05
CA LYS B 260 -59.30 -6.30 47.24
C LYS B 260 -60.77 -6.41 46.85
N ASP B 261 -61.28 -5.37 46.20
CA ASP B 261 -62.67 -5.32 45.78
C ASP B 261 -63.06 -6.50 44.89
N ASP B 262 -62.41 -6.62 43.73
CA ASP B 262 -62.72 -7.70 42.81
C ASP B 262 -62.57 -9.09 43.41
N ILE B 263 -61.50 -9.34 44.15
CA ILE B 263 -61.31 -10.64 44.77
C ILE B 263 -62.41 -10.90 45.78
N ARG B 264 -62.92 -9.83 46.40
CA ARG B 264 -63.98 -9.96 47.38
C ARG B 264 -65.30 -10.14 46.61
N TYR B 265 -65.50 -9.34 45.57
CA TYR B 265 -66.69 -9.42 44.74
C TYR B 265 -66.75 -10.79 44.07
N LEU B 266 -65.58 -11.43 43.98
CA LEU B 266 -65.49 -12.75 43.38
C LEU B 266 -66.03 -13.78 44.38
N LEU B 267 -65.81 -13.50 45.65
CA LEU B 267 -66.27 -14.38 46.72
C LEU B 267 -67.80 -14.42 46.78
N THR B 268 -68.46 -13.53 46.04
CA THR B 268 -69.91 -13.50 46.00
C THR B 268 -70.42 -14.81 45.43
N MET B 269 -69.78 -15.25 44.34
CA MET B 269 -70.15 -16.51 43.70
C MET B 269 -69.67 -17.64 44.60
N ASP B 270 -70.44 -17.90 45.66
CA ASP B 270 -70.11 -18.95 46.62
C ASP B 270 -69.86 -20.29 45.94
N LYS B 271 -70.58 -20.56 44.86
CA LYS B 271 -70.45 -21.81 44.14
C LYS B 271 -69.00 -22.09 43.74
N LEU B 272 -68.33 -21.08 43.20
CA LEU B 272 -66.94 -21.20 42.77
C LEU B 272 -66.04 -21.99 43.70
N TRP B 273 -66.04 -21.63 44.98
CA TRP B 273 -65.18 -22.32 45.94
C TRP B 273 -65.93 -23.19 46.92
N ARG B 274 -65.46 -24.42 47.08
CA ARG B 274 -66.05 -25.37 47.99
C ARG B 274 -65.29 -26.69 47.86
N LYS B 275 -64.22 -26.64 47.07
CA LYS B 275 -63.36 -27.80 46.84
C LYS B 275 -61.91 -27.33 46.79
N ARG B 276 -61.71 -26.02 46.59
CA ARG B 276 -60.38 -25.45 46.51
C ARG B 276 -60.21 -24.21 47.37
N LYS B 277 -58.96 -23.94 47.77
CA LYS B 277 -58.63 -22.78 48.60
C LYS B 277 -59.07 -21.50 47.90
N PRO B 278 -60.05 -20.78 48.48
CA PRO B 278 -60.55 -19.52 47.90
C PRO B 278 -59.53 -18.38 48.01
N PRO B 279 -59.65 -17.38 47.13
CA PRO B 279 -58.74 -16.23 47.12
C PRO B 279 -58.82 -15.36 48.37
N VAL B 280 -57.70 -14.78 48.76
CA VAL B 280 -57.62 -13.92 49.92
C VAL B 280 -57.29 -12.49 49.46
N PRO B 281 -58.19 -11.53 49.69
CA PRO B 281 -57.99 -10.14 49.30
C PRO B 281 -56.76 -9.49 49.93
N LEU B 282 -56.26 -8.44 49.29
CA LEU B 282 -55.11 -7.73 49.81
C LEU B 282 -55.43 -6.26 49.97
N ASP B 283 -54.96 -5.68 51.06
CA ASP B 283 -55.19 -4.27 51.32
C ASP B 283 -53.86 -3.55 51.13
N TRP B 284 -53.90 -2.41 50.45
CA TRP B 284 -52.69 -1.64 50.22
C TRP B 284 -51.94 -1.33 51.50
N ALA B 285 -52.64 -0.72 52.45
CA ALA B 285 -52.04 -0.34 53.73
C ALA B 285 -51.52 -1.54 54.54
N GLU B 286 -52.27 -2.64 54.56
CA GLU B 286 -51.84 -3.81 55.30
C GLU B 286 -50.56 -4.40 54.72
N VAL B 287 -50.49 -4.48 53.40
CA VAL B 287 -49.31 -5.01 52.72
C VAL B 287 -48.08 -4.15 53.03
N GLN B 288 -48.25 -2.84 52.97
CA GLN B 288 -47.15 -1.91 53.23
C GLN B 288 -46.68 -1.93 54.68
N SER B 289 -47.52 -2.43 55.59
CA SER B 289 -47.16 -2.47 57.00
C SER B 289 -46.25 -3.65 57.35
N GLN B 290 -46.42 -4.77 56.65
CA GLN B 290 -45.62 -5.97 56.91
C GLN B 290 -44.12 -5.68 56.95
N LEU B 305 -27.65 -17.96 45.17
CA LEU B 305 -28.19 -16.72 44.61
C LEU B 305 -28.25 -16.72 43.08
N GLY B 306 -27.65 -15.70 42.46
CA GLY B 306 -27.67 -15.60 41.01
C GLY B 306 -27.96 -14.18 40.56
N LEU B 307 -28.68 -14.04 39.45
CA LEU B 307 -29.03 -12.71 38.93
C LEU B 307 -30.12 -12.08 39.80
N LYS B 308 -30.05 -10.77 39.96
CA LYS B 308 -31.02 -10.06 40.77
C LYS B 308 -32.46 -10.40 40.34
N ASP B 309 -32.67 -10.56 39.02
CA ASP B 309 -33.99 -10.89 38.50
C ASP B 309 -34.43 -12.31 38.82
N GLN B 310 -33.47 -13.15 39.20
CA GLN B 310 -33.81 -14.54 39.50
C GLN B 310 -34.24 -14.70 40.96
N GLN B 311 -34.26 -13.59 41.69
CA GLN B 311 -34.68 -13.60 43.09
C GLN B 311 -36.19 -13.40 43.16
N VAL B 312 -36.83 -14.05 44.14
CA VAL B 312 -38.26 -13.90 44.31
C VAL B 312 -38.45 -12.97 45.50
N LEU B 313 -39.01 -11.79 45.23
CA LEU B 313 -39.22 -10.77 46.25
C LEU B 313 -40.49 -11.09 47.03
N ASP B 314 -40.75 -10.34 48.10
CA ASP B 314 -41.95 -10.57 48.89
C ASP B 314 -43.13 -9.76 48.37
N VAL B 315 -44.31 -10.04 48.90
CA VAL B 315 -45.54 -9.35 48.47
C VAL B 315 -45.37 -7.82 48.46
N LYS B 316 -44.92 -7.27 49.59
CA LYS B 316 -44.73 -5.83 49.72
C LYS B 316 -43.90 -5.27 48.55
N SER B 317 -42.81 -5.96 48.22
CA SER B 317 -41.94 -5.53 47.13
C SER B 317 -42.66 -5.48 45.79
N TYR B 318 -43.49 -6.47 45.50
CA TYR B 318 -44.21 -6.48 44.24
C TYR B 318 -45.34 -5.47 44.20
N ALA B 319 -45.84 -5.07 45.37
CA ALA B 319 -46.89 -4.06 45.43
C ALA B 319 -46.20 -2.72 45.13
N ARG B 320 -44.97 -2.57 45.61
CA ARG B 320 -44.21 -1.36 45.37
C ARG B 320 -43.84 -1.30 43.89
N LEU B 321 -43.58 -2.45 43.29
CA LEU B 321 -43.22 -2.50 41.87
C LEU B 321 -44.46 -2.12 41.04
N PHE B 322 -45.62 -2.62 41.46
CA PHE B 322 -46.88 -2.32 40.78
C PHE B 322 -47.09 -0.81 40.69
N SER B 323 -47.04 -0.18 41.85
CA SER B 323 -47.21 1.27 41.96
C SER B 323 -46.19 2.03 41.09
N LYS B 324 -44.93 1.64 41.19
CA LYS B 324 -43.84 2.26 40.43
C LYS B 324 -44.03 2.17 38.92
N SER B 325 -44.30 0.97 38.43
CA SER B 325 -44.48 0.77 37.00
C SER B 325 -45.61 1.61 36.44
N ILE B 326 -46.71 1.69 37.18
CA ILE B 326 -47.88 2.47 36.76
C ILE B 326 -47.51 3.95 36.61
N GLU B 327 -46.77 4.48 37.58
CA GLU B 327 -46.36 5.88 37.53
C GLU B 327 -45.61 6.16 36.24
N THR B 328 -44.69 5.26 35.88
CA THR B 328 -43.90 5.44 34.67
C THR B 328 -44.74 5.26 33.42
N LEU B 329 -45.54 4.19 33.40
CA LEU B 329 -46.39 3.91 32.25
C LEU B 329 -47.37 5.04 31.94
N ARG B 330 -48.06 5.55 32.95
CA ARG B 330 -49.04 6.61 32.72
C ARG B 330 -48.40 7.86 32.12
N VAL B 331 -47.13 8.12 32.44
CA VAL B 331 -46.45 9.27 31.87
C VAL B 331 -46.18 9.01 30.39
N HIS B 332 -45.69 7.82 30.07
CA HIS B 332 -45.42 7.46 28.67
C HIS B 332 -46.67 7.61 27.83
N LEU B 333 -47.79 7.09 28.34
CA LEU B 333 -49.07 7.14 27.65
C LEU B 333 -49.54 8.57 27.43
N ALA B 334 -49.26 9.44 28.40
CA ALA B 334 -49.67 10.83 28.31
C ALA B 334 -48.81 11.61 27.32
N GLU B 335 -47.54 11.23 27.21
CA GLU B 335 -46.63 11.91 26.30
C GLU B 335 -46.86 11.54 24.84
N LYS B 336 -47.71 10.55 24.61
CA LYS B 336 -48.02 10.12 23.25
C LYS B 336 -49.25 10.84 22.71
N GLY B 337 -49.92 11.60 23.56
CA GLY B 337 -51.10 12.32 23.14
C GLY B 337 -52.39 11.64 23.54
N ASP B 338 -53.50 12.35 23.42
CA ASP B 338 -54.81 11.82 23.79
C ASP B 338 -55.26 10.71 22.84
N GLY B 339 -56.01 9.76 23.38
CA GLY B 339 -56.50 8.65 22.58
C GLY B 339 -55.40 7.68 22.18
N ALA B 340 -54.17 8.00 22.60
CA ALA B 340 -53.01 7.15 22.30
C ALA B 340 -53.07 5.84 23.07
N GLU B 341 -52.51 4.79 22.49
CA GLU B 341 -52.47 3.48 23.12
C GLU B 341 -51.05 2.95 23.17
N LEU B 342 -50.73 2.25 24.25
CA LEU B 342 -49.41 1.67 24.43
C LEU B 342 -49.42 0.22 23.99
N ILE B 343 -48.35 -0.23 23.37
CA ILE B 343 -48.26 -1.62 22.93
C ILE B 343 -47.28 -2.35 23.86
N TRP B 344 -47.76 -3.41 24.49
CA TRP B 344 -46.91 -4.16 25.40
C TRP B 344 -45.70 -4.78 24.72
N ASP B 345 -44.53 -4.53 25.29
CA ASP B 345 -43.27 -5.05 24.75
C ASP B 345 -42.45 -5.70 25.86
N LYS B 346 -42.16 -6.99 25.69
CA LYS B 346 -41.39 -7.75 26.67
C LYS B 346 -40.06 -7.09 27.04
N ASP B 347 -39.48 -6.33 26.11
CA ASP B 347 -38.20 -5.67 26.36
C ASP B 347 -38.27 -4.34 27.08
N ASP B 348 -39.47 -3.81 27.29
CA ASP B 348 -39.61 -2.55 28.02
C ASP B 348 -39.63 -2.84 29.52
N PRO B 349 -38.70 -2.25 30.27
CA PRO B 349 -38.64 -2.46 31.73
C PRO B 349 -39.96 -2.26 32.47
N SER B 350 -40.54 -1.07 32.33
CA SER B 350 -41.79 -0.77 33.00
C SER B 350 -42.91 -1.73 32.64
N ALA B 351 -43.10 -1.96 31.34
CA ALA B 351 -44.15 -2.86 30.87
C ALA B 351 -43.93 -4.24 31.51
N MET B 352 -42.67 -4.67 31.55
CA MET B 352 -42.35 -5.96 32.13
C MET B 352 -42.52 -5.92 33.65
N ASP B 353 -42.23 -4.77 34.27
CA ASP B 353 -42.39 -4.63 35.72
C ASP B 353 -43.87 -4.72 36.08
N PHE B 354 -44.73 -4.09 35.29
CA PHE B 354 -46.15 -4.11 35.55
C PHE B 354 -46.71 -5.52 35.55
N VAL B 355 -46.43 -6.26 34.48
CA VAL B 355 -46.90 -7.62 34.33
C VAL B 355 -46.34 -8.51 35.43
N THR B 356 -45.06 -8.31 35.75
CA THR B 356 -44.39 -9.09 36.79
C THR B 356 -45.06 -8.92 38.14
N SER B 357 -45.28 -7.66 38.53
CA SER B 357 -45.87 -7.35 39.81
C SER B 357 -47.34 -7.73 39.85
N ALA B 358 -48.09 -7.33 38.83
CA ALA B 358 -49.51 -7.66 38.82
C ALA B 358 -49.66 -9.17 38.88
N ALA B 359 -48.88 -9.89 38.09
CA ALA B 359 -48.94 -11.34 38.06
C ALA B 359 -48.68 -11.97 39.41
N ASN B 360 -47.55 -11.61 40.03
CA ASN B 360 -47.21 -12.17 41.33
C ASN B 360 -48.20 -11.81 42.43
N LEU B 361 -48.87 -10.67 42.30
CA LEU B 361 -49.83 -10.28 43.31
C LEU B 361 -51.07 -11.19 43.22
N ARG B 362 -51.45 -11.55 41.99
CA ARG B 362 -52.60 -12.43 41.82
C ARG B 362 -52.22 -13.83 42.27
N MET B 363 -51.04 -14.28 41.87
CA MET B 363 -50.58 -15.61 42.26
C MET B 363 -50.68 -15.82 43.76
N HIS B 364 -50.19 -14.85 44.53
CA HIS B 364 -50.22 -14.93 45.98
C HIS B 364 -51.65 -15.04 46.47
N ILE B 365 -52.51 -14.17 45.96
CA ILE B 365 -53.91 -14.16 46.33
C ILE B 365 -54.51 -15.56 46.23
N PHE B 366 -54.07 -16.32 45.23
CA PHE B 366 -54.56 -17.68 45.04
C PHE B 366 -53.64 -18.76 45.58
N SER B 367 -53.02 -18.47 46.73
CA SER B 367 -52.13 -19.41 47.41
C SER B 367 -51.01 -20.07 46.58
N MET B 368 -50.66 -19.47 45.45
CA MET B 368 -49.59 -20.03 44.62
C MET B 368 -48.27 -19.34 44.95
N ASN B 369 -47.17 -20.03 44.72
CA ASN B 369 -45.87 -19.43 44.96
C ASN B 369 -45.59 -18.45 43.83
N MET B 370 -45.09 -17.27 44.17
CA MET B 370 -44.79 -16.26 43.17
C MET B 370 -43.53 -16.66 42.44
N LYS B 371 -43.26 -16.04 41.30
CA LYS B 371 -42.07 -16.36 40.52
C LYS B 371 -41.22 -15.11 40.24
N SER B 372 -39.94 -15.32 39.99
CA SER B 372 -39.04 -14.21 39.73
C SER B 372 -39.42 -13.46 38.45
N ARG B 373 -38.91 -12.24 38.33
CA ARG B 373 -39.16 -11.42 37.16
C ARG B 373 -38.53 -12.12 35.96
N PHE B 374 -37.41 -12.79 36.20
CA PHE B 374 -36.70 -13.51 35.15
C PHE B 374 -37.58 -14.61 34.55
N ASP B 375 -38.29 -15.37 35.39
CA ASP B 375 -39.16 -16.43 34.88
C ASP B 375 -40.43 -15.87 34.24
N ILE B 376 -41.03 -14.87 34.86
CA ILE B 376 -42.24 -14.28 34.30
C ILE B 376 -41.96 -13.69 32.92
N LYS B 377 -40.76 -13.13 32.75
CA LYS B 377 -40.37 -12.52 31.48
C LYS B 377 -40.35 -13.56 30.37
N SER B 378 -39.85 -14.76 30.68
CA SER B 378 -39.80 -15.85 29.71
C SER B 378 -41.20 -16.28 29.28
N MET B 379 -42.08 -16.45 30.26
CA MET B 379 -43.44 -16.87 29.97
C MET B 379 -44.23 -15.77 29.31
N ALA B 380 -44.26 -14.60 29.92
CA ALA B 380 -45.02 -13.47 29.38
C ALA B 380 -44.59 -13.09 27.96
N GLY B 381 -43.29 -13.10 27.69
CA GLY B 381 -42.83 -12.74 26.36
C GLY B 381 -42.55 -13.90 25.43
N ASN B 382 -42.83 -15.12 25.91
CA ASN B 382 -42.58 -16.33 25.12
C ASN B 382 -41.19 -16.25 24.51
N ILE B 383 -40.21 -15.94 25.36
CA ILE B 383 -38.82 -15.79 24.93
C ILE B 383 -38.16 -17.12 24.58
N ILE B 384 -37.49 -17.16 23.45
CA ILE B 384 -36.79 -18.36 23.00
C ILE B 384 -35.28 -18.18 23.24
N PRO B 385 -34.64 -19.09 24.00
CA PRO B 385 -33.20 -18.93 24.24
C PRO B 385 -32.47 -18.86 22.90
N ALA B 386 -31.44 -18.02 22.81
CA ALA B 386 -30.72 -17.86 21.55
C ALA B 386 -29.25 -17.52 21.71
N ILE B 387 -28.45 -18.18 20.88
CA ILE B 387 -27.01 -17.99 20.87
C ILE B 387 -26.54 -17.74 19.43
N ALA B 388 -25.32 -17.21 19.29
CA ALA B 388 -24.80 -16.90 17.97
C ALA B 388 -24.52 -18.11 17.13
N THR B 389 -23.89 -19.09 17.73
CA THR B 389 -23.50 -20.29 17.03
C THR B 389 -24.60 -21.06 16.26
N THR B 390 -25.76 -21.23 16.86
CA THR B 390 -26.83 -21.96 16.19
C THR B 390 -27.31 -21.18 14.96
N ASN B 391 -27.46 -19.88 15.11
CA ASN B 391 -27.89 -19.05 14.01
C ASN B 391 -26.87 -19.03 12.88
N ALA B 392 -25.59 -19.07 13.23
CA ALA B 392 -24.55 -19.08 12.22
C ALA B 392 -24.63 -20.37 11.40
N VAL B 393 -24.82 -21.49 12.08
CA VAL B 393 -24.92 -22.77 11.39
C VAL B 393 -26.07 -22.75 10.38
N ILE B 394 -27.24 -22.31 10.81
CA ILE B 394 -28.41 -22.27 9.93
C ILE B 394 -28.22 -21.33 8.75
N ALA B 395 -27.73 -20.12 9.00
CA ALA B 395 -27.52 -19.17 7.91
C ALA B 395 -26.57 -19.77 6.88
N GLY B 396 -25.60 -20.55 7.33
CA GLY B 396 -24.68 -21.16 6.39
C GLY B 396 -25.37 -22.20 5.53
N LEU B 397 -26.26 -22.99 6.13
CA LEU B 397 -26.97 -24.03 5.37
C LEU B 397 -27.93 -23.35 4.39
N ILE B 398 -28.53 -22.25 4.82
CA ILE B 398 -29.44 -21.53 3.98
C ILE B 398 -28.79 -21.17 2.64
N VAL B 399 -27.60 -20.58 2.67
CA VAL B 399 -26.92 -20.19 1.43
C VAL B 399 -26.57 -21.42 0.60
N LEU B 400 -26.24 -22.52 1.25
CA LEU B 400 -25.91 -23.73 0.50
C LEU B 400 -27.13 -24.24 -0.30
N GLU B 401 -28.33 -24.14 0.29
CA GLU B 401 -29.53 -24.60 -0.40
C GLU B 401 -29.85 -23.63 -1.55
N GLY B 402 -29.70 -22.33 -1.29
CA GLY B 402 -29.96 -21.34 -2.31
C GLY B 402 -29.08 -21.53 -3.54
N LEU B 403 -27.82 -21.91 -3.33
CA LEU B 403 -26.90 -22.12 -4.46
C LEU B 403 -27.41 -23.23 -5.35
N LYS B 404 -27.97 -24.27 -4.74
CA LYS B 404 -28.51 -25.37 -5.51
C LYS B 404 -29.76 -24.91 -6.24
N ILE B 405 -30.58 -24.11 -5.57
CA ILE B 405 -31.79 -23.61 -6.19
C ILE B 405 -31.43 -22.80 -7.43
N LEU B 406 -30.62 -21.76 -7.26
CA LEU B 406 -30.21 -20.90 -8.37
C LEU B 406 -29.40 -21.66 -9.40
N SER B 407 -28.93 -22.85 -9.03
CA SER B 407 -28.11 -23.65 -9.93
C SER B 407 -28.99 -24.64 -10.70
N GLY B 408 -30.29 -24.60 -10.44
CA GLY B 408 -31.21 -25.50 -11.12
C GLY B 408 -31.23 -26.91 -10.55
N LYS B 409 -30.72 -27.09 -9.33
CA LYS B 409 -30.69 -28.41 -8.71
C LYS B 409 -31.59 -28.52 -7.49
N ILE B 410 -32.75 -27.87 -7.54
CA ILE B 410 -33.69 -27.91 -6.43
C ILE B 410 -34.03 -29.35 -5.99
N ASP B 411 -33.76 -30.33 -6.86
CA ASP B 411 -34.02 -31.72 -6.51
C ASP B 411 -32.92 -32.28 -5.60
N GLN B 412 -31.89 -31.48 -5.38
CA GLN B 412 -30.80 -31.90 -4.50
C GLN B 412 -30.96 -31.14 -3.18
N CYS B 413 -31.94 -30.25 -3.15
CA CYS B 413 -32.22 -29.50 -1.95
C CYS B 413 -32.88 -30.46 -0.96
N ARG B 414 -32.84 -30.10 0.32
CA ARG B 414 -33.45 -30.95 1.33
C ARG B 414 -33.74 -30.22 2.62
N THR B 415 -34.43 -30.91 3.52
CA THR B 415 -34.70 -30.34 4.82
C THR B 415 -33.52 -30.78 5.67
N ILE B 416 -32.96 -29.86 6.43
CA ILE B 416 -31.84 -30.22 7.27
C ILE B 416 -32.18 -29.87 8.69
N PHE B 417 -32.03 -30.85 9.58
CA PHE B 417 -32.29 -30.64 11.00
C PHE B 417 -30.98 -30.59 11.73
N LEU B 418 -30.83 -29.60 12.61
CA LEU B 418 -29.63 -29.46 13.40
C LEU B 418 -30.04 -29.88 14.81
N ASN B 419 -29.51 -31.00 15.28
CA ASN B 419 -29.84 -31.49 16.62
C ASN B 419 -28.75 -31.17 17.63
N LYS B 420 -29.04 -31.38 18.91
CA LYS B 420 -28.02 -31.10 19.93
C LYS B 420 -27.05 -32.27 20.08
N GLN B 421 -27.54 -33.49 19.84
CA GLN B 421 -26.70 -34.68 19.97
C GLN B 421 -26.76 -35.55 18.73
N PRO B 422 -25.68 -36.27 18.44
CA PRO B 422 -25.69 -37.13 17.24
C PRO B 422 -26.80 -38.18 17.41
N ASN B 423 -27.49 -38.51 16.33
CA ASN B 423 -28.55 -39.51 16.41
C ASN B 423 -27.92 -40.90 16.39
N PRO B 424 -28.73 -41.97 16.48
CA PRO B 424 -28.14 -43.32 16.47
C PRO B 424 -27.17 -43.59 15.33
N ARG B 425 -27.38 -42.93 14.19
CA ARG B 425 -26.50 -43.10 13.03
C ARG B 425 -25.33 -42.12 13.03
N LYS B 426 -25.08 -41.47 14.18
CA LYS B 426 -23.97 -40.51 14.32
C LYS B 426 -24.16 -39.16 13.63
N LYS B 427 -25.39 -38.86 13.25
CA LYS B 427 -25.68 -37.61 12.56
C LYS B 427 -26.14 -36.48 13.46
N LEU B 428 -25.41 -35.36 13.41
CA LEU B 428 -25.71 -34.15 14.18
C LEU B 428 -26.57 -33.26 13.27
N LEU B 429 -26.27 -33.29 11.98
CA LEU B 429 -27.03 -32.55 10.99
C LEU B 429 -27.71 -33.66 10.17
N VAL B 430 -29.03 -33.68 10.19
CA VAL B 430 -29.79 -34.70 9.47
C VAL B 430 -30.51 -34.18 8.25
N PRO B 431 -30.07 -34.58 7.05
CA PRO B 431 -30.72 -34.11 5.82
C PRO B 431 -31.83 -35.08 5.41
N CYS B 432 -33.02 -34.55 5.10
CA CYS B 432 -34.15 -35.36 4.67
C CYS B 432 -34.68 -34.82 3.35
N ALA B 433 -35.10 -35.71 2.45
CA ALA B 433 -35.61 -35.26 1.16
C ALA B 433 -36.89 -34.42 1.29
N LEU B 434 -37.11 -33.56 0.30
CA LEU B 434 -38.29 -32.71 0.29
C LEU B 434 -39.49 -33.54 -0.12
N ASP B 435 -40.65 -33.21 0.44
CA ASP B 435 -41.89 -33.89 0.10
C ASP B 435 -42.71 -33.13 -0.94
N PRO B 436 -43.44 -33.85 -1.79
CA PRO B 436 -44.27 -33.21 -2.83
C PRO B 436 -45.46 -32.48 -2.19
N PRO B 437 -46.12 -31.58 -2.94
CA PRO B 437 -47.26 -30.86 -2.37
C PRO B 437 -48.32 -31.81 -1.78
N ASN B 438 -48.87 -31.43 -0.63
CA ASN B 438 -49.91 -32.21 0.02
C ASN B 438 -51.27 -31.76 -0.52
N PRO B 439 -51.97 -32.64 -1.27
CA PRO B 439 -53.28 -32.30 -1.85
C PRO B 439 -54.32 -31.90 -0.81
N ASN B 440 -54.07 -32.25 0.44
CA ASN B 440 -54.99 -31.92 1.52
C ASN B 440 -54.72 -30.52 2.08
N CYS B 441 -53.61 -29.89 1.68
CA CYS B 441 -53.28 -28.57 2.20
C CYS B 441 -54.40 -27.58 1.95
N TYR B 442 -54.75 -26.81 2.97
CA TYR B 442 -55.81 -25.83 2.83
C TYR B 442 -55.28 -24.50 2.27
N VAL B 443 -54.00 -24.48 1.89
CA VAL B 443 -53.38 -23.26 1.36
C VAL B 443 -52.88 -23.39 -0.08
N CYS B 444 -52.01 -24.36 -0.34
CA CYS B 444 -51.47 -24.51 -1.67
C CYS B 444 -52.22 -25.46 -2.59
N ALA B 445 -53.32 -26.02 -2.12
CA ALA B 445 -54.11 -26.93 -2.96
C ALA B 445 -54.84 -26.16 -4.06
N SER B 446 -55.13 -26.86 -5.14
CA SER B 446 -55.80 -26.26 -6.29
C SER B 446 -57.05 -25.45 -5.92
N LYS B 447 -57.92 -26.02 -5.09
CA LYS B 447 -59.13 -25.32 -4.67
C LYS B 447 -59.28 -25.44 -3.16
N PRO B 448 -58.57 -24.60 -2.40
CA PRO B 448 -58.64 -24.62 -0.94
C PRO B 448 -60.08 -24.66 -0.42
N GLU B 449 -60.35 -25.63 0.45
CA GLU B 449 -61.68 -25.78 1.03
C GLU B 449 -61.59 -26.38 2.42
N VAL B 450 -62.30 -25.76 3.35
CA VAL B 450 -62.29 -26.19 4.74
C VAL B 450 -63.73 -26.20 5.26
N THR B 451 -63.98 -26.99 6.30
CA THR B 451 -65.31 -27.02 6.89
C THR B 451 -65.21 -26.63 8.35
N VAL B 452 -65.90 -25.55 8.70
CA VAL B 452 -65.89 -25.04 10.05
C VAL B 452 -67.21 -25.30 10.77
N ARG B 453 -67.08 -25.75 12.02
CA ARG B 453 -68.23 -26.06 12.85
C ARG B 453 -68.38 -24.94 13.89
N LEU B 454 -69.58 -24.34 13.95
CA LEU B 454 -69.84 -23.26 14.90
C LEU B 454 -71.34 -22.99 15.06
N ASN B 455 -71.69 -22.19 16.06
CA ASN B 455 -73.09 -21.85 16.33
C ASN B 455 -73.43 -20.59 15.55
N VAL B 456 -74.16 -20.75 14.45
CA VAL B 456 -74.52 -19.63 13.59
C VAL B 456 -75.39 -18.55 14.26
N HIS B 457 -75.86 -18.83 15.46
CA HIS B 457 -76.69 -17.88 16.18
C HIS B 457 -75.91 -17.13 17.25
N LYS B 458 -74.70 -17.61 17.55
CA LYS B 458 -73.88 -16.96 18.56
C LYS B 458 -72.63 -16.28 18.02
N VAL B 459 -72.16 -16.73 16.86
CA VAL B 459 -70.95 -16.14 16.27
C VAL B 459 -71.28 -14.90 15.45
N THR B 460 -70.56 -13.82 15.74
CA THR B 460 -70.74 -12.55 15.05
C THR B 460 -69.82 -12.46 13.84
N VAL B 461 -70.07 -11.49 12.97
CA VAL B 461 -69.25 -11.30 11.79
C VAL B 461 -67.84 -10.90 12.22
N LEU B 462 -67.73 -10.22 13.35
CA LEU B 462 -66.44 -9.77 13.86
C LEU B 462 -65.58 -10.94 14.30
N THR B 463 -66.20 -11.91 14.98
CA THR B 463 -65.48 -13.09 15.42
C THR B 463 -65.02 -13.87 14.19
N LEU B 464 -65.89 -13.95 13.19
CA LEU B 464 -65.57 -14.64 11.95
C LEU B 464 -64.41 -13.95 11.25
N GLN B 465 -64.42 -12.62 11.30
CA GLN B 465 -63.36 -11.85 10.65
C GLN B 465 -62.04 -11.95 11.41
N ASP B 466 -62.08 -11.67 12.71
CA ASP B 466 -60.87 -11.68 13.51
C ASP B 466 -60.34 -12.99 14.08
N LYS B 467 -61.20 -13.83 14.64
CA LYS B 467 -60.71 -15.07 15.20
C LYS B 467 -60.59 -16.23 14.21
N ILE B 468 -61.42 -16.24 13.18
CA ILE B 468 -61.38 -17.33 12.23
C ILE B 468 -60.64 -17.04 10.92
N VAL B 469 -61.07 -16.03 10.18
CA VAL B 469 -60.42 -15.71 8.93
C VAL B 469 -59.02 -15.13 9.09
N LYS B 470 -58.88 -14.12 9.95
CA LYS B 470 -57.57 -13.50 10.15
C LYS B 470 -56.63 -14.28 11.04
N GLU B 471 -57.06 -14.57 12.26
CA GLU B 471 -56.24 -15.30 13.20
C GLU B 471 -56.04 -16.77 12.82
N LYS B 472 -57.12 -17.55 12.78
CA LYS B 472 -57.01 -18.97 12.44
C LYS B 472 -56.48 -19.28 11.04
N PHE B 473 -56.98 -18.58 10.03
CA PHE B 473 -56.56 -18.83 8.66
C PHE B 473 -55.49 -17.87 8.14
N ALA B 474 -54.92 -17.10 9.07
CA ALA B 474 -53.84 -16.18 8.78
C ALA B 474 -53.99 -15.26 7.57
N MET B 475 -55.18 -14.72 7.37
CA MET B 475 -55.39 -13.79 6.26
C MET B 475 -55.15 -12.40 6.82
N VAL B 476 -54.57 -11.51 6.01
CA VAL B 476 -54.28 -10.16 6.48
C VAL B 476 -55.40 -9.16 6.25
N ALA B 477 -55.92 -9.08 5.03
CA ALA B 477 -57.01 -8.17 4.70
C ALA B 477 -58.06 -9.00 3.95
N PRO B 478 -58.94 -9.67 4.69
CA PRO B 478 -59.95 -10.50 4.03
C PRO B 478 -61.21 -9.83 3.47
N ASP B 479 -61.73 -10.46 2.43
CA ASP B 479 -62.96 -10.08 1.77
C ASP B 479 -63.76 -11.39 1.78
N VAL B 480 -64.79 -11.43 2.62
CA VAL B 480 -65.61 -12.63 2.73
C VAL B 480 -67.04 -12.37 2.26
N GLN B 481 -67.50 -13.23 1.35
CA GLN B 481 -68.86 -13.11 0.84
C GLN B 481 -69.55 -14.46 0.95
N ILE B 482 -70.87 -14.42 1.07
CA ILE B 482 -71.67 -15.64 1.17
C ILE B 482 -71.91 -16.15 -0.24
N GLU B 483 -71.93 -17.47 -0.39
CA GLU B 483 -72.18 -18.05 -1.69
C GLU B 483 -73.69 -18.26 -1.86
N ASP B 484 -74.38 -17.19 -2.25
CA ASP B 484 -75.82 -17.24 -2.45
C ASP B 484 -76.23 -16.51 -3.73
N GLY B 485 -77.41 -15.93 -3.73
CA GLY B 485 -77.91 -15.21 -4.90
C GLY B 485 -77.18 -13.91 -5.18
N LYS B 486 -77.49 -12.88 -4.39
CA LYS B 486 -76.87 -11.58 -4.57
C LYS B 486 -75.39 -11.57 -4.20
N GLY B 487 -74.89 -12.69 -3.69
CA GLY B 487 -73.49 -12.77 -3.29
C GLY B 487 -73.22 -11.86 -2.11
N THR B 488 -74.05 -11.99 -1.07
CA THR B 488 -73.95 -11.17 0.14
C THR B 488 -72.51 -10.96 0.61
N ILE B 489 -72.16 -9.71 0.86
CA ILE B 489 -70.82 -9.38 1.33
C ILE B 489 -70.85 -9.22 2.85
N LEU B 490 -70.11 -10.07 3.54
CA LEU B 490 -70.04 -10.01 5.01
C LEU B 490 -68.92 -9.11 5.49
N ILE B 491 -67.77 -9.26 4.86
CA ILE B 491 -66.59 -8.49 5.24
C ILE B 491 -65.90 -7.87 4.03
N SER B 492 -65.44 -6.64 4.18
CA SER B 492 -64.74 -5.95 3.11
C SER B 492 -63.37 -5.52 3.58
N SER B 493 -62.42 -5.47 2.65
CA SER B 493 -61.05 -5.07 2.93
C SER B 493 -61.04 -3.55 3.10
N GLU B 494 -61.87 -2.88 2.32
CA GLU B 494 -61.98 -1.43 2.36
C GLU B 494 -62.45 -0.96 3.73
N GLU B 495 -61.59 -0.20 4.40
CA GLU B 495 -61.90 0.32 5.73
C GLU B 495 -63.26 1.00 5.72
N GLY B 496 -64.06 0.75 6.75
CA GLY B 496 -65.37 1.36 6.83
C GLY B 496 -66.29 0.98 5.68
N GLU B 497 -66.73 -0.26 5.66
CA GLU B 497 -67.62 -0.76 4.61
C GLU B 497 -68.63 -1.72 5.20
N THR B 498 -68.14 -2.64 6.02
CA THR B 498 -68.97 -3.64 6.65
C THR B 498 -68.96 -3.47 8.18
N GLU B 499 -68.52 -2.29 8.61
CA GLU B 499 -68.43 -1.95 10.04
C GLU B 499 -69.74 -2.25 10.77
N ALA B 500 -70.86 -2.08 10.06
CA ALA B 500 -72.19 -2.30 10.65
C ALA B 500 -72.54 -3.76 10.89
N ASN B 501 -72.09 -4.65 10.02
CA ASN B 501 -72.38 -6.07 10.17
C ASN B 501 -71.59 -6.73 11.28
N ASN B 502 -70.56 -6.05 11.80
CA ASN B 502 -69.70 -6.62 12.85
C ASN B 502 -70.34 -7.23 14.09
N HIS B 503 -71.37 -6.57 14.63
CA HIS B 503 -72.01 -7.09 15.83
C HIS B 503 -73.19 -8.02 15.52
N LYS B 504 -73.45 -8.23 14.23
CA LYS B 504 -74.55 -9.09 13.81
C LYS B 504 -74.20 -10.57 13.72
N LYS B 505 -75.02 -11.42 14.33
CA LYS B 505 -74.81 -12.86 14.29
C LYS B 505 -74.86 -13.35 12.84
N LEU B 506 -74.11 -14.40 12.54
CA LEU B 506 -74.07 -14.93 11.17
C LEU B 506 -75.44 -15.29 10.61
N SER B 507 -76.29 -15.89 11.42
CA SER B 507 -77.62 -16.28 10.96
C SER B 507 -78.41 -15.08 10.41
N GLU B 508 -78.17 -13.89 10.96
CA GLU B 508 -78.87 -12.70 10.51
C GLU B 508 -78.67 -12.43 9.03
N PHE B 509 -77.72 -13.14 8.41
CA PHE B 509 -77.47 -12.98 6.99
C PHE B 509 -77.96 -14.20 6.23
N GLY B 510 -78.60 -15.11 6.95
CA GLY B 510 -79.12 -16.32 6.32
C GLY B 510 -78.10 -17.43 6.30
N ILE B 511 -77.01 -17.29 7.05
CA ILE B 511 -75.97 -18.30 7.13
C ILE B 511 -76.47 -19.42 8.03
N ARG B 512 -76.43 -20.65 7.53
CA ARG B 512 -76.91 -21.79 8.31
C ARG B 512 -76.14 -23.04 7.94
N ASN B 513 -76.52 -24.16 8.56
CA ASN B 513 -75.86 -25.42 8.29
C ASN B 513 -75.90 -25.63 6.79
N GLY B 514 -74.75 -25.94 6.20
CA GLY B 514 -74.70 -26.16 4.77
C GLY B 514 -74.31 -24.94 3.98
N SER B 515 -74.28 -23.78 4.64
CA SER B 515 -73.89 -22.55 3.95
C SER B 515 -72.42 -22.61 3.53
N ARG B 516 -72.10 -21.94 2.43
CA ARG B 516 -70.74 -21.92 1.92
C ARG B 516 -70.27 -20.46 1.84
N LEU B 517 -69.06 -20.21 2.33
CA LEU B 517 -68.50 -18.87 2.31
C LEU B 517 -67.22 -18.82 1.52
N GLN B 518 -67.03 -17.75 0.76
CA GLN B 518 -65.79 -17.62 0.00
C GLN B 518 -64.98 -16.50 0.64
N ALA B 519 -63.83 -16.86 1.19
CA ALA B 519 -62.95 -15.88 1.81
C ALA B 519 -61.79 -15.63 0.85
N ASP B 520 -61.53 -14.36 0.58
CA ASP B 520 -60.45 -13.98 -0.31
C ASP B 520 -59.50 -13.00 0.34
N ASP B 521 -58.22 -13.16 0.05
CA ASP B 521 -57.23 -12.21 0.53
C ASP B 521 -56.51 -11.86 -0.76
N PHE B 522 -56.88 -10.73 -1.34
CA PHE B 522 -56.30 -10.33 -2.61
C PHE B 522 -54.81 -10.02 -2.57
N LEU B 523 -54.31 -9.61 -1.40
CA LEU B 523 -52.89 -9.34 -1.25
C LEU B 523 -52.14 -10.68 -1.38
N GLN B 524 -52.57 -11.69 -0.62
CA GLN B 524 -51.91 -13.00 -0.67
C GLN B 524 -52.34 -13.81 -1.89
N ASP B 525 -53.28 -13.26 -2.66
CA ASP B 525 -53.82 -13.97 -3.82
C ASP B 525 -54.21 -15.38 -3.35
N TYR B 526 -55.00 -15.40 -2.27
CA TYR B 526 -55.45 -16.63 -1.65
C TYR B 526 -56.99 -16.66 -1.54
N THR B 527 -57.58 -17.76 -1.97
CA THR B 527 -59.03 -17.94 -1.93
C THR B 527 -59.39 -19.20 -1.16
N LEU B 528 -60.16 -19.04 -0.09
CA LEU B 528 -60.55 -20.21 0.69
C LEU B 528 -62.08 -20.36 0.75
N LEU B 529 -62.55 -21.54 0.40
CA LEU B 529 -63.98 -21.81 0.45
C LEU B 529 -64.23 -22.33 1.85
N ILE B 530 -65.18 -21.72 2.56
CA ILE B 530 -65.47 -22.16 3.91
C ILE B 530 -66.87 -22.75 4.01
N ASN B 531 -66.94 -24.05 4.30
CA ASN B 531 -68.21 -24.74 4.46
C ASN B 531 -68.60 -24.62 5.93
N ILE B 532 -69.83 -24.18 6.18
CA ILE B 532 -70.28 -24.03 7.55
C ILE B 532 -71.15 -25.19 8.02
N LEU B 533 -70.91 -25.62 9.26
CA LEU B 533 -71.68 -26.69 9.89
C LEU B 533 -72.22 -26.06 11.17
N HIS B 534 -73.54 -25.98 11.29
CA HIS B 534 -74.15 -25.40 12.48
C HIS B 534 -74.21 -26.42 13.63
N SER B 535 -73.65 -26.02 14.77
CA SER B 535 -73.63 -26.88 15.93
C SER B 535 -73.85 -26.08 17.21
N GLU B 536 -74.76 -26.55 18.05
CA GLU B 536 -75.06 -25.86 19.30
C GLU B 536 -74.29 -26.44 20.48
N ASP B 537 -73.96 -27.72 20.39
CA ASP B 537 -73.22 -28.36 21.48
C ASP B 537 -71.75 -28.55 21.14
N LEU B 538 -71.05 -27.45 20.91
CA LEU B 538 -69.64 -27.50 20.60
C LEU B 538 -68.84 -27.90 21.82
N GLY B 539 -68.93 -27.07 22.87
CA GLY B 539 -68.20 -27.36 24.09
C GLY B 539 -67.93 -26.11 24.90
N LYS B 540 -67.38 -26.30 26.08
CA LYS B 540 -67.03 -25.18 26.97
C LYS B 540 -66.01 -24.24 26.35
N ASP B 541 -66.36 -22.96 26.27
CA ASP B 541 -65.47 -21.95 25.74
C ASP B 541 -64.94 -22.25 24.34
N VAL B 542 -65.77 -22.88 23.51
CA VAL B 542 -65.36 -23.21 22.13
C VAL B 542 -66.28 -22.50 21.14
N GLU B 543 -65.79 -21.44 20.53
CA GLU B 543 -66.59 -20.68 19.57
C GLU B 543 -66.70 -21.35 18.21
N PHE B 544 -65.66 -22.08 17.82
CA PHE B 544 -65.66 -22.75 16.52
C PHE B 544 -64.57 -23.82 16.47
N GLU B 545 -64.68 -24.71 15.49
CA GLU B 545 -63.64 -25.72 15.32
C GLU B 545 -63.56 -26.18 13.87
N VAL B 546 -62.34 -26.39 13.41
CA VAL B 546 -62.11 -26.82 12.04
C VAL B 546 -62.22 -28.32 11.93
N VAL B 547 -63.21 -28.79 11.17
CA VAL B 547 -63.41 -30.21 10.99
C VAL B 547 -62.12 -30.83 10.46
N GLY B 548 -61.52 -31.73 11.23
CA GLY B 548 -60.30 -32.37 10.79
C GLY B 548 -59.10 -32.13 11.68
N ASP B 549 -59.01 -30.94 12.26
CA ASP B 549 -57.88 -30.60 13.14
C ASP B 549 -57.72 -31.61 14.27
N ALA B 550 -56.51 -31.70 14.81
CA ALA B 550 -56.20 -32.62 15.90
C ALA B 550 -56.92 -32.21 17.19
N GLY C 9 34.30 39.12 -33.42
CA GLY C 9 35.15 39.47 -32.25
C GLY C 9 34.77 40.82 -31.66
N GLY C 10 33.62 40.86 -30.97
CA GLY C 10 33.17 42.09 -30.36
C GLY C 10 33.42 42.15 -28.87
N ILE C 11 33.75 41.02 -28.26
CA ILE C 11 34.01 40.96 -26.83
C ILE C 11 35.45 41.35 -26.48
N SER C 12 35.66 41.77 -25.25
CA SER C 12 36.99 42.17 -24.78
C SER C 12 37.89 40.95 -24.61
N GLU C 13 39.17 41.18 -24.44
CA GLU C 13 40.10 40.08 -24.24
C GLU C 13 39.82 39.42 -22.90
N GLU C 14 39.53 40.24 -21.91
CA GLU C 14 39.23 39.76 -20.57
C GLU C 14 38.03 38.82 -20.63
N GLU C 15 37.01 39.22 -21.38
CA GLU C 15 35.81 38.40 -21.54
C GLU C 15 36.12 37.10 -22.26
N ALA C 16 36.96 37.17 -23.28
CA ALA C 16 37.32 35.98 -24.06
C ALA C 16 38.10 34.99 -23.21
N ALA C 17 38.85 35.52 -22.25
CA ALA C 17 39.65 34.69 -21.38
C ALA C 17 38.83 33.94 -20.33
N GLN C 18 37.79 34.58 -19.79
CA GLN C 18 36.97 33.95 -18.77
C GLN C 18 35.92 33.00 -19.35
N TYR C 19 35.48 33.28 -20.58
CA TYR C 19 34.46 32.47 -21.26
C TYR C 19 35.09 31.43 -22.18
N ASP C 20 36.42 31.39 -22.22
CA ASP C 20 37.12 30.45 -23.07
C ASP C 20 36.53 29.04 -23.10
N ARG C 21 36.33 28.43 -21.94
CA ARG C 21 35.82 27.06 -21.91
C ARG C 21 34.43 26.85 -22.52
N GLN C 22 33.55 27.85 -22.45
CA GLN C 22 32.24 27.68 -23.06
C GLN C 22 32.22 28.15 -24.52
N ILE C 23 33.11 29.07 -24.89
CA ILE C 23 33.16 29.52 -26.28
C ILE C 23 33.57 28.30 -27.11
N ARG C 24 34.35 27.43 -26.49
CA ARG C 24 34.80 26.22 -27.16
C ARG C 24 33.65 25.20 -27.27
N LEU C 25 32.52 25.50 -26.65
CA LEU C 25 31.37 24.61 -26.73
C LEU C 25 30.34 25.10 -27.75
N TRP C 26 29.89 26.34 -27.58
CA TRP C 26 28.89 26.87 -28.48
C TRP C 26 29.32 27.98 -29.45
N GLY C 27 30.60 28.37 -29.40
CA GLY C 27 31.11 29.39 -30.31
C GLY C 27 30.91 30.85 -29.93
N LEU C 28 31.70 31.72 -30.55
CA LEU C 28 31.64 33.17 -30.30
C LEU C 28 30.27 33.82 -30.57
N GLU C 29 29.65 33.47 -31.70
CA GLU C 29 28.35 34.05 -32.05
C GLU C 29 27.28 33.81 -31.00
N ALA C 30 27.18 32.58 -30.54
CA ALA C 30 26.21 32.23 -29.52
C ALA C 30 26.55 33.06 -28.29
N GLN C 31 27.84 33.13 -27.96
CA GLN C 31 28.24 33.88 -26.77
C GLN C 31 27.88 35.34 -26.90
N LYS C 32 27.99 35.89 -28.11
CA LYS C 32 27.67 37.29 -28.35
C LYS C 32 26.19 37.56 -28.29
N ARG C 33 25.38 36.62 -28.80
CA ARG C 33 23.93 36.80 -28.75
C ARG C 33 23.54 36.82 -27.27
N LEU C 34 24.12 35.88 -26.52
CA LEU C 34 23.86 35.75 -25.08
C LEU C 34 24.28 37.02 -24.35
N ARG C 35 25.41 37.58 -24.76
CA ARG C 35 25.97 38.80 -24.19
C ARG C 35 25.08 40.02 -24.43
N ALA C 36 24.11 39.89 -25.33
CA ALA C 36 23.22 41.00 -25.64
C ALA C 36 21.83 40.82 -25.04
N SER C 37 21.63 39.71 -24.32
CA SER C 37 20.33 39.41 -23.72
C SER C 37 20.15 39.85 -22.27
N ARG C 38 18.98 40.39 -21.98
CA ARG C 38 18.64 40.79 -20.62
C ARG C 38 17.58 39.77 -20.18
N VAL C 39 17.64 39.31 -18.93
CA VAL C 39 16.68 38.33 -18.44
C VAL C 39 16.01 38.79 -17.17
N LEU C 40 14.73 38.45 -17.03
CA LEU C 40 13.98 38.76 -15.82
C LEU C 40 13.81 37.43 -15.06
N LEU C 41 14.17 37.42 -13.78
CA LEU C 41 14.03 36.22 -12.97
C LEU C 41 13.14 36.56 -11.78
N VAL C 42 12.06 35.80 -11.62
CA VAL C 42 11.13 36.05 -10.52
C VAL C 42 11.23 34.98 -9.44
N GLY C 43 11.41 35.41 -8.20
CA GLY C 43 11.50 34.47 -7.09
C GLY C 43 12.94 34.14 -6.77
N LEU C 44 13.44 34.64 -5.64
CA LEU C 44 14.81 34.35 -5.27
C LEU C 44 14.93 33.43 -4.07
N LYS C 45 14.54 32.18 -4.29
CA LYS C 45 14.63 31.14 -3.28
C LYS C 45 15.60 30.14 -3.84
N GLY C 46 15.61 28.95 -3.26
CA GLY C 46 16.51 27.91 -3.71
C GLY C 46 16.71 27.80 -5.21
N LEU C 47 15.62 27.61 -5.96
CA LEU C 47 15.73 27.44 -7.40
C LEU C 47 16.12 28.72 -8.14
N GLY C 48 15.53 29.84 -7.73
CA GLY C 48 15.85 31.12 -8.37
C GLY C 48 17.31 31.50 -8.15
N ALA C 49 17.83 31.19 -6.97
CA ALA C 49 19.23 31.50 -6.66
C ALA C 49 20.16 30.75 -7.60
N GLU C 50 19.83 29.49 -7.88
CA GLU C 50 20.65 28.67 -8.78
C GLU C 50 20.62 29.17 -10.23
N ILE C 51 19.43 29.56 -10.70
CA ILE C 51 19.27 30.05 -12.06
C ILE C 51 20.02 31.39 -12.22
N ALA C 52 19.89 32.25 -11.22
CA ALA C 52 20.56 33.54 -11.25
C ALA C 52 22.05 33.27 -11.43
N LYS C 53 22.60 32.45 -10.54
CA LYS C 53 24.01 32.12 -10.56
C LYS C 53 24.46 31.57 -11.91
N ASN C 54 23.71 30.61 -12.45
CA ASN C 54 24.07 30.02 -13.75
C ASN C 54 23.99 31.03 -14.91
N LEU C 55 23.00 31.91 -14.89
CA LEU C 55 22.87 32.89 -15.97
C LEU C 55 23.90 34.01 -15.86
N ILE C 56 24.25 34.36 -14.63
CA ILE C 56 25.23 35.41 -14.42
C ILE C 56 26.59 34.88 -14.83
N LEU C 57 26.85 33.60 -14.53
CA LEU C 57 28.12 33.01 -14.92
C LEU C 57 28.24 32.84 -16.44
N ALA C 58 27.12 32.55 -17.10
CA ALA C 58 27.13 32.34 -18.54
C ALA C 58 27.45 33.63 -19.31
N GLY C 59 27.10 34.77 -18.72
CA GLY C 59 27.41 36.04 -19.35
C GLY C 59 26.32 36.74 -20.11
N VAL C 60 25.13 36.84 -19.53
CA VAL C 60 24.06 37.54 -20.22
C VAL C 60 24.40 39.02 -20.07
N LYS C 61 23.70 39.90 -20.78
CA LYS C 61 23.99 41.31 -20.67
C LYS C 61 23.58 41.76 -19.28
N GLY C 62 22.37 41.38 -18.89
CA GLY C 62 21.86 41.75 -17.59
C GLY C 62 20.79 40.81 -17.06
N LEU C 63 20.60 40.86 -15.74
CA LEU C 63 19.61 40.04 -15.07
C LEU C 63 18.90 40.91 -14.06
N THR C 64 17.58 40.80 -14.01
CA THR C 64 16.79 41.55 -13.04
C THR C 64 16.18 40.52 -12.11
N MET C 65 16.54 40.59 -10.84
CA MET C 65 16.02 39.68 -9.83
C MET C 65 14.86 40.36 -9.13
N LEU C 66 13.66 39.84 -9.31
CA LEU C 66 12.47 40.42 -8.73
C LEU C 66 11.82 39.52 -7.67
N ASP C 67 11.61 40.10 -6.50
CA ASP C 67 11.00 39.38 -5.39
C ASP C 67 10.47 40.43 -4.41
N HIS C 68 9.19 40.33 -4.04
CA HIS C 68 8.60 41.28 -3.11
C HIS C 68 8.60 40.75 -1.68
N GLU C 69 9.01 39.51 -1.51
CA GLU C 69 9.04 38.90 -0.19
C GLU C 69 10.32 39.14 0.60
N GLN C 70 10.17 39.17 1.93
CA GLN C 70 11.29 39.40 2.83
C GLN C 70 12.01 38.12 3.22
N VAL C 71 13.24 38.29 3.69
CA VAL C 71 14.07 37.18 4.13
C VAL C 71 13.58 36.69 5.48
N THR C 72 13.15 35.43 5.54
CA THR C 72 12.65 34.84 6.78
C THR C 72 13.85 34.40 7.62
N PRO C 73 13.62 34.01 8.90
CA PRO C 73 14.72 33.58 9.76
C PRO C 73 15.44 32.32 9.26
N GLU C 74 14.81 31.59 8.35
CA GLU C 74 15.38 30.35 7.82
C GLU C 74 15.97 30.50 6.42
N ASP C 75 16.02 31.72 5.91
CA ASP C 75 16.55 31.98 4.56
C ASP C 75 18.07 32.20 4.47
N PRO C 76 18.65 32.97 5.39
CA PRO C 76 20.10 33.21 5.34
C PRO C 76 20.96 31.97 5.55
N GLY C 77 20.30 30.83 5.80
CA GLY C 77 21.04 29.60 6.02
C GLY C 77 20.87 28.58 4.90
N ALA C 78 19.93 28.84 3.99
CA ALA C 78 19.66 27.94 2.88
C ALA C 78 19.82 28.57 1.50
N GLN C 79 19.86 29.91 1.46
CA GLN C 79 20.03 30.64 0.21
C GLN C 79 21.45 31.21 0.23
N PHE C 80 22.32 30.69 -0.63
CA PHE C 80 23.72 31.09 -0.69
C PHE C 80 24.07 32.49 -1.19
N LEU C 81 23.11 33.19 -1.79
CA LEU C 81 23.39 34.53 -2.28
C LEU C 81 23.01 35.57 -1.23
N ILE C 82 22.18 35.15 -0.27
CA ILE C 82 21.74 36.06 0.78
C ILE C 82 22.86 36.31 1.80
N ARG C 83 23.26 37.57 1.90
CA ARG C 83 24.34 37.97 2.80
C ARG C 83 24.07 37.59 4.26
N THR C 84 24.80 38.22 5.17
CA THR C 84 24.64 37.95 6.60
C THR C 84 23.73 38.99 7.23
N GLY C 85 22.94 38.57 8.22
CA GLY C 85 22.04 39.49 8.88
C GLY C 85 21.14 40.20 7.89
N SER C 86 20.41 39.42 7.10
CA SER C 86 19.53 40.00 6.10
C SER C 86 18.06 39.81 6.45
N VAL C 87 17.78 39.01 7.47
CA VAL C 87 16.40 38.76 7.88
C VAL C 87 15.61 40.07 7.96
N GLY C 88 14.42 40.09 7.36
CA GLY C 88 13.59 41.30 7.37
C GLY C 88 13.79 42.16 6.15
N ARG C 89 14.97 42.04 5.55
CA ARG C 89 15.33 42.80 4.35
C ARG C 89 14.74 42.09 3.12
N ASN C 90 14.49 42.84 2.04
CA ASN C 90 13.95 42.26 0.82
C ASN C 90 14.86 41.17 0.28
N ARG C 91 14.28 40.02 -0.03
CA ARG C 91 15.02 38.86 -0.51
C ARG C 91 15.86 39.06 -1.78
N ALA C 92 15.32 39.80 -2.76
CA ALA C 92 16.09 40.01 -3.98
C ALA C 92 17.23 41.00 -3.68
N GLU C 93 16.89 42.04 -2.94
CA GLU C 93 17.83 43.06 -2.55
C GLU C 93 18.96 42.47 -1.70
N ALA C 94 18.66 41.44 -0.92
CA ALA C 94 19.67 40.82 -0.06
C ALA C 94 20.58 39.87 -0.83
N SER C 95 20.25 39.63 -2.09
CA SER C 95 21.03 38.73 -2.92
C SER C 95 21.88 39.47 -3.96
N LEU C 96 21.60 40.75 -4.13
CA LEU C 96 22.28 41.59 -5.13
C LEU C 96 23.80 41.53 -5.11
N GLU C 97 24.37 41.80 -3.95
CA GLU C 97 25.82 41.83 -3.79
C GLU C 97 26.52 40.55 -4.26
N ARG C 98 26.16 39.39 -3.70
CA ARG C 98 26.80 38.15 -4.11
C ARG C 98 26.53 37.79 -5.57
N ALA C 99 25.35 38.15 -6.06
CA ALA C 99 25.01 37.85 -7.45
C ALA C 99 25.93 38.66 -8.35
N GLN C 100 26.13 39.93 -8.02
CA GLN C 100 27.00 40.79 -8.80
C GLN C 100 28.45 40.29 -8.78
N ASN C 101 28.93 39.88 -7.61
CA ASN C 101 30.30 39.38 -7.50
C ASN C 101 30.63 38.17 -8.33
N LEU C 102 29.62 37.40 -8.70
CA LEU C 102 29.84 36.18 -9.51
C LEU C 102 30.38 36.51 -10.89
N ASN C 103 30.05 37.70 -11.40
CA ASN C 103 30.51 38.09 -12.73
C ASN C 103 30.39 39.61 -12.95
N PRO C 104 31.51 40.35 -12.78
CA PRO C 104 31.57 41.81 -12.93
C PRO C 104 31.07 42.34 -14.27
N MET C 105 31.11 41.48 -15.28
CA MET C 105 30.64 41.85 -16.62
C MET C 105 29.11 41.94 -16.75
N VAL C 106 28.37 41.43 -15.78
CA VAL C 106 26.91 41.40 -15.87
C VAL C 106 26.16 42.49 -15.11
N ASP C 107 25.16 43.07 -15.77
CA ASP C 107 24.34 44.12 -15.16
C ASP C 107 23.27 43.40 -14.34
N VAL C 108 23.37 43.45 -13.02
CA VAL C 108 22.40 42.79 -12.18
C VAL C 108 21.61 43.80 -11.35
N LYS C 109 20.29 43.77 -11.52
CA LYS C 109 19.39 44.68 -10.81
C LYS C 109 18.36 43.91 -9.99
N VAL C 110 17.68 44.62 -9.10
CA VAL C 110 16.64 44.00 -8.31
C VAL C 110 15.37 44.81 -8.43
N ASP C 111 14.24 44.13 -8.22
CA ASP C 111 12.96 44.80 -8.24
C ASP C 111 12.23 44.21 -7.06
N THR C 112 11.73 45.08 -6.19
CA THR C 112 11.05 44.64 -4.98
C THR C 112 9.52 44.73 -5.04
N GLU C 113 8.96 44.99 -6.21
CA GLU C 113 7.50 45.09 -6.35
C GLU C 113 6.91 43.73 -6.75
N ASP C 114 5.64 43.53 -6.42
CA ASP C 114 4.94 42.29 -6.73
C ASP C 114 4.85 42.11 -8.25
N ILE C 115 5.15 40.92 -8.74
CA ILE C 115 5.10 40.66 -10.18
C ILE C 115 3.70 40.88 -10.77
N GLU C 116 2.66 40.70 -9.97
CA GLU C 116 1.31 40.88 -10.47
C GLU C 116 0.97 42.33 -10.76
N LYS C 117 1.50 43.24 -9.95
CA LYS C 117 1.22 44.66 -10.12
C LYS C 117 2.13 45.30 -11.16
N LYS C 118 2.68 44.47 -12.05
CA LYS C 118 3.58 44.95 -13.10
C LYS C 118 2.86 45.11 -14.43
N PRO C 119 2.95 46.30 -15.04
CA PRO C 119 2.32 46.60 -16.32
C PRO C 119 3.00 45.86 -17.47
N GLU C 120 2.26 45.63 -18.55
CA GLU C 120 2.80 44.92 -19.71
C GLU C 120 4.10 45.54 -20.24
N SER C 121 4.23 46.86 -20.10
CA SER C 121 5.41 47.56 -20.58
C SER C 121 6.70 47.15 -19.87
N PHE C 122 6.59 46.79 -18.60
CA PHE C 122 7.74 46.38 -17.81
C PHE C 122 8.47 45.16 -18.38
N PHE C 123 7.73 44.27 -19.01
CA PHE C 123 8.33 43.07 -19.57
C PHE C 123 9.01 43.28 -20.92
N THR C 124 8.64 44.34 -21.62
CA THR C 124 9.21 44.61 -22.93
C THR C 124 10.72 44.84 -22.92
N GLN C 125 11.27 45.24 -21.78
CA GLN C 125 12.71 45.47 -21.70
C GLN C 125 13.51 44.16 -21.64
N PHE C 126 12.83 43.01 -21.53
CA PHE C 126 13.55 41.74 -21.45
C PHE C 126 13.43 40.87 -22.70
N ASP C 127 14.40 39.97 -22.87
CA ASP C 127 14.43 39.03 -23.99
C ASP C 127 13.92 37.68 -23.51
N ALA C 128 13.94 37.49 -22.20
CA ALA C 128 13.47 36.23 -21.61
C ALA C 128 12.99 36.51 -20.21
N VAL C 129 11.93 35.81 -19.82
CA VAL C 129 11.35 35.93 -18.48
C VAL C 129 11.29 34.53 -17.88
N CYS C 130 11.64 34.43 -16.60
CA CYS C 130 11.65 33.15 -15.91
C CYS C 130 10.98 33.23 -14.54
N LEU C 131 9.84 32.55 -14.43
CA LEU C 131 9.08 32.53 -13.20
C LEU C 131 9.46 31.39 -12.27
N THR C 132 9.43 31.71 -10.98
CA THR C 132 9.74 30.77 -9.93
C THR C 132 8.77 31.10 -8.80
N CYS C 133 8.26 30.07 -8.11
CA CYS C 133 7.36 30.27 -6.99
C CYS C 133 6.10 31.07 -7.29
N CYS C 134 5.64 31.03 -8.53
CA CYS C 134 4.43 31.79 -8.86
C CYS C 134 3.19 30.93 -8.96
N SER C 135 2.05 31.59 -8.78
CA SER C 135 0.74 30.94 -8.86
C SER C 135 0.41 30.64 -10.33
N ARG C 136 -0.43 29.64 -10.53
CA ARG C 136 -0.84 29.26 -11.88
C ARG C 136 -1.35 30.49 -12.64
N ASP C 137 -2.14 31.32 -11.96
CA ASP C 137 -2.68 32.52 -12.56
C ASP C 137 -1.62 33.49 -13.06
N VAL C 138 -0.58 33.69 -12.25
CA VAL C 138 0.52 34.58 -12.64
C VAL C 138 1.26 33.93 -13.81
N ILE C 139 1.56 32.64 -13.68
CA ILE C 139 2.26 31.93 -14.73
C ILE C 139 1.60 32.13 -16.10
N VAL C 140 0.28 31.98 -16.16
CA VAL C 140 -0.43 32.16 -17.43
C VAL C 140 -0.42 33.62 -17.87
N LYS C 141 -0.74 34.53 -16.96
CA LYS C 141 -0.76 35.93 -17.33
C LYS C 141 0.57 36.39 -17.89
N VAL C 142 1.68 36.09 -17.21
CA VAL C 142 2.97 36.53 -17.72
C VAL C 142 3.31 35.84 -19.06
N ASP C 143 2.93 34.58 -19.19
CA ASP C 143 3.19 33.87 -20.44
C ASP C 143 2.38 34.49 -21.60
N GLN C 144 1.18 34.97 -21.31
CA GLN C 144 0.38 35.58 -22.36
C GLN C 144 0.98 36.94 -22.73
N ILE C 145 1.39 37.68 -21.72
CA ILE C 145 2.02 38.98 -21.96
C ILE C 145 3.32 38.83 -22.74
N CYS C 146 4.06 37.77 -22.46
CA CYS C 146 5.33 37.55 -23.15
C CYS C 146 5.14 37.10 -24.58
N HIS C 147 4.18 36.21 -24.81
CA HIS C 147 3.93 35.72 -26.15
C HIS C 147 3.48 36.87 -27.03
N LYS C 148 2.63 37.73 -26.45
CA LYS C 148 2.11 38.89 -27.15
C LYS C 148 3.24 39.84 -27.55
N ASN C 149 4.33 39.85 -26.79
CA ASN C 149 5.46 40.73 -27.08
C ASN C 149 6.66 39.99 -27.66
N SER C 150 6.46 38.72 -27.99
CA SER C 150 7.53 37.90 -28.55
C SER C 150 8.70 37.69 -27.58
N ILE C 151 8.38 37.62 -26.29
CA ILE C 151 9.41 37.41 -25.28
C ILE C 151 9.45 35.93 -24.88
N LYS C 152 10.63 35.35 -24.87
CA LYS C 152 10.79 33.94 -24.47
C LYS C 152 10.39 33.77 -23.02
N PHE C 153 9.50 32.80 -22.76
CA PHE C 153 8.98 32.54 -21.42
C PHE C 153 9.37 31.18 -20.82
N PHE C 154 9.61 31.17 -19.51
CA PHE C 154 9.97 29.96 -18.80
C PHE C 154 9.40 30.04 -17.42
N THR C 155 9.10 28.89 -16.84
CA THR C 155 8.61 28.81 -15.48
C THR C 155 9.22 27.52 -14.95
N GLY C 156 9.36 27.44 -13.63
CA GLY C 156 9.93 26.23 -13.07
C GLY C 156 9.77 26.29 -11.58
N ASP C 157 9.81 25.14 -10.94
CA ASP C 157 9.68 25.10 -9.49
C ASP C 157 10.24 23.80 -8.99
N VAL C 158 10.34 23.72 -7.68
CA VAL C 158 10.91 22.56 -7.05
C VAL C 158 10.04 22.19 -5.85
N PHE C 159 9.87 20.90 -5.61
CA PHE C 159 9.07 20.45 -4.46
C PHE C 159 9.56 19.08 -4.04
N GLY C 160 10.11 18.99 -2.83
CA GLY C 160 10.63 17.73 -2.35
C GLY C 160 11.69 17.23 -3.31
N TYR C 161 11.68 15.93 -3.59
CA TYR C 161 12.63 15.34 -4.51
C TYR C 161 12.28 15.62 -5.96
N HIS C 162 11.15 16.29 -6.17
CA HIS C 162 10.70 16.60 -7.53
C HIS C 162 10.88 18.05 -7.99
N GLY C 163 10.92 18.22 -9.30
CA GLY C 163 11.04 19.54 -9.89
C GLY C 163 10.62 19.51 -11.34
N TYR C 164 10.24 20.66 -11.88
CA TYR C 164 9.82 20.72 -13.26
C TYR C 164 10.27 22.02 -13.93
N THR C 165 10.19 22.05 -15.26
CA THR C 165 10.57 23.23 -16.00
C THR C 165 9.68 23.29 -17.23
N PHE C 166 9.30 24.50 -17.64
CA PHE C 166 8.45 24.69 -18.81
C PHE C 166 8.96 25.85 -19.66
N ALA C 167 8.94 25.69 -20.96
CA ALA C 167 9.37 26.76 -21.85
C ALA C 167 8.29 27.02 -22.89
N ASN C 168 8.22 28.27 -23.34
CA ASN C 168 7.30 28.68 -24.40
C ASN C 168 8.07 29.71 -25.20
N LEU C 169 8.74 29.26 -26.26
CA LEU C 169 9.52 30.17 -27.09
C LEU C 169 8.80 30.52 -28.40
N GLY C 170 7.47 30.42 -28.40
CA GLY C 170 6.70 30.72 -29.61
C GLY C 170 7.26 29.96 -30.80
N GLU C 171 7.51 30.66 -31.90
CA GLU C 171 8.08 30.02 -33.08
C GLU C 171 9.58 30.27 -32.94
N HIS C 172 10.29 29.26 -32.44
CA HIS C 172 11.71 29.39 -32.19
C HIS C 172 12.59 28.89 -33.31
N GLU C 173 13.47 29.76 -33.80
CA GLU C 173 14.41 29.42 -34.84
C GLU C 173 15.79 29.30 -34.21
N PHE C 174 16.54 28.29 -34.63
CA PHE C 174 17.88 28.07 -34.10
C PHE C 174 18.75 27.37 -35.12
N VAL C 175 20.04 27.26 -34.81
CA VAL C 175 21.00 26.59 -35.67
C VAL C 175 21.62 25.42 -34.91
N GLU C 176 21.88 24.33 -35.62
CA GLU C 176 22.45 23.13 -35.02
C GLU C 176 23.43 22.46 -35.95
N GLU C 177 24.43 21.80 -35.35
CA GLU C 177 25.45 21.09 -36.12
C GLU C 177 25.43 19.60 -35.81
N THR C 204 31.65 19.93 -40.76
CA THR C 204 30.74 20.76 -39.97
C THR C 204 29.35 20.78 -40.59
N THR C 205 28.36 20.35 -39.81
CA THR C 205 26.98 20.32 -40.27
C THR C 205 26.48 21.75 -40.56
N MET C 206 26.14 22.49 -39.51
CA MET C 206 25.67 23.88 -39.64
C MET C 206 24.33 23.97 -40.39
N VAL C 207 23.23 23.72 -39.66
CA VAL C 207 21.90 23.76 -40.26
C VAL C 207 20.92 24.63 -39.47
N LYS C 208 19.96 25.23 -40.17
CA LYS C 208 18.96 26.07 -39.52
C LYS C 208 17.68 25.27 -39.30
N LYS C 209 16.96 25.57 -38.23
CA LYS C 209 15.71 24.87 -37.90
C LYS C 209 14.70 25.79 -37.25
N LYS C 210 13.47 25.30 -37.13
CA LYS C 210 12.40 26.04 -36.51
C LYS C 210 11.54 25.09 -35.68
N VAL C 211 11.10 25.54 -34.52
CA VAL C 211 10.26 24.72 -33.66
C VAL C 211 9.20 25.63 -33.08
N VAL C 212 8.00 25.08 -32.90
CA VAL C 212 6.87 25.83 -32.38
C VAL C 212 6.40 25.34 -31.02
N PHE C 213 6.23 26.27 -30.09
CA PHE C 213 5.77 25.94 -28.75
C PHE C 213 4.36 26.51 -28.58
N CYS C 214 3.63 25.99 -27.61
CA CYS C 214 2.28 26.46 -27.35
C CYS C 214 2.24 27.19 -26.01
N PRO C 215 1.19 27.99 -25.78
CA PRO C 215 1.04 28.73 -24.52
C PRO C 215 0.99 27.79 -23.33
N VAL C 216 1.27 28.31 -22.14
CA VAL C 216 1.24 27.50 -20.93
C VAL C 216 -0.17 27.04 -20.66
N LYS C 217 -1.12 27.96 -20.87
CA LYS C 217 -2.53 27.67 -20.65
C LYS C 217 -2.89 26.35 -21.31
N GLU C 218 -2.63 26.24 -22.61
CA GLU C 218 -2.94 25.02 -23.33
C GLU C 218 -2.19 23.82 -22.73
N ALA C 219 -0.90 23.99 -22.46
CA ALA C 219 -0.08 22.92 -21.89
C ALA C 219 -0.59 22.45 -20.54
N LEU C 220 -1.24 23.34 -19.80
CA LEU C 220 -1.78 22.99 -18.48
C LEU C 220 -3.23 22.51 -18.54
N GLU C 221 -3.89 22.68 -19.68
CA GLU C 221 -5.27 22.25 -19.85
C GLU C 221 -5.40 21.30 -21.04
N VAL C 222 -4.80 20.13 -20.93
CA VAL C 222 -4.89 19.15 -22.01
C VAL C 222 -6.20 18.39 -21.91
N ASP C 223 -6.74 17.99 -23.05
CA ASP C 223 -8.00 17.23 -23.07
C ASP C 223 -7.68 15.75 -23.26
N TRP C 224 -7.82 15.00 -22.18
CA TRP C 224 -7.54 13.56 -22.22
C TRP C 224 -8.81 12.75 -22.46
N SER C 225 -9.58 13.16 -23.46
CA SER C 225 -10.83 12.47 -23.80
C SER C 225 -10.76 11.87 -25.19
N SER C 226 -9.92 12.45 -26.05
CA SER C 226 -9.79 11.99 -27.42
C SER C 226 -9.17 10.58 -27.47
N GLU C 227 -8.76 10.18 -28.66
CA GLU C 227 -8.16 8.87 -28.86
C GLU C 227 -6.66 8.94 -28.60
N LYS C 228 -5.96 9.73 -29.41
CA LYS C 228 -4.52 9.89 -29.25
C LYS C 228 -4.19 10.29 -27.82
N ALA C 229 -5.11 11.03 -27.20
CA ALA C 229 -4.92 11.49 -25.84
C ALA C 229 -4.80 10.31 -24.88
N LYS C 230 -5.81 9.44 -24.87
CA LYS C 230 -5.82 8.28 -23.99
C LYS C 230 -4.62 7.36 -24.23
N ALA C 231 -4.04 7.45 -25.43
CA ALA C 231 -2.88 6.63 -25.76
C ALA C 231 -1.64 7.26 -25.12
N ALA C 232 -1.48 8.56 -25.33
CA ALA C 232 -0.34 9.29 -24.78
C ALA C 232 -0.38 9.26 -23.26
N LEU C 233 -1.58 9.36 -22.69
CA LEU C 233 -1.76 9.35 -21.25
C LEU C 233 -1.08 8.16 -20.57
N LYS C 234 -0.83 7.10 -21.32
CA LYS C 234 -0.19 5.91 -20.76
C LYS C 234 1.30 6.14 -20.58
N ARG C 235 1.92 6.77 -21.58
CA ARG C 235 3.35 7.05 -21.56
C ARG C 235 3.70 8.43 -20.97
N THR C 236 2.76 9.03 -20.26
CA THR C 236 2.98 10.34 -19.65
C THR C 236 3.34 10.23 -18.17
N THR C 237 4.49 10.77 -17.80
CA THR C 237 4.96 10.75 -16.42
C THR C 237 3.92 11.33 -15.48
N SER C 238 3.74 10.70 -14.32
CA SER C 238 2.76 11.20 -13.36
C SER C 238 3.16 12.56 -12.80
N ASP C 239 4.42 12.93 -12.99
CA ASP C 239 4.93 14.21 -12.51
C ASP C 239 4.10 15.36 -13.08
N TYR C 240 3.61 15.20 -14.31
CA TYR C 240 2.78 16.23 -14.93
C TYR C 240 1.52 16.45 -14.09
N PHE C 241 1.00 15.37 -13.51
CA PHE C 241 -0.20 15.47 -12.69
C PHE C 241 0.16 15.92 -11.29
N LEU C 242 1.38 15.58 -10.86
CA LEU C 242 1.86 16.00 -9.55
C LEU C 242 1.89 17.53 -9.59
N LEU C 243 2.30 18.07 -10.73
CA LEU C 243 2.36 19.51 -10.90
C LEU C 243 0.97 20.15 -10.81
N GLN C 244 -0.01 19.51 -11.46
CA GLN C 244 -1.37 20.02 -11.44
C GLN C 244 -1.88 20.10 -10.02
N VAL C 245 -1.55 19.10 -9.21
CA VAL C 245 -1.96 19.09 -7.81
C VAL C 245 -1.29 20.15 -6.95
N LEU C 246 0.02 20.33 -7.16
CA LEU C 246 0.76 21.33 -6.40
C LEU C 246 0.35 22.73 -6.80
N LEU C 247 0.09 22.93 -8.10
CA LEU C 247 -0.36 24.23 -8.58
C LEU C 247 -1.69 24.59 -7.92
N LYS C 248 -2.61 23.63 -7.92
CA LYS C 248 -3.92 23.83 -7.31
C LYS C 248 -3.77 24.15 -5.83
N PHE C 249 -2.97 23.36 -5.13
CA PHE C 249 -2.71 23.57 -3.71
C PHE C 249 -2.24 25.00 -3.49
N ARG C 250 -1.26 25.43 -4.30
CA ARG C 250 -0.73 26.78 -4.16
C ARG C 250 -1.83 27.82 -4.34
N THR C 251 -2.69 27.61 -5.33
CA THR C 251 -3.78 28.54 -5.60
C THR C 251 -4.73 28.71 -4.41
N ASP C 252 -5.28 27.61 -3.93
CA ASP C 252 -6.21 27.65 -2.82
C ASP C 252 -5.57 28.11 -1.51
N LYS C 253 -4.57 27.38 -1.05
CA LYS C 253 -3.88 27.70 0.19
C LYS C 253 -3.04 28.98 0.17
N GLY C 254 -2.66 29.43 -1.03
CA GLY C 254 -1.84 30.63 -1.12
C GLY C 254 -0.40 30.42 -0.69
N ARG C 255 0.04 29.17 -0.71
CA ARG C 255 1.40 28.82 -0.33
C ARG C 255 1.68 27.39 -0.77
N ASP C 256 2.89 26.92 -0.51
CA ASP C 256 3.29 25.56 -0.86
C ASP C 256 3.13 24.71 0.40
N PRO C 257 2.95 23.39 0.24
CA PRO C 257 2.81 22.55 1.43
C PRO C 257 4.07 22.62 2.29
N SER C 258 3.90 22.97 3.56
CA SER C 258 5.01 23.09 4.49
C SER C 258 5.24 21.80 5.27
N SER C 259 6.49 21.59 5.72
CA SER C 259 6.80 20.40 6.49
C SER C 259 6.17 20.48 7.88
N ASP C 260 6.11 21.69 8.45
CA ASP C 260 5.53 21.88 9.77
C ASP C 260 4.11 21.35 9.86
N THR C 261 3.34 21.52 8.79
CA THR C 261 1.96 21.06 8.76
C THR C 261 1.82 19.90 7.78
N TYR C 262 2.74 18.94 7.87
CA TYR C 262 2.71 17.79 6.98
C TYR C 262 1.36 17.09 6.99
N GLU C 263 0.99 16.52 8.13
CA GLU C 263 -0.27 15.81 8.29
C GLU C 263 -1.44 16.56 7.66
N GLU C 264 -1.56 17.83 8.03
CA GLU C 264 -2.62 18.69 7.51
C GLU C 264 -2.57 18.81 5.98
N ASP C 265 -1.42 19.28 5.45
CA ASP C 265 -1.26 19.44 4.01
C ASP C 265 -1.30 18.13 3.24
N SER C 266 -0.80 17.06 3.86
CA SER C 266 -0.78 15.76 3.21
C SER C 266 -2.19 15.38 2.76
N GLU C 267 -3.13 15.38 3.71
CA GLU C 267 -4.50 15.01 3.40
C GLU C 267 -5.11 15.89 2.33
N LEU C 268 -4.95 17.21 2.46
CA LEU C 268 -5.49 18.12 1.46
C LEU C 268 -4.95 17.76 0.08
N LEU C 269 -3.65 17.53 -0.02
CA LEU C 269 -3.03 17.17 -1.29
C LEU C 269 -3.71 15.96 -1.90
N LEU C 270 -4.03 14.98 -1.05
CA LEU C 270 -4.69 13.75 -1.50
C LEU C 270 -6.10 14.07 -1.99
N GLN C 271 -6.77 14.99 -1.28
CA GLN C 271 -8.12 15.41 -1.65
C GLN C 271 -8.04 16.09 -3.01
N ILE C 272 -7.12 17.04 -3.11
CA ILE C 272 -6.89 17.79 -4.32
C ILE C 272 -6.58 16.87 -5.50
N ARG C 273 -5.86 15.78 -5.22
CA ARG C 273 -5.52 14.84 -6.27
C ARG C 273 -6.78 14.29 -6.94
N ASN C 274 -7.57 13.58 -6.14
CA ASN C 274 -8.81 12.97 -6.61
C ASN C 274 -9.67 13.99 -7.36
N ASP C 275 -9.80 15.17 -6.77
CA ASP C 275 -10.59 16.25 -7.35
C ASP C 275 -10.12 16.67 -8.74
N VAL C 276 -8.84 17.01 -8.86
CA VAL C 276 -8.29 17.44 -10.12
C VAL C 276 -8.35 16.35 -11.19
N LEU C 277 -7.76 15.21 -10.90
CA LEU C 277 -7.76 14.10 -11.86
C LEU C 277 -9.16 13.73 -12.35
N ASP C 278 -10.14 13.69 -11.45
CA ASP C 278 -11.50 13.35 -11.87
C ASP C 278 -12.03 14.35 -12.89
N SER C 279 -11.70 15.62 -12.67
CA SER C 279 -12.14 16.69 -13.56
C SER C 279 -11.56 16.54 -14.97
N LEU C 280 -10.52 15.75 -15.09
CA LEU C 280 -9.88 15.51 -16.38
C LEU C 280 -10.30 14.16 -16.93
N GLY C 281 -11.09 13.44 -16.13
CA GLY C 281 -11.55 12.12 -16.52
C GLY C 281 -10.43 11.11 -16.41
N ILE C 282 -9.64 11.21 -15.36
CA ILE C 282 -8.51 10.30 -15.15
C ILE C 282 -8.57 9.66 -13.77
N SER C 283 -8.09 8.42 -13.67
CA SER C 283 -8.09 7.72 -12.40
C SER C 283 -7.11 8.35 -11.42
N PRO C 284 -7.58 8.69 -10.22
CA PRO C 284 -6.72 9.31 -9.19
C PRO C 284 -5.53 8.43 -8.80
N ASP C 285 -5.50 7.22 -9.35
CA ASP C 285 -4.41 6.29 -9.06
C ASP C 285 -3.27 6.45 -10.05
N LEU C 286 -3.49 7.25 -11.09
CA LEU C 286 -2.45 7.47 -12.09
C LEU C 286 -1.34 8.25 -11.39
N LEU C 287 -1.66 8.77 -10.21
CA LEU C 287 -0.70 9.50 -9.37
C LEU C 287 -0.72 8.80 -8.02
N PRO C 288 0.18 7.82 -7.82
CA PRO C 288 0.28 7.07 -6.58
C PRO C 288 0.06 7.93 -5.35
N GLU C 289 -0.77 7.47 -4.42
CA GLU C 289 -1.07 8.22 -3.20
C GLU C 289 0.12 8.24 -2.25
N ASP C 290 1.28 7.91 -2.79
CA ASP C 290 2.52 7.86 -2.04
C ASP C 290 3.31 9.16 -2.28
N PHE C 291 2.95 9.88 -3.35
CA PHE C 291 3.59 11.12 -3.72
C PHE C 291 3.72 12.12 -2.59
N VAL C 292 2.69 12.19 -1.76
CA VAL C 292 2.65 13.10 -0.63
C VAL C 292 3.88 12.99 0.27
N ARG C 293 4.63 11.90 0.15
CA ARG C 293 5.79 11.71 1.00
C ARG C 293 7.11 12.15 0.36
N TYR C 294 7.06 12.66 -0.88
CA TYR C 294 8.28 13.07 -1.56
C TYR C 294 8.20 14.42 -2.25
N CYS C 295 7.21 15.23 -1.91
CA CYS C 295 7.09 16.52 -2.56
C CYS C 295 7.03 17.69 -1.58
N PHE C 296 7.67 17.54 -0.43
CA PHE C 296 7.67 18.62 0.56
C PHE C 296 9.01 19.36 0.65
N SER C 297 8.94 20.68 0.69
CA SER C 297 10.12 21.53 0.86
C SER C 297 11.08 21.72 -0.32
N GLU C 298 12.05 22.61 -0.12
CA GLU C 298 13.08 22.88 -1.10
C GLU C 298 14.34 22.14 -0.69
N MET C 299 14.81 21.25 -1.56
CA MET C 299 16.04 20.50 -1.31
C MET C 299 17.11 21.06 -2.24
N ALA C 300 18.22 21.49 -1.66
CA ALA C 300 19.32 22.07 -2.41
C ALA C 300 19.75 21.23 -3.60
N PRO C 301 19.91 19.91 -3.41
CA PRO C 301 20.31 19.10 -4.55
C PRO C 301 19.34 19.18 -5.74
N VAL C 302 18.05 19.34 -5.43
CA VAL C 302 17.03 19.42 -6.48
C VAL C 302 17.05 20.80 -7.15
N CYS C 303 17.20 21.85 -6.36
CA CYS C 303 17.30 23.20 -6.92
C CYS C 303 18.45 23.25 -7.91
N ALA C 304 19.57 22.61 -7.55
CA ALA C 304 20.74 22.58 -8.42
C ALA C 304 20.48 21.86 -9.73
N VAL C 305 19.82 20.70 -9.64
CA VAL C 305 19.52 19.95 -10.85
C VAL C 305 18.53 20.68 -11.73
N VAL C 306 17.41 21.12 -11.15
CA VAL C 306 16.39 21.82 -11.92
C VAL C 306 16.85 23.23 -12.33
N GLY C 307 17.62 23.89 -11.47
CA GLY C 307 18.12 25.21 -11.82
C GLY C 307 19.14 25.09 -12.93
N GLY C 308 19.86 23.97 -12.98
CA GLY C 308 20.85 23.78 -14.01
C GLY C 308 20.23 23.54 -15.38
N ILE C 309 19.16 22.74 -15.39
CA ILE C 309 18.48 22.41 -16.63
C ILE C 309 17.77 23.63 -17.19
N LEU C 310 17.08 24.37 -16.32
CA LEU C 310 16.35 25.54 -16.74
C LEU C 310 17.29 26.62 -17.29
N ALA C 311 18.29 27.00 -16.49
CA ALA C 311 19.27 28.00 -16.93
C ALA C 311 19.85 27.57 -18.28
N GLN C 312 20.08 26.27 -18.43
CA GLN C 312 20.66 25.75 -19.67
C GLN C 312 19.72 25.96 -20.87
N GLU C 313 18.40 25.82 -20.65
CA GLU C 313 17.43 26.02 -21.72
C GLU C 313 17.33 27.50 -22.04
N ILE C 314 17.30 28.34 -21.01
CA ILE C 314 17.24 29.77 -21.22
C ILE C 314 18.44 30.20 -22.06
N VAL C 315 19.63 29.77 -21.66
CA VAL C 315 20.83 30.13 -22.38
C VAL C 315 20.80 29.68 -23.84
N LYS C 316 20.35 28.46 -24.12
CA LYS C 316 20.33 28.03 -25.51
C LYS C 316 19.22 28.69 -26.32
N ALA C 317 18.16 29.13 -25.66
CA ALA C 317 17.08 29.81 -26.36
C ALA C 317 17.58 31.20 -26.79
N LEU C 318 18.27 31.87 -25.87
CA LEU C 318 18.82 33.20 -26.11
C LEU C 318 19.89 33.21 -27.18
N SER C 319 20.71 32.16 -27.23
CA SER C 319 21.78 32.10 -28.21
C SER C 319 21.30 31.49 -29.52
N GLN C 320 20.11 30.90 -29.50
CA GLN C 320 19.57 30.27 -30.69
C GLN C 320 20.52 29.20 -31.21
N ARG C 321 21.10 28.47 -30.28
CA ARG C 321 22.04 27.40 -30.58
C ARG C 321 21.50 26.13 -29.94
N ASP C 322 21.32 25.09 -30.74
CA ASP C 322 20.80 23.81 -30.28
C ASP C 322 19.30 23.82 -30.04
N PRO C 323 18.65 22.66 -30.25
CA PRO C 323 17.19 22.51 -30.07
C PRO C 323 16.72 22.50 -28.61
N PRO C 324 15.85 23.46 -28.25
CA PRO C 324 15.31 23.55 -26.89
C PRO C 324 14.39 22.36 -26.61
N HIS C 325 14.13 22.09 -25.35
CA HIS C 325 13.26 20.99 -24.99
C HIS C 325 11.82 21.49 -25.06
N ASN C 326 10.99 20.75 -25.78
CA ASN C 326 9.60 21.12 -25.96
C ASN C 326 8.67 20.10 -25.31
N ASN C 327 8.03 20.49 -24.21
CA ASN C 327 8.19 21.82 -23.63
C ASN C 327 8.23 21.75 -22.09
N PHE C 328 8.12 20.53 -21.56
CA PHE C 328 8.16 20.29 -20.12
C PHE C 328 9.33 19.38 -19.79
N PHE C 329 9.92 19.58 -18.63
CA PHE C 329 10.99 18.71 -18.17
C PHE C 329 10.60 18.38 -16.75
N PHE C 330 10.51 17.10 -16.42
CA PHE C 330 10.14 16.72 -15.07
C PHE C 330 11.26 15.92 -14.44
N PHE C 331 11.70 16.35 -13.27
CA PHE C 331 12.77 15.63 -12.59
C PHE C 331 12.28 14.87 -11.39
N ASP C 332 12.78 13.66 -11.24
CA ASP C 332 12.42 12.80 -10.10
C ASP C 332 13.72 12.40 -9.41
N GLY C 333 14.06 13.10 -8.33
CA GLY C 333 15.29 12.83 -7.61
C GLY C 333 15.33 11.52 -6.86
N MET C 334 14.19 10.87 -6.70
CA MET C 334 14.14 9.60 -6.00
C MET C 334 14.51 8.48 -6.94
N LYS C 335 14.18 8.67 -8.22
CA LYS C 335 14.48 7.65 -9.21
C LYS C 335 15.57 8.05 -10.19
N GLY C 336 15.95 9.34 -10.17
CA GLY C 336 16.98 9.79 -11.08
C GLY C 336 16.51 9.94 -12.52
N ASN C 337 15.22 10.21 -12.67
CA ASN C 337 14.61 10.41 -13.99
C ASN C 337 14.51 11.89 -14.39
N GLY C 338 14.89 12.18 -15.63
CA GLY C 338 14.79 13.52 -16.15
C GLY C 338 14.01 13.32 -17.44
N ILE C 339 12.72 13.64 -17.43
CA ILE C 339 11.88 13.39 -18.60
C ILE C 339 11.36 14.62 -19.33
N VAL C 340 11.39 14.57 -20.65
CA VAL C 340 10.89 15.66 -21.48
C VAL C 340 9.57 15.28 -22.14
N GLU C 341 8.51 16.00 -21.78
CA GLU C 341 7.18 15.75 -22.31
C GLU C 341 6.71 16.93 -23.15
N CYS C 342 6.01 16.64 -24.23
CA CYS C 342 5.47 17.70 -25.08
C CYS C 342 3.97 17.66 -24.89
N LEU C 343 3.47 18.44 -23.94
CA LEU C 343 2.05 18.47 -23.66
C LEU C 343 1.42 19.81 -24.03
N GLY C 344 0.18 19.76 -24.53
CA GLY C 344 -0.50 20.99 -24.93
C GLY C 344 -1.09 20.91 -26.31
N PRO C 345 -0.28 20.65 -27.34
CA PRO C 345 -0.80 20.57 -28.72
C PRO C 345 -1.85 19.46 -28.85
N SER D 4 18.86 20.48 5.27
CA SER D 4 19.14 20.72 6.71
C SER D 4 18.33 19.76 7.59
N ARG D 5 17.61 20.32 8.56
CA ARG D 5 16.80 19.54 9.47
C ARG D 5 15.51 19.08 8.78
N GLY D 6 15.48 19.20 7.46
CA GLY D 6 14.31 18.79 6.70
C GLY D 6 14.27 17.29 6.50
N LEU D 7 15.43 16.71 6.19
CA LEU D 7 15.54 15.26 5.97
C LEU D 7 15.13 14.54 7.25
N PRO D 8 14.78 13.25 7.14
CA PRO D 8 14.38 12.47 8.32
C PRO D 8 15.50 12.37 9.34
N ARG D 9 15.15 12.43 10.62
CA ARG D 9 16.12 12.36 11.71
C ARG D 9 17.19 11.28 11.52
N GLU D 10 16.76 10.11 11.04
CA GLU D 10 17.65 8.98 10.80
C GLU D 10 18.87 9.40 9.98
N LEU D 11 18.59 10.00 8.82
CA LEU D 11 19.62 10.46 7.91
C LEU D 11 20.27 11.76 8.35
N ALA D 12 19.44 12.75 8.70
CA ALA D 12 19.92 14.05 9.15
C ALA D 12 21.06 13.96 10.15
N GLU D 13 21.05 12.92 10.97
CA GLU D 13 22.12 12.76 11.96
C GLU D 13 23.39 12.25 11.31
N ALA D 14 23.26 11.25 10.45
CA ALA D 14 24.40 10.67 9.77
C ALA D 14 25.11 11.77 8.96
N VAL D 15 24.30 12.58 8.29
CA VAL D 15 24.81 13.68 7.47
C VAL D 15 25.50 14.73 8.36
N ALA D 16 24.89 15.03 9.50
CA ALA D 16 25.43 16.01 10.41
C ALA D 16 26.75 15.60 11.05
N GLY D 17 26.88 14.32 11.40
CA GLY D 17 28.10 13.85 12.04
C GLY D 17 29.07 13.10 11.17
N GLY D 18 28.74 12.97 9.88
CA GLY D 18 29.62 12.26 8.98
C GLY D 18 30.70 13.18 8.41
N ARG D 19 31.87 12.62 8.11
CA ARG D 19 32.95 13.41 7.56
C ARG D 19 33.12 12.96 6.11
N VAL D 20 33.02 13.90 5.18
CA VAL D 20 33.18 13.54 3.77
C VAL D 20 34.39 14.14 3.09
N LEU D 21 34.84 13.49 2.03
CA LEU D 21 36.00 13.95 1.29
C LEU D 21 35.64 14.27 -0.16
N VAL D 22 36.01 15.46 -0.61
CA VAL D 22 35.76 15.88 -1.99
C VAL D 22 37.12 16.06 -2.63
N VAL D 23 37.40 15.24 -3.64
CA VAL D 23 38.67 15.29 -4.35
C VAL D 23 38.53 16.12 -5.62
N GLY D 24 38.93 17.38 -5.54
CA GLY D 24 38.84 18.27 -6.69
C GLY D 24 37.96 19.46 -6.35
N ALA D 25 38.46 20.67 -6.63
CA ALA D 25 37.71 21.88 -6.36
C ALA D 25 37.48 22.70 -7.63
N GLY D 26 37.15 22.01 -8.72
CA GLY D 26 36.88 22.67 -9.99
C GLY D 26 35.39 22.89 -10.21
N GLY D 27 34.91 22.62 -11.42
CA GLY D 27 33.49 22.82 -11.72
C GLY D 27 32.54 22.03 -10.83
N ILE D 28 32.67 20.72 -10.84
CA ILE D 28 31.83 19.88 -10.01
C ILE D 28 32.15 20.14 -8.54
N GLY D 29 33.44 20.26 -8.24
CA GLY D 29 33.85 20.50 -6.87
C GLY D 29 33.18 21.68 -6.18
N CYS D 30 33.23 22.85 -6.82
CA CYS D 30 32.62 24.04 -6.23
C CYS D 30 31.11 23.85 -6.07
N GLU D 31 30.46 23.29 -7.08
CA GLU D 31 29.02 23.04 -7.02
C GLU D 31 28.70 22.05 -5.89
N LEU D 32 29.53 21.01 -5.82
CA LEU D 32 29.38 19.96 -4.81
C LEU D 32 29.55 20.52 -3.39
N LEU D 33 30.60 21.30 -3.19
CA LEU D 33 30.86 21.90 -1.89
C LEU D 33 29.66 22.70 -1.43
N LYS D 34 29.11 23.51 -2.34
CA LYS D 34 27.94 24.30 -1.99
C LYS D 34 26.75 23.39 -1.65
N ASN D 35 26.51 22.37 -2.48
CA ASN D 35 25.37 21.48 -2.22
C ASN D 35 25.49 20.68 -0.93
N LEU D 36 26.72 20.31 -0.55
CA LEU D 36 26.91 19.56 0.68
C LEU D 36 26.55 20.35 1.92
N VAL D 37 27.01 21.60 2.01
CA VAL D 37 26.71 22.40 3.19
C VAL D 37 25.25 22.81 3.23
N LEU D 38 24.67 23.07 2.07
CA LEU D 38 23.27 23.45 2.03
C LEU D 38 22.35 22.27 2.34
N THR D 39 22.83 21.04 2.15
CA THR D 39 22.01 19.87 2.44
C THR D 39 22.18 19.45 3.89
N GLY D 40 23.19 20.01 4.55
CA GLY D 40 23.41 19.68 5.95
C GLY D 40 24.74 19.07 6.32
N PHE D 41 25.63 18.85 5.36
CA PHE D 41 26.94 18.31 5.69
C PHE D 41 27.78 19.43 6.28
N SER D 42 28.32 19.20 7.46
CA SER D 42 29.11 20.21 8.13
C SER D 42 30.59 19.85 8.25
N HIS D 43 30.92 18.58 8.03
CA HIS D 43 32.30 18.13 8.12
C HIS D 43 32.83 17.69 6.76
N ILE D 44 33.49 18.60 6.07
CA ILE D 44 34.00 18.34 4.75
C ILE D 44 35.50 18.58 4.63
N ASP D 45 36.17 17.68 3.92
CA ASP D 45 37.60 17.78 3.65
C ASP D 45 37.69 17.97 2.14
N LEU D 46 38.47 18.95 1.72
CA LEU D 46 38.60 19.31 0.31
C LEU D 46 40.05 19.35 -0.14
N ILE D 47 40.36 18.64 -1.22
CA ILE D 47 41.72 18.64 -1.71
C ILE D 47 41.80 18.97 -3.20
N ASP D 48 42.75 19.83 -3.55
CA ASP D 48 42.98 20.25 -4.93
C ASP D 48 44.44 20.71 -5.03
N LEU D 49 45.14 20.32 -6.10
CA LEU D 49 46.53 20.73 -6.23
C LEU D 49 46.81 21.98 -7.06
N ASP D 50 45.78 22.61 -7.61
CA ASP D 50 45.98 23.76 -8.47
C ASP D 50 45.56 25.12 -7.92
N THR D 51 45.94 26.16 -8.67
CA THR D 51 45.61 27.52 -8.30
C THR D 51 44.54 28.02 -9.28
N ILE D 52 43.90 29.11 -8.92
CA ILE D 52 42.83 29.68 -9.73
C ILE D 52 43.29 30.38 -11.00
N ASP D 53 42.68 30.00 -12.12
CA ASP D 53 42.98 30.58 -13.42
C ASP D 53 41.76 31.33 -13.94
N VAL D 54 41.99 32.42 -14.68
CA VAL D 54 40.92 33.24 -15.20
C VAL D 54 39.85 32.42 -15.94
N SER D 55 40.27 31.37 -16.63
CA SER D 55 39.34 30.52 -17.37
C SER D 55 38.47 29.62 -16.48
N ASN D 56 38.76 29.57 -15.17
CA ASN D 56 37.96 28.75 -14.26
C ASN D 56 36.68 29.52 -13.95
N LEU D 57 36.76 30.84 -14.07
CA LEU D 57 35.69 31.75 -13.71
C LEU D 57 34.32 31.67 -14.35
N ASN D 58 34.14 30.88 -15.39
CA ASN D 58 32.82 30.79 -15.99
C ASN D 58 31.99 29.66 -15.38
N ARG D 59 32.56 28.88 -14.45
CA ARG D 59 31.81 27.75 -13.89
C ARG D 59 32.20 27.26 -12.49
N GLN D 60 33.12 27.95 -11.82
CA GLN D 60 33.57 27.56 -10.47
C GLN D 60 33.26 28.78 -9.60
N PHE D 61 31.98 28.99 -9.34
CA PHE D 61 31.47 30.15 -8.62
C PHE D 61 32.04 30.56 -7.26
N LEU D 62 32.90 29.74 -6.68
CA LEU D 62 33.48 30.12 -5.38
C LEU D 62 34.73 30.98 -5.58
N PHE D 63 35.15 31.09 -6.83
CA PHE D 63 36.33 31.87 -7.16
C PHE D 63 35.96 33.13 -7.92
N GLN D 64 36.56 34.24 -7.53
CA GLN D 64 36.31 35.48 -8.23
C GLN D 64 37.62 35.92 -8.86
N LYS D 65 37.54 36.94 -9.72
CA LYS D 65 38.70 37.46 -10.43
C LYS D 65 39.86 37.79 -9.47
N LYS D 66 39.56 38.45 -8.36
CA LYS D 66 40.58 38.82 -7.39
C LYS D 66 41.28 37.64 -6.72
N HIS D 67 40.83 36.42 -6.99
CA HIS D 67 41.40 35.22 -6.37
C HIS D 67 42.41 34.51 -7.27
N VAL D 68 42.46 34.91 -8.53
CA VAL D 68 43.38 34.31 -9.48
C VAL D 68 44.77 34.21 -8.87
N GLY D 69 45.39 33.04 -9.02
CA GLY D 69 46.71 32.83 -8.48
C GLY D 69 46.73 32.12 -7.13
N ARG D 70 45.62 32.17 -6.40
CA ARG D 70 45.54 31.51 -5.10
C ARG D 70 45.03 30.07 -5.21
N SER D 71 45.19 29.31 -4.12
CA SER D 71 44.76 27.92 -4.04
C SER D 71 43.24 27.71 -4.13
N LYS D 72 42.81 26.85 -5.06
CA LYS D 72 41.39 26.57 -5.24
C LYS D 72 40.79 26.08 -3.92
N ALA D 73 41.50 25.14 -3.29
CA ALA D 73 41.09 24.55 -2.02
C ALA D 73 40.95 25.60 -0.93
N GLN D 74 41.97 26.43 -0.76
CA GLN D 74 41.91 27.46 0.27
C GLN D 74 40.79 28.44 0.01
N VAL D 75 40.70 28.94 -1.22
CA VAL D 75 39.67 29.92 -1.54
C VAL D 75 38.26 29.32 -1.45
N ALA D 76 38.10 28.11 -1.97
CA ALA D 76 36.80 27.44 -1.91
C ALA D 76 36.31 27.43 -0.45
N LYS D 77 37.19 26.99 0.46
CA LYS D 77 36.85 26.94 1.87
C LYS D 77 36.38 28.29 2.40
N GLU D 78 37.12 29.34 2.08
CA GLU D 78 36.77 30.69 2.52
C GLU D 78 35.43 31.15 1.98
N SER D 79 35.17 30.90 0.71
CA SER D 79 33.91 31.33 0.10
C SER D 79 32.71 30.60 0.69
N VAL D 80 32.86 29.31 0.95
CA VAL D 80 31.75 28.56 1.53
C VAL D 80 31.47 29.07 2.93
N LEU D 81 32.52 29.38 3.68
CA LEU D 81 32.36 29.87 5.03
C LEU D 81 31.62 31.20 5.11
N GLN D 82 31.46 31.88 3.97
CA GLN D 82 30.75 33.15 3.93
C GLN D 82 29.23 33.03 4.00
N PHE D 83 28.66 31.93 3.51
CA PHE D 83 27.22 31.77 3.57
C PHE D 83 26.84 30.60 4.50
N TYR D 84 27.87 30.01 5.11
CA TYR D 84 27.68 28.91 6.05
C TYR D 84 28.87 28.89 7.01
N PRO D 85 28.89 29.83 7.97
CA PRO D 85 29.97 29.94 8.95
C PRO D 85 30.14 28.75 9.89
N LYS D 86 29.06 28.04 10.16
CA LYS D 86 29.10 26.89 11.07
C LYS D 86 29.78 25.68 10.46
N ALA D 87 30.26 25.80 9.22
CA ALA D 87 30.90 24.67 8.55
C ALA D 87 32.31 24.38 9.06
N ASN D 88 32.65 23.09 9.05
CA ASN D 88 33.94 22.58 9.48
C ASN D 88 34.66 21.99 8.28
N ILE D 89 35.35 22.84 7.54
CA ILE D 89 36.05 22.43 6.35
C ILE D 89 37.55 22.44 6.53
N VAL D 90 38.19 21.42 5.98
CA VAL D 90 39.64 21.32 6.03
C VAL D 90 40.07 21.37 4.57
N ALA D 91 40.94 22.31 4.24
CA ALA D 91 41.41 22.44 2.85
C ALA D 91 42.85 22.01 2.72
N TYR D 92 43.13 21.25 1.66
CA TYR D 92 44.47 20.81 1.39
C TYR D 92 44.83 21.24 -0.02
N HIS D 93 45.92 22.00 -0.15
CA HIS D 93 46.40 22.45 -1.44
C HIS D 93 47.49 21.44 -1.73
N ASP D 94 47.11 20.33 -2.35
CA ASP D 94 48.06 19.27 -2.61
C ASP D 94 47.44 18.28 -3.60
N SER D 95 48.17 17.23 -3.95
CA SER D 95 47.67 16.18 -4.85
C SER D 95 47.26 14.99 -3.97
N ILE D 96 46.18 14.28 -4.31
CA ILE D 96 45.78 13.13 -3.48
C ILE D 96 46.72 11.96 -3.68
N MET D 97 47.59 12.06 -4.69
CA MET D 97 48.51 10.96 -4.93
C MET D 97 49.71 11.07 -3.99
N ASN D 98 49.67 12.09 -3.14
CA ASN D 98 50.71 12.33 -2.15
C ASN D 98 50.56 11.22 -1.11
N PRO D 99 51.65 10.49 -0.82
CA PRO D 99 51.74 9.38 0.14
C PRO D 99 51.10 9.69 1.49
N ASP D 100 51.02 10.96 1.84
CA ASP D 100 50.41 11.35 3.11
C ASP D 100 48.96 10.89 3.23
N TYR D 101 48.27 10.82 2.10
CA TYR D 101 46.86 10.42 2.11
C TYR D 101 46.76 8.93 1.88
N ASN D 102 47.03 8.20 2.95
CA ASN D 102 47.02 6.75 2.90
C ASN D 102 45.66 6.18 3.28
N VAL D 103 45.60 4.86 3.33
CA VAL D 103 44.38 4.13 3.69
C VAL D 103 43.78 4.63 5.00
N GLU D 104 44.63 4.88 6.00
CA GLU D 104 44.16 5.37 7.29
C GLU D 104 43.51 6.74 7.12
N PHE D 105 44.05 7.55 6.20
CA PHE D 105 43.51 8.88 5.95
C PHE D 105 42.12 8.75 5.33
N PHE D 106 41.99 7.87 4.35
CA PHE D 106 40.72 7.67 3.69
C PHE D 106 39.66 7.05 4.60
N ARG D 107 40.09 6.22 5.56
CA ARG D 107 39.17 5.55 6.49
C ARG D 107 38.41 6.48 7.41
N GLN D 108 38.78 7.75 7.44
CA GLN D 108 38.12 8.73 8.29
C GLN D 108 36.78 9.17 7.73
N PHE D 109 36.59 8.91 6.45
CA PHE D 109 35.37 9.37 5.79
C PHE D 109 34.28 8.32 5.64
N ILE D 110 33.03 8.78 5.64
CA ILE D 110 31.89 7.90 5.45
C ILE D 110 31.60 7.91 3.96
N LEU D 111 32.04 8.98 3.31
CA LEU D 111 31.82 9.14 1.88
C LEU D 111 32.93 9.92 1.17
N VAL D 112 33.33 9.44 0.01
CA VAL D 112 34.32 10.12 -0.80
C VAL D 112 33.68 10.48 -2.14
N MET D 113 33.94 11.70 -2.62
CA MET D 113 33.37 12.12 -3.90
C MET D 113 34.42 12.68 -4.84
N ASN D 114 34.56 12.03 -5.99
CA ASN D 114 35.51 12.45 -7.01
C ASN D 114 35.02 13.58 -7.93
N ALA D 115 35.86 14.59 -8.09
CA ALA D 115 35.57 15.74 -8.95
C ALA D 115 36.88 16.07 -9.67
N LEU D 116 37.49 15.03 -10.22
CA LEU D 116 38.78 15.10 -10.90
C LEU D 116 38.70 15.05 -12.43
N ASP D 117 39.82 15.38 -13.07
CA ASP D 117 39.95 15.38 -14.53
C ASP D 117 41.15 14.55 -14.99
N ASN D 118 41.78 13.86 -14.05
CA ASN D 118 42.98 13.07 -14.35
C ASN D 118 42.77 11.57 -14.08
N ARG D 119 42.97 10.78 -15.13
CA ARG D 119 42.80 9.33 -15.08
C ARG D 119 43.65 8.64 -14.00
N ALA D 120 44.93 8.97 -13.96
CA ALA D 120 45.83 8.37 -12.99
C ALA D 120 45.35 8.60 -11.55
N ALA D 121 44.87 9.81 -11.26
CA ALA D 121 44.38 10.15 -9.94
C ALA D 121 43.07 9.43 -9.63
N ARG D 122 42.22 9.26 -10.64
CA ARG D 122 40.97 8.56 -10.44
C ARG D 122 41.27 7.10 -10.08
N ASN D 123 42.17 6.47 -10.83
CA ASN D 123 42.53 5.09 -10.55
C ASN D 123 43.09 5.00 -9.15
N HIS D 124 43.86 6.01 -8.75
CA HIS D 124 44.44 6.02 -7.43
C HIS D 124 43.38 6.11 -6.35
N VAL D 125 42.47 7.08 -6.49
CA VAL D 125 41.41 7.27 -5.53
C VAL D 125 40.55 6.00 -5.51
N ASN D 126 40.34 5.43 -6.68
CA ASN D 126 39.55 4.21 -6.79
C ASN D 126 40.13 3.11 -5.88
N ARG D 127 41.44 2.88 -5.99
CA ARG D 127 42.10 1.86 -5.17
C ARG D 127 42.07 2.21 -3.69
N MET D 128 42.37 3.47 -3.37
CA MET D 128 42.38 3.91 -1.98
C MET D 128 41.01 3.66 -1.33
N CYS D 129 39.93 3.90 -2.06
CA CYS D 129 38.59 3.69 -1.51
C CYS D 129 38.26 2.22 -1.33
N LEU D 130 38.69 1.39 -2.27
CA LEU D 130 38.45 -0.04 -2.16
C LEU D 130 39.21 -0.56 -0.94
N ALA D 131 40.44 -0.08 -0.77
CA ALA D 131 41.29 -0.49 0.35
C ALA D 131 40.74 0.01 1.69
N ALA D 132 40.19 1.21 1.70
CA ALA D 132 39.67 1.75 2.94
C ALA D 132 38.21 1.30 3.13
N ASP D 133 37.68 0.63 2.11
CA ASP D 133 36.30 0.16 2.14
C ASP D 133 35.34 1.32 2.45
N VAL D 134 35.45 2.38 1.64
CA VAL D 134 34.62 3.56 1.77
C VAL D 134 33.88 3.82 0.46
N PRO D 135 32.57 4.02 0.52
CA PRO D 135 31.82 4.25 -0.72
C PRO D 135 32.34 5.48 -1.48
N LEU D 136 32.53 5.30 -2.78
CA LEU D 136 33.04 6.35 -3.67
C LEU D 136 32.07 6.73 -4.79
N ILE D 137 31.77 8.02 -4.90
CA ILE D 137 30.90 8.49 -5.99
C ILE D 137 31.82 9.11 -7.05
N GLU D 138 31.86 8.48 -8.22
CA GLU D 138 32.68 8.92 -9.35
C GLU D 138 31.82 9.73 -10.31
N SER D 139 32.38 10.82 -10.83
CA SER D 139 31.62 11.69 -11.73
C SER D 139 32.48 12.38 -12.78
N GLY D 140 31.82 12.94 -13.78
CA GLY D 140 32.52 13.63 -14.84
C GLY D 140 31.58 14.36 -15.76
N THR D 141 32.07 15.46 -16.33
CA THR D 141 31.27 16.26 -17.24
C THR D 141 32.11 16.58 -18.47
N ALA D 142 31.42 16.93 -19.56
CA ALA D 142 32.07 17.28 -20.82
C ALA D 142 31.00 17.93 -21.68
N GLY D 143 31.07 19.24 -21.81
CA GLY D 143 30.10 19.96 -22.59
C GLY D 143 28.74 19.86 -21.93
N TYR D 144 27.76 19.36 -22.68
CA TYR D 144 26.43 19.21 -22.14
C TYR D 144 26.25 17.83 -21.50
N LEU D 145 27.27 16.98 -21.64
CA LEU D 145 27.19 15.63 -21.11
C LEU D 145 27.82 15.41 -19.74
N GLY D 146 27.34 14.39 -19.04
CA GLY D 146 27.88 14.05 -17.74
C GLY D 146 27.35 12.74 -17.18
N GLN D 147 27.92 12.29 -16.08
CA GLN D 147 27.47 11.07 -15.42
C GLN D 147 27.92 10.95 -13.97
N VAL D 148 27.15 10.18 -13.22
CA VAL D 148 27.42 9.93 -11.81
C VAL D 148 27.29 8.44 -11.59
N THR D 149 28.10 7.89 -10.69
CA THR D 149 28.02 6.49 -10.39
C THR D 149 28.62 6.21 -9.02
N THR D 150 28.23 5.10 -8.42
CA THR D 150 28.71 4.72 -7.10
C THR D 150 29.62 3.51 -7.18
N ILE D 151 30.64 3.51 -6.35
CA ILE D 151 31.59 2.42 -6.31
C ILE D 151 31.67 1.93 -4.87
N LYS D 152 31.47 0.63 -4.70
CA LYS D 152 31.51 0.03 -3.38
C LYS D 152 32.03 -1.41 -3.46
N LYS D 153 33.12 -1.64 -2.74
CA LYS D 153 33.78 -2.93 -2.70
C LYS D 153 32.82 -4.09 -2.49
N GLY D 154 33.01 -5.15 -3.26
CA GLY D 154 32.18 -6.34 -3.15
C GLY D 154 30.71 -6.17 -3.46
N VAL D 155 30.33 -5.01 -4.01
CA VAL D 155 28.93 -4.78 -4.35
C VAL D 155 28.80 -4.32 -5.78
N THR D 156 29.62 -3.35 -6.17
CA THR D 156 29.56 -2.83 -7.54
C THR D 156 30.92 -2.88 -8.19
N GLU D 157 30.96 -2.59 -9.48
CA GLU D 157 32.24 -2.59 -10.16
C GLU D 157 32.98 -1.33 -9.72
N CYS D 158 34.30 -1.36 -9.82
CA CYS D 158 35.10 -0.22 -9.42
C CYS D 158 35.36 0.62 -10.67
N TYR D 159 36.01 1.75 -10.50
CA TYR D 159 36.31 2.63 -11.62
C TYR D 159 37.12 1.98 -12.73
N GLU D 160 37.84 0.90 -12.40
CA GLU D 160 38.69 0.25 -13.39
C GLU D 160 38.19 -1.07 -13.97
N CYS D 161 37.00 -1.52 -13.57
CA CYS D 161 36.44 -2.75 -14.11
C CYS D 161 36.28 -2.67 -15.63
N HIS D 162 35.91 -1.48 -16.12
CA HIS D 162 35.72 -1.24 -17.55
C HIS D 162 36.23 0.17 -17.83
N PRO D 163 37.54 0.33 -17.95
CA PRO D 163 38.17 1.63 -18.22
C PRO D 163 37.84 2.18 -19.61
N LYS D 164 37.87 3.50 -19.73
CA LYS D 164 37.59 4.15 -21.00
C LYS D 164 38.84 4.15 -21.86
N PRO D 165 38.67 4.11 -23.19
CA PRO D 165 39.79 4.11 -24.14
C PRO D 165 40.88 5.13 -23.78
N THR D 166 42.13 4.74 -24.00
CA THR D 166 43.26 5.61 -23.70
C THR D 166 43.51 6.66 -24.78
N GLN D 167 44.20 7.74 -24.41
CA GLN D 167 44.53 8.82 -25.33
C GLN D 167 45.15 8.30 -26.61
N ARG D 168 44.92 9.01 -27.73
CA ARG D 168 45.47 8.59 -29.01
C ARG D 168 47.00 8.61 -28.97
N THR D 169 47.63 7.67 -29.65
CA THR D 169 49.09 7.59 -29.68
C THR D 169 49.58 7.69 -31.12
N PHE D 170 50.84 8.10 -31.30
CA PHE D 170 51.41 8.22 -32.64
C PHE D 170 52.83 7.67 -32.72
N PRO D 171 53.08 6.73 -33.66
CA PRO D 171 54.40 6.11 -33.83
C PRO D 171 55.51 7.16 -33.97
N GLY D 172 56.66 6.87 -33.38
CA GLY D 172 57.78 7.79 -33.45
C GLY D 172 58.07 8.26 -34.86
N ALA D 173 58.44 7.32 -35.72
CA ALA D 173 58.77 7.61 -37.11
C ALA D 173 57.82 8.60 -37.78
N THR D 174 56.54 8.58 -37.39
CA THR D 174 55.55 9.48 -37.98
C THR D 174 55.77 10.92 -37.54
N ILE D 175 55.88 11.12 -36.23
CA ILE D 175 56.10 12.45 -35.69
C ILE D 175 57.49 12.93 -36.11
N ARG D 176 58.47 12.04 -35.98
CA ARG D 176 59.86 12.32 -36.32
C ARG D 176 60.14 12.59 -37.79
N ASN D 177 59.95 11.58 -38.64
CA ASN D 177 60.23 11.70 -40.07
C ASN D 177 59.09 12.04 -41.02
N THR D 178 58.00 11.28 -40.98
CA THR D 178 56.89 11.53 -41.89
C THR D 178 55.55 11.97 -41.32
N PRO D 179 55.45 13.24 -40.86
CA PRO D 179 54.19 13.73 -40.31
C PRO D 179 53.28 14.12 -41.46
N SER D 180 52.00 13.78 -41.36
CA SER D 180 51.05 14.10 -42.42
C SER D 180 49.82 14.81 -41.90
N GLU D 181 49.81 15.09 -40.59
CA GLU D 181 48.67 15.77 -39.98
C GLU D 181 49.09 16.83 -38.98
N PRO D 182 48.26 17.88 -38.81
CA PRO D 182 48.55 18.96 -37.87
C PRO D 182 48.80 18.44 -36.45
N ILE D 183 48.01 17.45 -36.06
CA ILE D 183 48.14 16.84 -34.74
C ILE D 183 49.55 16.26 -34.55
N HIS D 184 50.14 15.79 -35.64
CA HIS D 184 51.49 15.22 -35.61
C HIS D 184 52.53 16.31 -35.32
N CYS D 185 52.29 17.50 -35.87
CA CYS D 185 53.20 18.62 -35.66
C CYS D 185 53.07 19.10 -34.22
N ILE D 186 51.83 19.20 -33.75
CA ILE D 186 51.57 19.63 -32.38
C ILE D 186 52.25 18.71 -31.37
N VAL D 187 52.09 17.41 -31.54
CA VAL D 187 52.73 16.44 -30.64
C VAL D 187 54.24 16.65 -30.70
N TRP D 188 54.72 17.02 -31.88
CA TRP D 188 56.14 17.25 -32.08
C TRP D 188 56.55 18.48 -31.27
N ALA D 189 55.76 19.53 -31.38
CA ALA D 189 56.01 20.77 -30.65
C ALA D 189 56.06 20.49 -29.15
N LYS D 190 55.12 19.69 -28.67
CA LYS D 190 55.08 19.37 -27.25
C LYS D 190 56.34 18.61 -26.85
N TYR D 191 56.78 17.69 -27.71
CA TYR D 191 57.99 16.91 -27.47
C TYR D 191 59.19 17.85 -27.38
N LEU D 192 59.27 18.77 -28.34
CA LEU D 192 60.36 19.74 -28.40
C LEU D 192 60.46 20.50 -27.09
N PHE D 193 59.30 20.86 -26.53
CA PHE D 193 59.25 21.60 -25.27
C PHE D 193 59.95 20.82 -24.17
N ASN D 194 59.54 19.56 -24.00
CA ASN D 194 60.11 18.71 -22.97
C ASN D 194 61.60 18.51 -23.23
N GLN D 195 61.94 18.16 -24.46
CA GLN D 195 63.32 17.94 -24.84
C GLN D 195 64.19 19.17 -24.63
N LEU D 196 63.59 20.36 -24.73
CA LEU D 196 64.34 21.60 -24.56
C LEU D 196 64.40 22.11 -23.12
N PHE D 197 63.24 22.29 -22.50
CA PHE D 197 63.19 22.82 -21.13
C PHE D 197 62.71 21.83 -20.09
N GLY D 198 61.84 20.91 -20.48
CA GLY D 198 61.32 19.95 -19.52
C GLY D 198 62.08 18.65 -19.41
N GLU D 199 61.42 17.66 -18.84
CA GLU D 199 62.00 16.34 -18.65
C GLU D 199 62.27 15.71 -20.02
N GLU D 200 63.50 15.29 -20.23
CA GLU D 200 63.87 14.68 -21.50
C GLU D 200 63.43 13.23 -21.50
N ASP D 201 62.38 12.93 -22.26
CA ASP D 201 61.88 11.57 -22.35
C ASP D 201 62.53 10.91 -23.56
N ALA D 202 62.87 9.63 -23.44
CA ALA D 202 63.50 8.89 -24.52
C ALA D 202 62.58 8.65 -25.71
N ASP D 203 61.28 8.60 -25.45
CA ASP D 203 60.31 8.35 -26.50
C ASP D 203 59.92 9.62 -27.24
N GLN D 204 60.28 10.77 -26.69
CA GLN D 204 59.93 12.05 -27.30
C GLN D 204 61.09 12.74 -28.01
N GLU D 205 61.94 11.97 -28.68
CA GLU D 205 63.05 12.57 -29.40
C GLU D 205 62.47 13.46 -30.49
N VAL D 206 63.17 14.53 -30.84
CA VAL D 206 62.69 15.47 -31.85
C VAL D 206 63.41 15.36 -33.19
N SER D 207 64.72 15.20 -33.14
CA SER D 207 65.55 15.09 -34.34
C SER D 207 65.10 13.92 -35.21
N PRO D 208 65.38 13.99 -36.52
CA PRO D 208 65.00 12.92 -37.46
C PRO D 208 65.39 11.52 -36.98
N ASP D 209 64.52 10.55 -37.23
CA ASP D 209 64.75 9.16 -36.83
C ASP D 209 65.39 8.36 -37.95
N ARG D 210 66.48 7.66 -37.63
CA ARG D 210 67.19 6.85 -38.61
C ARG D 210 66.70 5.40 -38.63
N ALA D 211 66.39 4.86 -37.46
CA ALA D 211 65.90 3.49 -37.34
C ALA D 211 64.48 3.37 -37.88
N ASP D 212 64.15 4.17 -38.89
CA ASP D 212 62.82 4.17 -39.49
C ASP D 212 62.75 3.20 -40.67
N PRO D 213 62.08 2.04 -40.49
CA PRO D 213 61.94 1.04 -41.55
C PRO D 213 61.18 1.55 -42.77
N GLU D 214 61.82 2.42 -43.55
CA GLU D 214 61.22 2.99 -44.76
C GLU D 214 62.26 3.90 -45.41
N ALA D 215 63.48 3.80 -44.92
CA ALA D 215 64.60 4.58 -45.41
C ALA D 215 65.86 4.07 -44.71
N ALA D 216 66.85 3.65 -45.49
CA ALA D 216 68.09 3.13 -44.94
C ALA D 216 68.99 4.25 -44.44
N TRP D 217 70.09 3.89 -43.79
CA TRP D 217 71.03 4.87 -43.26
C TRP D 217 71.77 5.57 -44.41
N GLU D 218 72.53 6.62 -44.08
CA GLU D 218 73.28 7.37 -45.08
C GLU D 218 72.36 7.90 -46.19
N ILE D 238 75.73 16.31 -26.97
CA ILE D 238 75.13 15.25 -27.78
C ILE D 238 73.60 15.32 -27.72
N SER D 239 73.08 15.57 -26.52
CA SER D 239 71.64 15.65 -26.29
C SER D 239 71.05 17.00 -26.71
N THR D 240 69.80 16.97 -27.17
CA THR D 240 69.13 18.19 -27.62
C THR D 240 69.15 19.26 -26.53
N LYS D 241 68.87 18.85 -25.30
CA LYS D 241 68.84 19.80 -24.19
C LYS D 241 70.24 20.32 -23.85
N GLU D 242 71.26 19.52 -24.15
CA GLU D 242 72.65 19.92 -23.88
C GLU D 242 73.07 21.05 -24.82
N TRP D 243 72.92 20.80 -26.12
CA TRP D 243 73.28 21.78 -27.13
C TRP D 243 72.46 23.05 -26.98
N ALA D 244 71.19 22.89 -26.65
CA ALA D 244 70.30 24.05 -26.48
C ALA D 244 70.81 25.02 -25.44
N LYS D 245 71.32 24.50 -24.32
CA LYS D 245 71.83 25.35 -23.25
C LYS D 245 73.24 25.86 -23.57
N SER D 246 73.97 25.09 -24.37
CA SER D 246 75.33 25.46 -24.75
C SER D 246 75.33 26.74 -25.59
N THR D 247 74.18 27.03 -26.20
CA THR D 247 74.05 28.23 -27.02
C THR D 247 73.30 29.30 -26.24
N GLY D 248 72.96 28.98 -24.99
CA GLY D 248 72.23 29.92 -24.16
C GLY D 248 70.80 29.99 -24.61
N TYR D 249 70.31 28.89 -25.18
CA TYR D 249 68.94 28.83 -25.69
C TYR D 249 68.75 29.98 -26.66
N ASP D 250 69.57 29.97 -27.72
CA ASP D 250 69.51 31.01 -28.73
C ASP D 250 68.37 30.74 -29.72
N PRO D 251 67.43 31.69 -29.83
CA PRO D 251 66.30 31.55 -30.73
C PRO D 251 66.70 31.16 -32.16
N VAL D 252 67.61 31.93 -32.75
CA VAL D 252 68.08 31.65 -34.12
C VAL D 252 68.77 30.31 -34.28
N LYS D 253 69.70 30.00 -33.37
CA LYS D 253 70.42 28.74 -33.42
C LYS D 253 69.41 27.58 -33.40
N LEU D 254 68.51 27.62 -32.43
CA LEU D 254 67.48 26.60 -32.29
C LEU D 254 66.61 26.55 -33.53
N PHE D 255 66.18 27.72 -33.99
CA PHE D 255 65.34 27.81 -35.18
C PHE D 255 66.02 27.17 -36.39
N THR D 256 67.27 27.57 -36.62
CA THR D 256 68.06 27.07 -37.74
C THR D 256 68.23 25.55 -37.69
N LYS D 257 68.61 25.04 -36.53
CA LYS D 257 68.82 23.61 -36.35
C LYS D 257 67.56 22.76 -36.54
N LEU D 258 66.46 23.18 -35.91
CA LEU D 258 65.19 22.44 -35.97
C LEU D 258 64.37 22.62 -37.24
N PHE D 259 64.43 23.80 -37.85
CA PHE D 259 63.65 24.07 -39.04
C PHE D 259 64.41 24.15 -40.37
N LYS D 260 65.67 23.74 -40.36
CA LYS D 260 66.47 23.73 -41.59
C LYS D 260 67.46 22.58 -41.58
N ASP D 261 68.47 22.68 -40.72
CA ASP D 261 69.48 21.63 -40.63
C ASP D 261 68.85 20.25 -40.45
N ASP D 262 67.72 20.18 -39.77
CA ASP D 262 67.05 18.90 -39.57
C ASP D 262 66.16 18.55 -40.75
N ILE D 263 65.56 19.56 -41.37
CA ILE D 263 64.69 19.33 -42.52
C ILE D 263 65.58 18.92 -43.69
N ARG D 264 66.75 19.55 -43.78
CA ARG D 264 67.71 19.23 -44.84
C ARG D 264 68.07 17.75 -44.67
N TYR D 265 68.51 17.42 -43.47
CA TYR D 265 68.91 16.05 -43.14
C TYR D 265 67.77 15.06 -43.31
N LEU D 266 66.54 15.54 -43.28
CA LEU D 266 65.39 14.66 -43.42
C LEU D 266 65.20 14.33 -44.90
N LEU D 267 65.96 14.98 -45.75
CA LEU D 267 65.89 14.76 -47.19
C LEU D 267 66.97 13.78 -47.67
N THR D 268 67.78 13.29 -46.74
CA THR D 268 68.84 12.34 -47.05
C THR D 268 68.25 10.94 -47.19
N MET D 269 66.92 10.87 -47.13
CA MET D 269 66.20 9.62 -47.23
C MET D 269 65.13 9.77 -48.29
N ASP D 270 65.55 9.83 -49.55
CA ASP D 270 64.63 10.00 -50.67
C ASP D 270 63.55 8.92 -50.70
N LYS D 271 63.78 7.81 -50.00
CA LYS D 271 62.82 6.71 -49.96
C LYS D 271 61.50 7.20 -49.37
N LEU D 272 61.58 7.93 -48.27
CA LEU D 272 60.40 8.46 -47.59
C LEU D 272 59.70 9.52 -48.44
N TRP D 273 60.42 10.07 -49.40
CA TRP D 273 59.87 11.12 -50.26
C TRP D 273 59.53 10.61 -51.66
N ARG D 274 59.57 9.30 -51.84
CA ARG D 274 59.24 8.68 -53.13
C ARG D 274 57.73 8.63 -53.32
N LYS D 275 56.98 8.84 -52.25
CA LYS D 275 55.52 8.81 -52.31
C LYS D 275 54.88 10.10 -51.81
N ARG D 276 55.57 10.83 -50.93
CA ARG D 276 55.04 12.07 -50.38
C ARG D 276 55.85 13.29 -50.78
N LYS D 277 55.26 14.48 -50.63
CA LYS D 277 55.93 15.73 -50.96
C LYS D 277 57.01 16.03 -49.93
N PRO D 278 58.26 16.17 -50.38
CA PRO D 278 59.40 16.46 -49.50
C PRO D 278 59.23 17.77 -48.72
N PRO D 279 59.67 17.79 -47.45
CA PRO D 279 59.57 18.97 -46.60
C PRO D 279 60.54 20.07 -47.03
N VAL D 280 60.05 21.31 -47.05
CA VAL D 280 60.84 22.47 -47.46
C VAL D 280 61.43 23.18 -46.24
N PRO D 281 62.76 23.10 -46.06
CA PRO D 281 63.43 23.75 -44.92
C PRO D 281 63.08 25.23 -44.83
N LEU D 282 63.54 25.87 -43.75
CA LEU D 282 63.27 27.30 -43.55
C LEU D 282 64.54 28.01 -43.11
N ASP D 283 64.62 29.29 -43.45
CA ASP D 283 65.76 30.11 -43.08
C ASP D 283 65.28 31.35 -42.34
N TRP D 284 65.79 31.55 -41.14
CA TRP D 284 65.40 32.69 -40.31
C TRP D 284 65.47 34.02 -41.04
N ALA D 285 66.65 34.35 -41.57
CA ALA D 285 66.85 35.60 -42.29
C ALA D 285 65.96 35.76 -43.51
N GLU D 286 65.72 34.67 -44.22
CA GLU D 286 64.88 34.71 -45.40
C GLU D 286 63.42 34.88 -45.00
N VAL D 287 62.96 34.05 -44.06
CA VAL D 287 61.59 34.11 -43.58
C VAL D 287 61.28 35.43 -42.90
N GLN D 288 62.31 36.06 -42.34
CA GLN D 288 62.14 37.33 -41.65
C GLN D 288 61.93 38.50 -42.62
N SER D 289 61.41 38.20 -43.81
CA SER D 289 61.16 39.23 -44.81
C SER D 289 59.88 38.94 -45.59
N GLN D 290 58.83 39.71 -45.29
CA GLN D 290 57.57 39.52 -45.98
C GLN D 290 56.39 40.12 -45.22
N LEU D 305 37.30 39.61 -37.53
CA LEU D 305 36.36 38.53 -37.76
C LEU D 305 35.91 37.90 -36.44
N GLY D 306 36.84 37.23 -35.77
CA GLY D 306 36.53 36.60 -34.50
C GLY D 306 37.48 37.04 -33.40
N LEU D 307 37.98 36.08 -32.64
CA LEU D 307 38.91 36.37 -31.55
C LEU D 307 40.34 36.46 -32.09
N LYS D 308 41.20 37.22 -31.42
CA LYS D 308 42.58 37.33 -31.86
C LYS D 308 43.20 35.96 -32.05
N ASP D 309 43.14 35.11 -31.03
CA ASP D 309 43.72 33.77 -31.11
C ASP D 309 43.10 32.87 -32.17
N GLN D 310 41.97 33.27 -32.74
CA GLN D 310 41.31 32.46 -33.77
C GLN D 310 41.78 32.85 -35.18
N GLN D 311 42.64 33.86 -35.25
CA GLN D 311 43.18 34.32 -36.52
C GLN D 311 44.45 33.54 -36.79
N VAL D 312 44.63 33.08 -38.02
CA VAL D 312 45.83 32.35 -38.38
C VAL D 312 46.85 33.37 -38.86
N LEU D 313 48.03 33.36 -38.25
CA LEU D 313 49.09 34.30 -38.62
C LEU D 313 49.96 33.73 -39.73
N ASP D 314 50.85 34.56 -40.27
CA ASP D 314 51.74 34.14 -41.34
C ASP D 314 53.01 33.50 -40.78
N VAL D 315 53.76 32.83 -41.65
CA VAL D 315 54.98 32.13 -41.24
C VAL D 315 55.94 33.01 -40.44
N LYS D 316 56.09 34.27 -40.86
CA LYS D 316 56.98 35.20 -40.17
C LYS D 316 56.58 35.43 -38.72
N SER D 317 55.29 35.69 -38.51
CA SER D 317 54.77 35.95 -37.17
C SER D 317 55.02 34.81 -36.20
N TYR D 318 54.77 33.57 -36.63
CA TYR D 318 54.98 32.42 -35.78
C TYR D 318 56.46 32.20 -35.52
N ALA D 319 57.29 32.71 -36.40
CA ALA D 319 58.74 32.58 -36.27
C ALA D 319 59.16 33.50 -35.13
N ARG D 320 58.62 34.71 -35.15
CA ARG D 320 58.93 35.70 -34.12
C ARG D 320 58.34 35.26 -32.79
N LEU D 321 57.17 34.62 -32.83
CA LEU D 321 56.52 34.15 -31.60
C LEU D 321 57.40 33.04 -31.04
N PHE D 322 57.94 32.23 -31.93
CA PHE D 322 58.80 31.14 -31.54
C PHE D 322 59.98 31.68 -30.73
N SER D 323 60.58 32.77 -31.20
CA SER D 323 61.71 33.36 -30.50
C SER D 323 61.27 34.07 -29.23
N LYS D 324 60.10 34.72 -29.26
CA LYS D 324 59.61 35.42 -28.08
C LYS D 324 59.36 34.46 -26.93
N SER D 325 58.79 33.29 -27.23
CA SER D 325 58.50 32.33 -26.19
C SER D 325 59.76 31.69 -25.60
N ILE D 326 60.80 31.52 -26.42
CA ILE D 326 62.04 30.95 -25.93
C ILE D 326 62.69 31.92 -24.95
N GLU D 327 62.68 33.20 -25.28
CA GLU D 327 63.27 34.22 -24.43
C GLU D 327 62.64 34.20 -23.04
N THR D 328 61.32 34.11 -23.00
CA THR D 328 60.62 34.07 -21.72
C THR D 328 60.86 32.73 -21.01
N LEU D 329 60.74 31.64 -21.75
CA LEU D 329 60.92 30.32 -21.17
C LEU D 329 62.29 30.10 -20.53
N ARG D 330 63.36 30.51 -21.21
CA ARG D 330 64.68 30.33 -20.63
C ARG D 330 64.83 31.10 -19.33
N VAL D 331 64.01 32.12 -19.14
CA VAL D 331 64.07 32.89 -17.90
C VAL D 331 63.35 32.12 -16.80
N HIS D 332 62.14 31.66 -17.11
CA HIS D 332 61.35 30.91 -16.15
C HIS D 332 62.12 29.67 -15.72
N LEU D 333 62.98 29.18 -16.61
CA LEU D 333 63.78 28.01 -16.29
C LEU D 333 64.89 28.38 -15.33
N ALA D 334 65.60 29.46 -15.64
CA ALA D 334 66.69 29.92 -14.80
C ALA D 334 66.20 30.30 -13.41
N GLU D 335 64.96 30.77 -13.34
CA GLU D 335 64.36 31.16 -12.07
C GLU D 335 64.06 29.97 -11.17
N LYS D 336 63.92 28.79 -11.74
CA LYS D 336 63.62 27.59 -10.95
C LYS D 336 64.80 26.98 -10.20
N GLY D 337 66.01 27.28 -10.66
CA GLY D 337 67.18 26.74 -9.99
C GLY D 337 68.09 25.94 -10.90
N ASP D 338 69.09 25.29 -10.30
CA ASP D 338 70.02 24.48 -11.08
C ASP D 338 69.39 23.13 -11.39
N GLY D 339 69.56 22.68 -12.63
CA GLY D 339 69.00 21.41 -13.04
C GLY D 339 67.50 21.33 -12.79
N ALA D 340 66.79 22.39 -13.19
CA ALA D 340 65.35 22.42 -13.01
C ALA D 340 64.67 22.13 -14.35
N GLU D 341 63.53 21.47 -14.28
CA GLU D 341 62.77 21.13 -15.48
C GLU D 341 61.41 21.81 -15.43
N LEU D 342 60.99 22.37 -16.56
CA LEU D 342 59.70 23.02 -16.62
C LEU D 342 58.67 21.98 -16.99
N ILE D 343 57.41 22.21 -16.62
CA ILE D 343 56.35 21.30 -16.96
C ILE D 343 55.36 22.07 -17.83
N TRP D 344 55.13 21.56 -19.04
CA TRP D 344 54.23 22.24 -19.95
C TRP D 344 52.80 22.35 -19.43
N ASP D 345 52.27 23.57 -19.46
CA ASP D 345 50.90 23.84 -19.00
C ASP D 345 50.14 24.63 -20.06
N LYS D 346 48.97 24.11 -20.44
CA LYS D 346 48.13 24.74 -21.45
C LYS D 346 47.74 26.18 -21.11
N ASP D 347 47.72 26.53 -19.83
CA ASP D 347 47.31 27.88 -19.46
C ASP D 347 48.43 28.90 -19.41
N ASP D 348 49.69 28.46 -19.47
CA ASP D 348 50.79 29.41 -19.45
C ASP D 348 51.02 29.97 -20.84
N PRO D 349 50.96 31.31 -20.96
CA PRO D 349 51.14 32.04 -22.22
C PRO D 349 52.33 31.63 -23.06
N SER D 350 53.53 31.66 -22.47
CA SER D 350 54.73 31.31 -23.20
C SER D 350 54.79 29.81 -23.56
N ALA D 351 54.41 28.96 -22.61
CA ALA D 351 54.44 27.53 -22.89
C ALA D 351 53.52 27.21 -24.08
N MET D 352 52.40 27.93 -24.15
CA MET D 352 51.43 27.75 -25.23
C MET D 352 51.93 28.47 -26.49
N ASP D 353 52.60 29.61 -26.33
CA ASP D 353 53.13 30.33 -27.48
C ASP D 353 54.18 29.45 -28.17
N PHE D 354 54.98 28.76 -27.37
CA PHE D 354 55.99 27.87 -27.90
C PHE D 354 55.37 26.81 -28.79
N VAL D 355 54.52 25.97 -28.21
CA VAL D 355 53.89 24.91 -28.97
C VAL D 355 53.12 25.44 -30.18
N THR D 356 52.45 26.57 -30.03
CA THR D 356 51.69 27.15 -31.13
C THR D 356 52.60 27.47 -32.31
N SER D 357 53.63 28.26 -32.04
CA SER D 357 54.57 28.68 -33.07
C SER D 357 55.40 27.52 -33.63
N ALA D 358 56.00 26.73 -32.75
CA ALA D 358 56.81 25.60 -33.18
C ALA D 358 56.02 24.61 -34.02
N ALA D 359 54.76 24.38 -33.64
CA ALA D 359 53.93 23.43 -34.36
C ALA D 359 53.52 23.93 -35.75
N ASN D 360 53.18 25.21 -35.85
CA ASN D 360 52.79 25.75 -37.14
C ASN D 360 53.96 25.75 -38.12
N LEU D 361 55.13 26.19 -37.66
CA LEU D 361 56.30 26.21 -38.52
C LEU D 361 56.47 24.81 -39.11
N ARG D 362 56.36 23.80 -38.26
CA ARG D 362 56.49 22.41 -38.69
C ARG D 362 55.49 22.15 -39.81
N MET D 363 54.21 22.38 -39.52
CA MET D 363 53.15 22.16 -40.49
C MET D 363 53.46 22.82 -41.83
N HIS D 364 53.85 24.09 -41.78
CA HIS D 364 54.17 24.84 -42.99
C HIS D 364 55.24 24.12 -43.81
N ILE D 365 56.28 23.66 -43.13
CA ILE D 365 57.38 22.96 -43.78
C ILE D 365 56.87 21.79 -44.61
N PHE D 366 55.94 21.02 -44.04
CA PHE D 366 55.39 19.87 -44.75
C PHE D 366 54.15 20.25 -45.58
N SER D 367 54.09 21.52 -45.95
CA SER D 367 53.01 22.06 -46.77
C SER D 367 51.60 21.81 -46.21
N MET D 368 51.37 22.24 -44.98
CA MET D 368 50.07 22.09 -44.34
C MET D 368 49.60 23.47 -43.93
N ASN D 369 48.29 23.64 -43.83
CA ASN D 369 47.74 24.92 -43.41
C ASN D 369 47.97 25.07 -41.91
N MET D 370 48.54 26.19 -41.51
CA MET D 370 48.80 26.45 -40.10
C MET D 370 47.49 26.70 -39.38
N LYS D 371 47.35 26.16 -38.17
CA LYS D 371 46.14 26.37 -37.38
C LYS D 371 46.31 27.52 -36.41
N SER D 372 45.17 28.12 -36.03
CA SER D 372 45.17 29.24 -35.09
C SER D 372 45.61 28.83 -33.69
N ARG D 373 46.01 29.80 -32.89
CA ARG D 373 46.44 29.52 -31.52
C ARG D 373 45.24 28.93 -30.77
N PHE D 374 44.07 29.51 -30.98
CA PHE D 374 42.84 29.03 -30.34
C PHE D 374 42.65 27.54 -30.60
N ASP D 375 42.73 27.15 -31.86
CA ASP D 375 42.57 25.76 -32.29
C ASP D 375 43.65 24.81 -31.77
N ILE D 376 44.89 25.29 -31.74
CA ILE D 376 46.01 24.49 -31.28
C ILE D 376 45.94 24.22 -29.77
N LYS D 377 45.46 25.20 -29.02
CA LYS D 377 45.35 25.07 -27.57
C LYS D 377 44.45 23.89 -27.22
N SER D 378 43.35 23.72 -27.97
CA SER D 378 42.42 22.63 -27.74
C SER D 378 43.08 21.26 -27.92
N MET D 379 43.85 21.12 -29.00
CA MET D 379 44.52 19.86 -29.29
C MET D 379 45.70 19.57 -28.39
N ALA D 380 46.54 20.58 -28.17
CA ALA D 380 47.70 20.42 -27.30
C ALA D 380 47.28 20.20 -25.86
N GLY D 381 46.33 21.00 -25.39
CA GLY D 381 45.88 20.87 -24.01
C GLY D 381 44.74 19.90 -23.76
N ASN D 382 44.25 19.25 -24.81
CA ASN D 382 43.13 18.31 -24.68
C ASN D 382 42.05 18.99 -23.85
N ILE D 383 41.75 20.23 -24.21
CA ILE D 383 40.75 21.03 -23.51
C ILE D 383 39.34 20.52 -23.74
N ILE D 384 38.60 20.42 -22.64
CA ILE D 384 37.25 19.93 -22.71
C ILE D 384 36.25 21.06 -22.48
N PRO D 385 35.43 21.36 -23.49
CA PRO D 385 34.44 22.44 -23.36
C PRO D 385 33.66 22.21 -22.08
N ALA D 386 33.45 23.27 -21.30
CA ALA D 386 32.73 23.16 -20.03
C ALA D 386 31.91 24.39 -19.73
N ILE D 387 30.79 24.18 -19.04
CA ILE D 387 29.89 25.26 -18.67
C ILE D 387 29.41 25.03 -17.25
N ALA D 388 28.81 26.05 -16.66
CA ALA D 388 28.32 25.94 -15.31
C ALA D 388 27.11 25.02 -15.13
N THR D 389 26.09 25.16 -15.98
CA THR D 389 24.88 24.35 -15.85
C THR D 389 25.09 22.84 -15.78
N THR D 390 25.93 22.29 -16.65
CA THR D 390 26.17 20.85 -16.65
C THR D 390 26.78 20.40 -15.33
N ASN D 391 27.78 21.13 -14.85
CA ASN D 391 28.45 20.82 -13.59
C ASN D 391 27.49 20.93 -12.43
N ALA D 392 26.59 21.89 -12.48
CA ALA D 392 25.65 22.07 -11.41
C ALA D 392 24.68 20.89 -11.36
N VAL D 393 24.26 20.38 -12.51
CA VAL D 393 23.34 19.23 -12.56
C VAL D 393 23.99 17.99 -11.94
N ILE D 394 25.18 17.63 -12.40
CA ILE D 394 25.86 16.46 -11.86
C ILE D 394 26.12 16.60 -10.36
N ALA D 395 26.51 17.78 -9.91
CA ALA D 395 26.79 17.98 -8.49
C ALA D 395 25.55 17.75 -7.64
N GLY D 396 24.39 18.15 -8.16
CA GLY D 396 23.15 17.95 -7.44
C GLY D 396 22.86 16.45 -7.34
N LEU D 397 23.08 15.74 -8.44
CA LEU D 397 22.86 14.30 -8.48
C LEU D 397 23.81 13.54 -7.55
N ILE D 398 25.03 14.06 -7.41
CA ILE D 398 26.00 13.40 -6.54
C ILE D 398 25.52 13.36 -5.11
N VAL D 399 24.96 14.47 -4.64
CA VAL D 399 24.45 14.54 -3.28
C VAL D 399 23.24 13.65 -3.07
N LEU D 400 22.35 13.60 -4.06
CA LEU D 400 21.17 12.75 -3.94
C LEU D 400 21.64 11.31 -3.79
N GLU D 401 22.68 10.94 -4.54
CA GLU D 401 23.22 9.59 -4.46
C GLU D 401 23.85 9.38 -3.09
N GLY D 402 24.56 10.39 -2.60
CA GLY D 402 25.21 10.28 -1.30
C GLY D 402 24.21 10.08 -0.17
N LEU D 403 23.04 10.68 -0.28
CA LEU D 403 22.01 10.55 0.74
C LEU D 403 21.48 9.11 0.78
N LYS D 404 21.42 8.47 -0.39
CA LYS D 404 20.96 7.10 -0.46
C LYS D 404 21.96 6.27 0.35
N ILE D 405 23.22 6.35 -0.07
CA ILE D 405 24.31 5.63 0.58
C ILE D 405 24.33 5.78 2.10
N LEU D 406 24.16 7.00 2.58
CA LEU D 406 24.18 7.24 4.01
C LEU D 406 22.91 6.75 4.68
N SER D 407 21.92 6.40 3.87
CA SER D 407 20.64 5.89 4.37
C SER D 407 20.65 4.37 4.27
N GLY D 408 21.78 3.82 3.86
CA GLY D 408 21.89 2.38 3.72
C GLY D 408 21.06 1.85 2.55
N LYS D 409 20.84 2.66 1.53
CA LYS D 409 20.07 2.23 0.38
C LYS D 409 20.87 2.17 -0.93
N ILE D 410 22.07 1.60 -0.86
CA ILE D 410 22.93 1.47 -2.04
C ILE D 410 22.14 0.78 -3.15
N ASP D 411 21.17 -0.03 -2.76
CA ASP D 411 20.34 -0.75 -3.72
C ASP D 411 19.54 0.22 -4.58
N GLN D 412 19.35 1.43 -4.08
CA GLN D 412 18.59 2.44 -4.82
C GLN D 412 19.52 3.39 -5.59
N CYS D 413 20.83 3.22 -5.42
CA CYS D 413 21.78 4.04 -6.12
C CYS D 413 21.85 3.60 -7.57
N ARG D 414 22.28 4.49 -8.45
CA ARG D 414 22.39 4.11 -9.85
C ARG D 414 23.37 4.97 -10.62
N THR D 415 23.70 4.51 -11.82
CA THR D 415 24.57 5.27 -12.69
C THR D 415 23.58 6.14 -13.46
N ILE D 416 23.72 7.45 -13.35
CA ILE D 416 22.84 8.35 -14.05
C ILE D 416 23.62 9.05 -15.16
N PHE D 417 23.06 9.04 -16.37
CA PHE D 417 23.71 9.71 -17.50
C PHE D 417 22.90 10.95 -17.86
N LEU D 418 23.61 12.04 -18.16
CA LEU D 418 22.96 13.28 -18.56
C LEU D 418 23.21 13.42 -20.07
N ASN D 419 22.14 13.36 -20.86
CA ASN D 419 22.28 13.48 -22.32
C ASN D 419 22.04 14.91 -22.79
N LYS D 420 22.33 15.19 -24.05
CA LYS D 420 22.12 16.52 -24.56
C LYS D 420 20.64 16.66 -24.97
N GLN D 421 20.11 15.59 -25.55
CA GLN D 421 18.70 15.56 -25.98
C GLN D 421 18.10 14.28 -25.41
N PRO D 422 16.77 14.25 -25.20
CA PRO D 422 16.14 13.06 -24.66
C PRO D 422 16.19 11.86 -25.61
N ASN D 423 16.24 10.66 -25.06
CA ASN D 423 16.29 9.45 -25.87
C ASN D 423 14.89 9.04 -26.32
N PRO D 424 14.78 7.98 -27.14
CA PRO D 424 13.47 7.50 -27.63
C PRO D 424 12.43 7.30 -26.54
N ARG D 425 12.89 7.13 -25.30
CA ARG D 425 11.99 6.94 -24.17
C ARG D 425 11.69 8.27 -23.48
N LYS D 426 12.07 9.36 -24.13
CA LYS D 426 11.86 10.72 -23.63
C LYS D 426 12.71 11.02 -22.39
N LYS D 427 13.82 10.29 -22.24
CA LYS D 427 14.68 10.50 -21.08
C LYS D 427 15.94 11.33 -21.33
N LEU D 428 16.03 12.46 -20.63
CA LEU D 428 17.18 13.34 -20.74
C LEU D 428 18.20 12.86 -19.69
N LEU D 429 17.69 12.48 -18.53
CA LEU D 429 18.53 11.94 -17.47
C LEU D 429 18.16 10.46 -17.42
N VAL D 430 19.12 9.59 -17.73
CA VAL D 430 18.90 8.16 -17.77
C VAL D 430 19.47 7.37 -16.59
N PRO D 431 18.62 6.92 -15.68
CA PRO D 431 19.14 6.15 -14.54
C PRO D 431 19.34 4.67 -14.94
N CYS D 432 20.46 4.09 -14.54
CA CYS D 432 20.77 2.69 -14.83
C CYS D 432 21.15 1.95 -13.56
N ALA D 433 20.81 0.67 -13.49
CA ALA D 433 21.12 -0.12 -12.30
C ALA D 433 22.63 -0.30 -12.20
N LEU D 434 23.14 -0.35 -10.97
CA LEU D 434 24.57 -0.53 -10.77
C LEU D 434 24.98 -1.96 -11.11
N ASP D 435 26.04 -2.08 -11.92
CA ASP D 435 26.56 -3.38 -12.31
C ASP D 435 27.41 -4.01 -11.22
N PRO D 436 27.42 -5.35 -11.13
CA PRO D 436 28.22 -6.02 -10.11
C PRO D 436 29.69 -6.02 -10.53
N PRO D 437 30.61 -6.37 -9.60
CA PRO D 437 32.04 -6.41 -9.90
C PRO D 437 32.40 -7.23 -11.13
N ASN D 438 33.29 -6.71 -11.97
CA ASN D 438 33.70 -7.47 -13.15
C ASN D 438 34.75 -8.46 -12.63
N PRO D 439 34.45 -9.77 -12.70
CA PRO D 439 35.38 -10.82 -12.23
C PRO D 439 36.71 -10.85 -12.98
N ASN D 440 36.76 -10.19 -14.13
CA ASN D 440 37.98 -10.16 -14.92
C ASN D 440 38.76 -8.87 -14.66
N CYS D 441 38.33 -8.08 -13.67
CA CYS D 441 39.01 -6.83 -13.35
C CYS D 441 40.34 -7.13 -12.66
N TYR D 442 41.41 -6.53 -13.17
CA TYR D 442 42.72 -6.77 -12.58
C TYR D 442 43.00 -5.83 -11.41
N VAL D 443 41.96 -5.19 -10.90
CA VAL D 443 42.15 -4.29 -9.77
C VAL D 443 41.33 -4.69 -8.55
N CYS D 444 40.01 -4.78 -8.69
CA CYS D 444 39.17 -5.12 -7.54
C CYS D 444 38.92 -6.61 -7.32
N ALA D 445 39.45 -7.45 -8.19
CA ALA D 445 39.25 -8.89 -8.03
C ALA D 445 40.18 -9.35 -6.90
N SER D 446 39.84 -10.47 -6.28
CA SER D 446 40.68 -11.04 -5.22
C SER D 446 41.85 -11.70 -5.96
N LYS D 447 43.07 -11.43 -5.51
CA LYS D 447 44.24 -11.99 -6.16
C LYS D 447 44.22 -11.63 -7.66
N PRO D 448 44.20 -10.33 -7.97
CA PRO D 448 44.19 -9.94 -9.39
C PRO D 448 45.46 -10.41 -10.09
N GLU D 449 45.32 -10.80 -11.35
CA GLU D 449 46.44 -11.31 -12.12
C GLU D 449 46.34 -10.87 -13.58
N VAL D 450 47.48 -10.52 -14.19
CA VAL D 450 47.51 -10.10 -15.59
C VAL D 450 48.70 -10.75 -16.30
N THR D 451 48.73 -10.60 -17.62
CA THR D 451 49.81 -11.17 -18.40
C THR D 451 50.32 -10.12 -19.37
N VAL D 452 51.64 -10.03 -19.51
CA VAL D 452 52.24 -9.04 -20.40
C VAL D 452 53.27 -9.67 -21.33
N ARG D 453 53.27 -9.21 -22.59
CA ARG D 453 54.21 -9.71 -23.59
C ARG D 453 55.30 -8.67 -23.79
N LEU D 454 56.55 -9.10 -23.78
CA LEU D 454 57.67 -8.17 -23.99
C LEU D 454 58.98 -8.90 -24.27
N ASN D 455 59.93 -8.16 -24.84
CA ASN D 455 61.25 -8.70 -25.15
C ASN D 455 62.10 -8.63 -23.88
N VAL D 456 62.09 -9.69 -23.09
CA VAL D 456 62.85 -9.73 -21.85
C VAL D 456 64.33 -9.44 -22.07
N HIS D 457 64.84 -9.77 -23.25
CA HIS D 457 66.24 -9.52 -23.58
C HIS D 457 66.35 -8.15 -24.25
N LYS D 458 65.52 -7.20 -23.83
CA LYS D 458 65.56 -5.87 -24.43
C LYS D 458 64.97 -4.80 -23.50
N VAL D 459 64.03 -5.20 -22.65
CA VAL D 459 63.38 -4.28 -21.72
C VAL D 459 64.16 -4.19 -20.41
N THR D 460 64.40 -2.98 -19.95
CA THR D 460 65.12 -2.76 -18.70
C THR D 460 64.17 -2.72 -17.50
N VAL D 461 64.73 -2.77 -16.30
CA VAL D 461 63.91 -2.72 -15.09
C VAL D 461 63.25 -1.35 -14.97
N LEU D 462 63.89 -0.34 -15.55
CA LEU D 462 63.36 1.02 -15.52
C LEU D 462 62.03 1.08 -16.25
N THR D 463 62.03 0.59 -17.49
CA THR D 463 60.83 0.59 -18.31
C THR D 463 59.69 -0.14 -17.60
N LEU D 464 60.02 -1.29 -17.01
CA LEU D 464 59.04 -2.08 -16.28
C LEU D 464 58.39 -1.22 -15.17
N GLN D 465 59.20 -0.39 -14.54
CA GLN D 465 58.74 0.47 -13.46
C GLN D 465 57.99 1.71 -13.91
N ASP D 466 58.63 2.50 -14.76
CA ASP D 466 58.05 3.75 -15.25
C ASP D 466 56.91 3.67 -16.25
N LYS D 467 56.99 2.76 -17.20
CA LYS D 467 55.96 2.66 -18.22
C LYS D 467 54.94 1.56 -18.00
N ILE D 468 55.37 0.44 -17.44
CA ILE D 468 54.45 -0.67 -17.22
C ILE D 468 53.72 -0.64 -15.88
N VAL D 469 54.46 -0.64 -14.78
CA VAL D 469 53.85 -0.65 -13.47
C VAL D 469 53.28 0.70 -13.00
N LYS D 470 53.97 1.81 -13.29
CA LYS D 470 53.50 3.11 -12.85
C LYS D 470 52.56 3.83 -13.81
N GLU D 471 52.83 3.77 -15.10
CA GLU D 471 51.95 4.43 -16.07
C GLU D 471 50.81 3.56 -16.53
N LYS D 472 51.11 2.32 -16.92
CA LYS D 472 50.08 1.42 -17.40
C LYS D 472 49.18 0.91 -16.26
N PHE D 473 49.78 0.35 -15.22
CA PHE D 473 49.02 -0.19 -14.11
C PHE D 473 48.70 0.80 -12.99
N ALA D 474 48.98 2.07 -13.26
CA ALA D 474 48.68 3.15 -12.32
C ALA D 474 49.16 3.03 -10.89
N MET D 475 50.37 2.50 -10.68
CA MET D 475 50.86 2.41 -9.32
C MET D 475 51.66 3.66 -8.98
N VAL D 476 51.63 4.05 -7.72
CA VAL D 476 52.35 5.24 -7.25
C VAL D 476 53.75 4.91 -6.75
N ALA D 477 53.85 4.00 -5.79
CA ALA D 477 55.15 3.58 -5.24
C ALA D 477 55.24 2.06 -5.29
N PRO D 478 55.56 1.50 -6.46
CA PRO D 478 55.67 0.06 -6.66
C PRO D 478 56.88 -0.66 -6.06
N ASP D 479 56.65 -1.89 -5.64
CA ASP D 479 57.68 -2.75 -5.08
C ASP D 479 57.48 -4.07 -5.82
N VAL D 480 58.32 -4.33 -6.81
CA VAL D 480 58.20 -5.55 -7.58
C VAL D 480 59.25 -6.61 -7.28
N GLN D 481 58.78 -7.82 -6.98
CA GLN D 481 59.68 -8.92 -6.70
C GLN D 481 59.35 -10.07 -7.64
N ILE D 482 60.27 -11.04 -7.73
CA ILE D 482 60.07 -12.19 -8.61
C ILE D 482 59.69 -13.40 -7.75
N GLU D 483 58.69 -14.16 -8.20
CA GLU D 483 58.24 -15.34 -7.46
C GLU D 483 59.10 -16.55 -7.77
N ASP D 484 59.89 -16.98 -6.77
CA ASP D 484 60.75 -18.14 -6.93
C ASP D 484 61.27 -18.61 -5.58
N GLY D 485 60.54 -18.26 -4.52
CA GLY D 485 60.95 -18.64 -3.18
C GLY D 485 61.90 -17.62 -2.60
N LYS D 486 62.97 -17.35 -3.34
CA LYS D 486 63.97 -16.38 -2.93
C LYS D 486 63.34 -15.01 -2.71
N GLY D 487 62.55 -14.56 -3.68
CA GLY D 487 61.89 -13.27 -3.57
C GLY D 487 62.82 -12.16 -4.00
N THR D 488 63.49 -12.35 -5.13
CA THR D 488 64.41 -11.36 -5.67
C THR D 488 63.71 -10.04 -5.88
N ILE D 489 64.34 -8.97 -5.42
CA ILE D 489 63.76 -7.63 -5.54
C ILE D 489 64.23 -6.91 -6.80
N LEU D 490 63.30 -6.65 -7.71
CA LEU D 490 63.60 -5.96 -8.96
C LEU D 490 63.45 -4.46 -8.78
N ILE D 491 62.40 -4.05 -8.07
CA ILE D 491 62.13 -2.64 -7.86
C ILE D 491 61.66 -2.39 -6.43
N SER D 492 62.05 -1.25 -5.87
CA SER D 492 61.68 -0.90 -4.51
C SER D 492 61.17 0.54 -4.43
N SER D 493 60.18 0.76 -3.58
CA SER D 493 59.61 2.09 -3.41
C SER D 493 60.56 3.00 -2.61
N GLU D 494 61.43 2.38 -1.81
CA GLU D 494 62.40 3.14 -1.03
C GLU D 494 63.53 3.60 -1.94
N GLU D 495 63.50 4.88 -2.29
CA GLU D 495 64.49 5.49 -3.18
C GLU D 495 65.93 5.12 -2.87
N GLY D 496 66.65 4.64 -3.88
CA GLY D 496 68.04 4.29 -3.70
C GLY D 496 68.43 2.83 -3.85
N GLU D 497 67.81 1.97 -3.04
CA GLU D 497 68.13 0.54 -3.06
C GLU D 497 67.69 -0.22 -4.31
N THR D 498 67.54 0.49 -5.43
CA THR D 498 67.13 -0.15 -6.67
C THR D 498 67.65 0.62 -7.88
N GLU D 499 68.42 1.67 -7.64
CA GLU D 499 68.97 2.48 -8.73
C GLU D 499 69.97 1.67 -9.54
N ALA D 500 70.52 0.62 -8.93
CA ALA D 500 71.50 -0.23 -9.59
C ALA D 500 70.91 -1.16 -10.65
N ASN D 501 69.61 -1.40 -10.56
CA ASN D 501 68.95 -2.28 -11.53
C ASN D 501 68.25 -1.50 -12.63
N ASN D 502 68.00 -0.21 -12.39
CA ASN D 502 67.32 0.64 -13.37
C ASN D 502 67.55 0.27 -14.83
N HIS D 503 68.73 0.57 -15.34
CA HIS D 503 69.05 0.27 -16.74
C HIS D 503 69.79 -1.06 -16.81
N LYS D 504 69.04 -2.15 -16.73
CA LYS D 504 69.60 -3.49 -16.76
C LYS D 504 68.53 -4.46 -17.25
N LYS D 505 68.75 -5.04 -18.43
CA LYS D 505 67.80 -5.98 -19.01
C LYS D 505 67.16 -6.93 -18.00
N LEU D 506 65.87 -7.20 -18.21
CA LEU D 506 65.09 -8.08 -17.34
C LEU D 506 65.58 -9.53 -17.38
N SER D 507 66.29 -9.88 -18.43
CA SER D 507 66.81 -11.24 -18.56
C SER D 507 67.93 -11.45 -17.55
N GLU D 508 68.70 -10.40 -17.32
CA GLU D 508 69.83 -10.45 -16.39
C GLU D 508 69.39 -10.81 -14.96
N PHE D 509 68.09 -10.85 -14.73
CA PHE D 509 67.56 -11.20 -13.41
C PHE D 509 66.89 -12.56 -13.49
N GLY D 510 67.10 -13.25 -14.60
CA GLY D 510 66.52 -14.57 -14.78
C GLY D 510 65.07 -14.55 -15.22
N ILE D 511 64.63 -13.43 -15.79
CA ILE D 511 63.25 -13.34 -16.24
C ILE D 511 63.09 -14.04 -17.57
N ARG D 512 62.40 -15.17 -17.54
CA ARG D 512 62.17 -15.97 -18.74
C ARG D 512 60.68 -16.07 -19.03
N ASN D 513 60.34 -16.62 -20.20
CA ASN D 513 58.95 -16.77 -20.61
C ASN D 513 58.21 -17.64 -19.58
N GLY D 514 57.17 -17.07 -18.96
CA GLY D 514 56.41 -17.82 -17.97
C GLY D 514 56.66 -17.37 -16.55
N SER D 515 57.71 -16.59 -16.34
CA SER D 515 58.05 -16.10 -15.01
C SER D 515 56.94 -15.20 -14.47
N ARG D 516 56.74 -15.23 -13.16
CA ARG D 516 55.71 -14.43 -12.51
C ARG D 516 56.29 -13.39 -11.57
N LEU D 517 55.92 -12.14 -11.82
CA LEU D 517 56.39 -11.02 -11.00
C LEU D 517 55.25 -10.55 -10.10
N GLN D 518 55.55 -10.29 -8.85
CA GLN D 518 54.52 -9.80 -7.95
C GLN D 518 54.79 -8.32 -7.72
N ALA D 519 53.88 -7.48 -8.18
CA ALA D 519 54.03 -6.04 -8.02
C ALA D 519 53.14 -5.60 -6.87
N ASP D 520 53.72 -4.87 -5.95
CA ASP D 520 52.99 -4.39 -4.79
C ASP D 520 53.08 -2.88 -4.68
N ASP D 521 52.00 -2.28 -4.20
CA ASP D 521 51.95 -0.84 -3.95
C ASP D 521 51.25 -0.78 -2.60
N PHE D 522 52.04 -0.79 -1.54
CA PHE D 522 51.50 -0.77 -0.19
C PHE D 522 50.68 0.48 0.13
N LEU D 523 50.94 1.56 -0.58
CA LEU D 523 50.17 2.78 -0.35
C LEU D 523 48.73 2.49 -0.75
N GLN D 524 48.55 1.89 -1.92
CA GLN D 524 47.23 1.56 -2.44
C GLN D 524 46.73 0.22 -1.91
N ASP D 525 47.56 -0.47 -1.13
CA ASP D 525 47.21 -1.78 -0.59
C ASP D 525 46.68 -2.61 -1.74
N TYR D 526 47.47 -2.61 -2.82
CA TYR D 526 47.12 -3.30 -4.05
C TYR D 526 48.25 -4.24 -4.52
N THR D 527 47.92 -5.52 -4.68
CA THR D 527 48.90 -6.50 -5.12
C THR D 527 48.49 -7.02 -6.50
N LEU D 528 49.46 -7.10 -7.41
CA LEU D 528 49.19 -7.56 -8.76
C LEU D 528 50.20 -8.57 -9.30
N LEU D 529 49.76 -9.80 -9.55
CA LEU D 529 50.64 -10.83 -10.09
C LEU D 529 50.74 -10.64 -11.60
N ILE D 530 51.97 -10.53 -12.11
CA ILE D 530 52.18 -10.32 -13.54
C ILE D 530 52.87 -11.50 -14.22
N ASN D 531 52.13 -12.20 -15.08
CA ASN D 531 52.66 -13.31 -15.83
C ASN D 531 53.40 -12.72 -17.01
N ILE D 532 54.54 -13.30 -17.39
CA ILE D 532 55.33 -12.77 -18.49
C ILE D 532 55.41 -13.68 -19.70
N LEU D 533 55.36 -13.08 -20.89
CA LEU D 533 55.44 -13.81 -22.15
C LEU D 533 56.50 -13.13 -23.01
N HIS D 534 57.47 -13.90 -23.46
CA HIS D 534 58.57 -13.39 -24.27
C HIS D 534 58.18 -13.22 -25.75
N SER D 535 58.60 -12.11 -26.34
CA SER D 535 58.33 -11.80 -27.74
C SER D 535 59.21 -10.66 -28.25
N GLU D 536 59.74 -10.81 -29.47
CA GLU D 536 60.61 -9.79 -30.07
C GLU D 536 59.95 -9.11 -31.26
N ASP D 537 58.77 -9.59 -31.63
CA ASP D 537 58.03 -9.05 -32.76
C ASP D 537 56.77 -8.32 -32.31
N LEU D 538 56.94 -7.15 -31.71
CA LEU D 538 55.81 -6.37 -31.25
C LEU D 538 55.65 -5.11 -32.09
N GLY D 539 56.74 -4.37 -32.28
CA GLY D 539 56.66 -3.16 -33.09
C GLY D 539 57.87 -2.25 -32.99
N LYS D 540 57.85 -1.16 -33.75
CA LYS D 540 58.94 -0.20 -33.77
C LYS D 540 58.93 0.71 -32.55
N ASP D 541 57.90 0.55 -31.71
CA ASP D 541 57.78 1.36 -30.51
C ASP D 541 57.02 0.60 -29.42
N VAL D 542 56.47 -0.56 -29.80
CA VAL D 542 55.71 -1.39 -28.86
C VAL D 542 56.64 -2.25 -28.02
N GLU D 543 56.75 -1.91 -26.73
CA GLU D 543 57.62 -2.66 -25.83
C GLU D 543 56.88 -3.72 -25.04
N PHE D 544 55.58 -3.50 -24.82
CA PHE D 544 54.80 -4.45 -24.05
C PHE D 544 53.34 -4.51 -24.48
N GLU D 545 52.71 -5.65 -24.24
CA GLU D 545 51.31 -5.85 -24.58
C GLU D 545 50.60 -6.59 -23.45
N VAL D 546 49.44 -6.10 -23.06
CA VAL D 546 48.68 -6.76 -22.01
C VAL D 546 47.62 -7.64 -22.67
N VAL D 547 47.64 -8.91 -22.33
CA VAL D 547 46.69 -9.87 -22.88
C VAL D 547 45.26 -9.41 -22.60
N GLY D 548 45.03 -8.82 -21.44
CA GLY D 548 43.70 -8.33 -21.10
C GLY D 548 43.22 -7.26 -22.06
N ASP D 549 43.89 -6.11 -22.04
CA ASP D 549 43.54 -4.99 -22.91
C ASP D 549 43.48 -5.42 -24.38
N ALA D 550 42.74 -4.67 -25.18
CA ALA D 550 42.59 -4.97 -26.59
C ALA D 550 42.35 -3.68 -27.38
#